data_7EYM
# 
_entry.id   7EYM 
# 
_audit_conform.dict_name       mmcif_pdbx.dic 
_audit_conform.dict_version    5.380 
_audit_conform.dict_location   http://mmcif.pdb.org/dictionaries/ascii/mmcif_pdbx.dic 
# 
loop_
_database_2.database_id 
_database_2.database_code 
_database_2.pdbx_database_accession 
_database_2.pdbx_DOI 
PDB   7EYM         pdb_00007eym 10.2210/pdb7eym/pdb 
WWPDB D_1300022525 ?            ?                   
# 
_pdbx_database_status.status_code                     REL 
_pdbx_database_status.status_code_sf                  REL 
_pdbx_database_status.status_code_mr                  ? 
_pdbx_database_status.entry_id                        7EYM 
_pdbx_database_status.recvd_initial_deposition_date   2021-05-31 
_pdbx_database_status.SG_entry                        N 
_pdbx_database_status.deposit_site                    PDBJ 
_pdbx_database_status.process_site                    PDBJ 
_pdbx_database_status.status_code_cs                  ? 
_pdbx_database_status.status_code_nmr_data            ? 
_pdbx_database_status.methods_development_category    ? 
_pdbx_database_status.pdb_format_compatible           Y 
# 
loop_
_audit_author.name 
_audit_author.pdbx_ordinal 
_audit_author.identifier_ORCID 
'Wen, Y.'  1 ? 
'Wu, B.X.' 2 ? 
# 
_citation.abstract                  ? 
_citation.abstract_id_CAS           ? 
_citation.book_id_ISBN              ? 
_citation.book_publisher            ? 
_citation.book_publisher_city       ? 
_citation.book_title                ? 
_citation.coordinate_linkage        ? 
_citation.country                   US 
_citation.database_id_Medline       ? 
_citation.details                   ? 
_citation.id                        primary 
_citation.journal_abbrev            Proteins 
_citation.journal_id_ASTM           PSFGEY 
_citation.journal_id_CSD            0867 
_citation.journal_id_ISSN           1097-0134 
_citation.journal_full              ? 
_citation.journal_issue             ? 
_citation.journal_volume            90 
_citation.language                  ? 
_citation.page_first                1233 
_citation.page_last                 1241 
_citation.title                     
'Crystal structures of a new class of pyrimidine/purine nucleoside phosphorylase revealed a Cupin fold.' 
_citation.year                      2022 
_citation.database_id_CSD           ? 
_citation.pdbx_database_id_DOI      10.1002/prot.26309 
_citation.pdbx_database_id_PubMed   35094440 
_citation.pdbx_database_id_patent   ? 
_citation.unpublished_flag          ? 
# 
loop_
_citation_author.citation_id 
_citation_author.name 
_citation_author.ordinal 
_citation_author.identifier_ORCID 
primary 'Wen, Y.' 1 ? 
primary 'Li, X.'  2 ? 
primary 'Guo, W.' 3 ? 
primary 'Wu, B.'  4 ? 
# 
_cell.angle_alpha                  90.000 
_cell.angle_alpha_esd              ? 
_cell.angle_beta                   90.000 
_cell.angle_beta_esd               ? 
_cell.angle_gamma                  90.000 
_cell.angle_gamma_esd              ? 
_cell.entry_id                     7EYM 
_cell.details                      ? 
_cell.formula_units_Z              ? 
_cell.length_a                     55.242 
_cell.length_a_esd                 ? 
_cell.length_b                     55.242 
_cell.length_b_esd                 ? 
_cell.length_c                     111.851 
_cell.length_c_esd                 ? 
_cell.volume                       341333.299 
_cell.volume_esd                   ? 
_cell.Z_PDB                        16 
_cell.reciprocal_angle_alpha       ? 
_cell.reciprocal_angle_beta        ? 
_cell.reciprocal_angle_gamma       ? 
_cell.reciprocal_angle_alpha_esd   ? 
_cell.reciprocal_angle_beta_esd    ? 
_cell.reciprocal_angle_gamma_esd   ? 
_cell.reciprocal_length_a          ? 
_cell.reciprocal_length_b          ? 
_cell.reciprocal_length_c          ? 
_cell.reciprocal_length_a_esd      ? 
_cell.reciprocal_length_b_esd      ? 
_cell.reciprocal_length_c_esd      ? 
_cell.pdbx_unique_axis             ? 
# 
_symmetry.entry_id                         7EYM 
_symmetry.cell_setting                     ? 
_symmetry.Int_Tables_number                92 
_symmetry.space_group_name_Hall            'P 4abw 2nw' 
_symmetry.space_group_name_H-M             'P 41 21 2' 
_symmetry.pdbx_full_space_group_name_H-M   ? 
# 
loop_
_entity.id 
_entity.type 
_entity.src_method 
_entity.pdbx_description 
_entity.formula_weight 
_entity.pdbx_number_of_molecules 
_entity.pdbx_ec 
_entity.pdbx_mutation 
_entity.pdbx_fragment 
_entity.details 
1 polymer man 'Pyrimidine/purine nucleoside phosphorylase' 10273.443 2   ? ? ? ? 
2 water   nat water                                        18.015    110 ? ? ? ? 
# 
_entity_name_com.entity_id   1 
_entity_name_com.name        
;Adenosine phosphorylase,Cytidine phosphorylase,Guanosine phosphorylase,Inosine phosphorylase,Thymidine phosphorylase,Uridine phosphorylase,Xanthosine phosphorylase
;
# 
_entity_poly.entity_id                      1 
_entity_poly.type                           'polypeptide(L)' 
_entity_poly.nstd_linkage                   no 
_entity_poly.nstd_monomer                   no 
_entity_poly.pdbx_seq_one_letter_code       
;SMIKENVYFDGNVKSLGFSQQDGESTVGVMAPGQYTFGTGAPERMTVVKGALTIKRVTDADWVTFTAGEAFEVAGNSSFD
LQVEVATAYLCEFLPA
;
_entity_poly.pdbx_seq_one_letter_code_can   
;SMIKENVYFDGNVKSLGFSQQDGESTVGVMAPGQYTFGTGAPERMTVVKGALTIKRVTDADWVTFTAGEAFEVAGNSSFD
LQVEVATAYLCEFLPA
;
_entity_poly.pdbx_strand_id                 A,B 
_entity_poly.pdbx_target_identifier         ? 
# 
loop_
_entity_poly_seq.entity_id 
_entity_poly_seq.num 
_entity_poly_seq.mon_id 
_entity_poly_seq.hetero 
1 1  SER n 
1 2  MET n 
1 3  ILE n 
1 4  LYS n 
1 5  GLU n 
1 6  ASN n 
1 7  VAL n 
1 8  TYR n 
1 9  PHE n 
1 10 ASP n 
1 11 GLY n 
1 12 ASN n 
1 13 VAL n 
1 14 LYS n 
1 15 SER n 
1 16 LEU n 
1 17 GLY n 
1 18 PHE n 
1 19 SER n 
1 20 GLN n 
1 21 GLN n 
1 22 ASP n 
1 23 GLY n 
1 24 GLU n 
1 25 SER n 
1 26 THR n 
1 27 VAL n 
1 28 GLY n 
1 29 VAL n 
1 30 MET n 
1 31 ALA n 
1 32 PRO n 
1 33 GLY n 
1 34 GLN n 
1 35 TYR n 
1 36 THR n 
1 37 PHE n 
1 38 GLY n 
1 39 THR n 
1 40 GLY n 
1 41 ALA n 
1 42 PRO n 
1 43 GLU n 
1 44 ARG n 
1 45 MET n 
1 46 THR n 
1 47 VAL n 
1 48 VAL n 
1 49 LYS n 
1 50 GLY n 
1 51 ALA n 
1 52 LEU n 
1 53 THR n 
1 54 ILE n 
1 55 LYS n 
1 56 ARG n 
1 57 VAL n 
1 58 THR n 
1 59 ASP n 
1 60 ALA n 
1 61 ASP n 
1 62 TRP n 
1 63 VAL n 
1 64 THR n 
1 65 PHE n 
1 66 THR n 
1 67 ALA n 
1 68 GLY n 
1 69 GLU n 
1 70 ALA n 
1 71 PHE n 
1 72 GLU n 
1 73 VAL n 
1 74 ALA n 
1 75 GLY n 
1 76 ASN n 
1 77 SER n 
1 78 SER n 
1 79 PHE n 
1 80 ASP n 
1 81 LEU n 
1 82 GLN n 
1 83 VAL n 
1 84 GLU n 
1 85 VAL n 
1 86 ALA n 
1 87 THR n 
1 88 ALA n 
1 89 TYR n 
1 90 LEU n 
1 91 CYS n 
1 92 GLU n 
1 93 PHE n 
1 94 LEU n 
1 95 PRO n 
1 96 ALA n 
# 
_entity_src_gen.entity_id                          1 
_entity_src_gen.pdbx_src_id                        1 
_entity_src_gen.pdbx_alt_source_flag               sample 
_entity_src_gen.pdbx_seq_type                      'Biological sequence' 
_entity_src_gen.pdbx_beg_seq_num                   1 
_entity_src_gen.pdbx_end_seq_num                   96 
_entity_src_gen.gene_src_common_name               ? 
_entity_src_gen.gene_src_genus                     ? 
_entity_src_gen.pdbx_gene_src_gene                 ppnP 
_entity_src_gen.gene_src_species                   ? 
_entity_src_gen.gene_src_strain                    ? 
_entity_src_gen.gene_src_tissue                    ? 
_entity_src_gen.gene_src_tissue_fraction           ? 
_entity_src_gen.gene_src_details                   ? 
_entity_src_gen.pdbx_gene_src_fragment             ? 
_entity_src_gen.pdbx_gene_src_scientific_name      'Vibrio cholerae' 
_entity_src_gen.pdbx_gene_src_ncbi_taxonomy_id     666 
_entity_src_gen.pdbx_gene_src_variant              ? 
_entity_src_gen.pdbx_gene_src_cell_line            ? 
_entity_src_gen.pdbx_gene_src_atcc                 ? 
_entity_src_gen.pdbx_gene_src_organ                ? 
_entity_src_gen.pdbx_gene_src_organelle            ? 
_entity_src_gen.pdbx_gene_src_cell                 ? 
_entity_src_gen.pdbx_gene_src_cellular_location    ? 
_entity_src_gen.host_org_common_name               ? 
_entity_src_gen.pdbx_host_org_scientific_name      'Escherichia coli' 
_entity_src_gen.pdbx_host_org_ncbi_taxonomy_id     562 
_entity_src_gen.host_org_genus                     ? 
_entity_src_gen.pdbx_host_org_gene                 ? 
_entity_src_gen.pdbx_host_org_organ                ? 
_entity_src_gen.host_org_species                   ? 
_entity_src_gen.pdbx_host_org_tissue               ? 
_entity_src_gen.pdbx_host_org_tissue_fraction      ? 
_entity_src_gen.pdbx_host_org_strain               ? 
_entity_src_gen.pdbx_host_org_variant              ? 
_entity_src_gen.pdbx_host_org_cell_line            ? 
_entity_src_gen.pdbx_host_org_atcc                 ? 
_entity_src_gen.pdbx_host_org_culture_collection   ? 
_entity_src_gen.pdbx_host_org_cell                 ? 
_entity_src_gen.pdbx_host_org_organelle            ? 
_entity_src_gen.pdbx_host_org_cellular_location    ? 
_entity_src_gen.pdbx_host_org_vector_type          ? 
_entity_src_gen.pdbx_host_org_vector               ? 
_entity_src_gen.host_org_details                   ? 
_entity_src_gen.expression_system_id               ? 
_entity_src_gen.plasmid_name                       ? 
_entity_src_gen.plasmid_details                    ? 
_entity_src_gen.pdbx_description                   ? 
# 
_struct_ref.id                         1 
_struct_ref.db_name                    UNP 
_struct_ref.db_code                    A0A0H6V0E6_VIBCL 
_struct_ref.pdbx_db_accession          A0A0H6V0E6 
_struct_ref.pdbx_db_isoform            ? 
_struct_ref.entity_id                  1 
_struct_ref.pdbx_seq_one_letter_code   
;MIKENVYFDGNVKSLGFSQQDGESTVGVMAPGQYTFGTGAPERMTVVKGALTIKRVTDADWVTFTAGEAFEVAGNSSFDL
QVEVATAYLCEFLPA
;
_struct_ref.pdbx_align_begin           10 
# 
loop_
_struct_ref_seq.align_id 
_struct_ref_seq.ref_id 
_struct_ref_seq.pdbx_PDB_id_code 
_struct_ref_seq.pdbx_strand_id 
_struct_ref_seq.seq_align_beg 
_struct_ref_seq.pdbx_seq_align_beg_ins_code 
_struct_ref_seq.seq_align_end 
_struct_ref_seq.pdbx_seq_align_end_ins_code 
_struct_ref_seq.pdbx_db_accession 
_struct_ref_seq.db_align_beg 
_struct_ref_seq.pdbx_db_align_beg_ins_code 
_struct_ref_seq.db_align_end 
_struct_ref_seq.pdbx_db_align_end_ins_code 
_struct_ref_seq.pdbx_auth_seq_align_beg 
_struct_ref_seq.pdbx_auth_seq_align_end 
1 1 7EYM A 2 ? 96 ? A0A0H6V0E6 10 ? 104 ? 1 95 
2 1 7EYM B 2 ? 96 ? A0A0H6V0E6 10 ? 104 ? 1 95 
# 
loop_
_struct_ref_seq_dif.align_id 
_struct_ref_seq_dif.pdbx_pdb_id_code 
_struct_ref_seq_dif.mon_id 
_struct_ref_seq_dif.pdbx_pdb_strand_id 
_struct_ref_seq_dif.seq_num 
_struct_ref_seq_dif.pdbx_pdb_ins_code 
_struct_ref_seq_dif.pdbx_seq_db_name 
_struct_ref_seq_dif.pdbx_seq_db_accession_code 
_struct_ref_seq_dif.db_mon_id 
_struct_ref_seq_dif.pdbx_seq_db_seq_num 
_struct_ref_seq_dif.details 
_struct_ref_seq_dif.pdbx_auth_seq_num 
_struct_ref_seq_dif.pdbx_ordinal 
1 7EYM SER A 1 ? UNP A0A0H6V0E6 ? ? 'expression tag' 0 1 
2 7EYM SER B 1 ? UNP A0A0H6V0E6 ? ? 'expression tag' 0 2 
# 
loop_
_chem_comp.id 
_chem_comp.type 
_chem_comp.mon_nstd_flag 
_chem_comp.name 
_chem_comp.pdbx_synonyms 
_chem_comp.formula 
_chem_comp.formula_weight 
ALA 'L-peptide linking' y ALANINE         ? 'C3 H7 N O2'     89.093  
ARG 'L-peptide linking' y ARGININE        ? 'C6 H15 N4 O2 1' 175.209 
ASN 'L-peptide linking' y ASPARAGINE      ? 'C4 H8 N2 O3'    132.118 
ASP 'L-peptide linking' y 'ASPARTIC ACID' ? 'C4 H7 N O4'     133.103 
CYS 'L-peptide linking' y CYSTEINE        ? 'C3 H7 N O2 S'   121.158 
GLN 'L-peptide linking' y GLUTAMINE       ? 'C5 H10 N2 O3'   146.144 
GLU 'L-peptide linking' y 'GLUTAMIC ACID' ? 'C5 H9 N O4'     147.129 
GLY 'peptide linking'   y GLYCINE         ? 'C2 H5 N O2'     75.067  
HOH non-polymer         . WATER           ? 'H2 O'           18.015  
ILE 'L-peptide linking' y ISOLEUCINE      ? 'C6 H13 N O2'    131.173 
LEU 'L-peptide linking' y LEUCINE         ? 'C6 H13 N O2'    131.173 
LYS 'L-peptide linking' y LYSINE          ? 'C6 H15 N2 O2 1' 147.195 
MET 'L-peptide linking' y METHIONINE      ? 'C5 H11 N O2 S'  149.211 
PHE 'L-peptide linking' y PHENYLALANINE   ? 'C9 H11 N O2'    165.189 
PRO 'L-peptide linking' y PROLINE         ? 'C5 H9 N O2'     115.130 
SER 'L-peptide linking' y SERINE          ? 'C3 H7 N O3'     105.093 
THR 'L-peptide linking' y THREONINE       ? 'C4 H9 N O3'     119.119 
TRP 'L-peptide linking' y TRYPTOPHAN      ? 'C11 H12 N2 O2'  204.225 
TYR 'L-peptide linking' y TYROSINE        ? 'C9 H11 N O3'    181.189 
VAL 'L-peptide linking' y VALINE          ? 'C5 H11 N O2'    117.146 
# 
_exptl.absorpt_coefficient_mu     ? 
_exptl.absorpt_correction_T_max   ? 
_exptl.absorpt_correction_T_min   ? 
_exptl.absorpt_correction_type    ? 
_exptl.absorpt_process_details    ? 
_exptl.entry_id                   7EYM 
_exptl.crystals_number            1 
_exptl.details                    ? 
_exptl.method                     'X-RAY DIFFRACTION' 
_exptl.method_details             ? 
# 
_exptl_crystal.colour                      ? 
_exptl_crystal.density_diffrn              ? 
_exptl_crystal.density_Matthews            2.08 
_exptl_crystal.density_method              ? 
_exptl_crystal.density_percent_sol         40.77 
_exptl_crystal.description                 ? 
_exptl_crystal.F_000                       ? 
_exptl_crystal.id                          1 
_exptl_crystal.preparation                 ? 
_exptl_crystal.size_max                    ? 
_exptl_crystal.size_mid                    ? 
_exptl_crystal.size_min                    ? 
_exptl_crystal.size_rad                    ? 
_exptl_crystal.colour_lustre               ? 
_exptl_crystal.colour_modifier             ? 
_exptl_crystal.colour_primary              ? 
_exptl_crystal.density_meas                ? 
_exptl_crystal.density_meas_esd            ? 
_exptl_crystal.density_meas_gt             ? 
_exptl_crystal.density_meas_lt             ? 
_exptl_crystal.density_meas_temp           ? 
_exptl_crystal.density_meas_temp_esd       ? 
_exptl_crystal.density_meas_temp_gt        ? 
_exptl_crystal.density_meas_temp_lt        ? 
_exptl_crystal.pdbx_crystal_image_url      ? 
_exptl_crystal.pdbx_crystal_image_format   ? 
_exptl_crystal.pdbx_mosaicity              ? 
_exptl_crystal.pdbx_mosaicity_esd          ? 
# 
_exptl_crystal_grow.apparatus       ? 
_exptl_crystal_grow.atmosphere      ? 
_exptl_crystal_grow.crystal_id      1 
_exptl_crystal_grow.details         ? 
_exptl_crystal_grow.method          'VAPOR DIFFUSION, SITTING DROP' 
_exptl_crystal_grow.method_ref      ? 
_exptl_crystal_grow.pH              ? 
_exptl_crystal_grow.pressure        ? 
_exptl_crystal_grow.pressure_esd    ? 
_exptl_crystal_grow.seeding         ? 
_exptl_crystal_grow.seeding_ref     ? 
_exptl_crystal_grow.temp            293 
_exptl_crystal_grow.temp_details    ? 
_exptl_crystal_grow.temp_esd        ? 
_exptl_crystal_grow.time            ? 
_exptl_crystal_grow.pdbx_details    '0.2 M Ammonium sulfate, 30% w/v Polyethylene glycol 8,000' 
_exptl_crystal_grow.pdbx_pH_range   ? 
# 
_diffrn.ambient_environment              ? 
_diffrn.ambient_temp                     100 
_diffrn.ambient_temp_details             ? 
_diffrn.ambient_temp_esd                 ? 
_diffrn.crystal_id                       1 
_diffrn.crystal_support                  ? 
_diffrn.crystal_treatment                ? 
_diffrn.details                          ? 
_diffrn.id                               1 
_diffrn.ambient_pressure                 ? 
_diffrn.ambient_pressure_esd             ? 
_diffrn.ambient_pressure_gt              ? 
_diffrn.ambient_pressure_lt              ? 
_diffrn.ambient_temp_gt                  ? 
_diffrn.ambient_temp_lt                  ? 
_diffrn.pdbx_serial_crystal_experiment   N 
# 
_diffrn_detector.details                      ? 
_diffrn_detector.detector                     PIXEL 
_diffrn_detector.diffrn_id                    1 
_diffrn_detector.type                         'DECTRIS PILATUS 6M' 
_diffrn_detector.area_resol_mean              ? 
_diffrn_detector.dtime                        ? 
_diffrn_detector.pdbx_frames_total            ? 
_diffrn_detector.pdbx_collection_time_total   ? 
_diffrn_detector.pdbx_collection_date         2021-05-27 
_diffrn_detector.pdbx_frequency               ? 
# 
_diffrn_radiation.collimation                      ? 
_diffrn_radiation.diffrn_id                        1 
_diffrn_radiation.filter_edge                      ? 
_diffrn_radiation.inhomogeneity                    ? 
_diffrn_radiation.monochromator                    ? 
_diffrn_radiation.polarisn_norm                    ? 
_diffrn_radiation.polarisn_ratio                   ? 
_diffrn_radiation.probe                            ? 
_diffrn_radiation.type                             ? 
_diffrn_radiation.xray_symbol                      ? 
_diffrn_radiation.wavelength_id                    1 
_diffrn_radiation.pdbx_monochromatic_or_laue_m_l   M 
_diffrn_radiation.pdbx_wavelength_list             ? 
_diffrn_radiation.pdbx_wavelength                  ? 
_diffrn_radiation.pdbx_diffrn_protocol             'SINGLE WAVELENGTH' 
_diffrn_radiation.pdbx_analyzer                    ? 
_diffrn_radiation.pdbx_scattering_type             x-ray 
# 
_diffrn_radiation_wavelength.id           1 
_diffrn_radiation_wavelength.wavelength   0.97915 
_diffrn_radiation_wavelength.wt           1.0 
# 
_diffrn_source.current                     ? 
_diffrn_source.details                     ? 
_diffrn_source.diffrn_id                   1 
_diffrn_source.power                       ? 
_diffrn_source.size                        ? 
_diffrn_source.source                      SYNCHROTRON 
_diffrn_source.target                      ? 
_diffrn_source.type                        'SSRF BEAMLINE BL18U1' 
_diffrn_source.voltage                     ? 
_diffrn_source.take-off_angle              ? 
_diffrn_source.pdbx_wavelength_list        0.97915 
_diffrn_source.pdbx_wavelength             ? 
_diffrn_source.pdbx_synchrotron_beamline   BL18U1 
_diffrn_source.pdbx_synchrotron_site       SSRF 
# 
_reflns.B_iso_Wilson_estimate                          ? 
_reflns.entry_id                                       7EYM 
_reflns.data_reduction_details                         ? 
_reflns.data_reduction_method                          ? 
_reflns.d_resolution_high                              1.38 
_reflns.d_resolution_low                               50 
_reflns.details                                        ? 
_reflns.limit_h_max                                    ? 
_reflns.limit_h_min                                    ? 
_reflns.limit_k_max                                    ? 
_reflns.limit_k_min                                    ? 
_reflns.limit_l_max                                    ? 
_reflns.limit_l_min                                    ? 
_reflns.number_all                                     ? 
_reflns.number_obs                                     35454 
_reflns.observed_criterion                             ? 
_reflns.observed_criterion_F_max                       ? 
_reflns.observed_criterion_F_min                       ? 
_reflns.observed_criterion_I_max                       ? 
_reflns.observed_criterion_I_min                       ? 
_reflns.observed_criterion_sigma_F                     ? 
_reflns.observed_criterion_sigma_I                     ? 
_reflns.percent_possible_obs                           99.6 
_reflns.R_free_details                                 ? 
_reflns.Rmerge_F_all                                   ? 
_reflns.Rmerge_F_obs                                   ? 
_reflns.Friedel_coverage                               ? 
_reflns.number_gt                                      ? 
_reflns.threshold_expression                           ? 
_reflns.pdbx_redundancy                                12.5 
_reflns.pdbx_Rmerge_I_obs                              0.112 
_reflns.pdbx_Rmerge_I_all                              ? 
_reflns.pdbx_Rsym_value                                ? 
_reflns.pdbx_netI_over_av_sigmaI                       ? 
_reflns.pdbx_netI_over_sigmaI                          26.333 
_reflns.pdbx_res_netI_over_av_sigmaI_2                 ? 
_reflns.pdbx_res_netI_over_sigmaI_2                    ? 
_reflns.pdbx_chi_squared                               ? 
_reflns.pdbx_scaling_rejects                           ? 
_reflns.pdbx_d_res_high_opt                            ? 
_reflns.pdbx_d_res_low_opt                             ? 
_reflns.pdbx_d_res_opt_method                          ? 
_reflns.phase_calculation_details                      ? 
_reflns.pdbx_Rrim_I_all                                0.117 
_reflns.pdbx_Rpim_I_all                                0.032 
_reflns.pdbx_d_opt                                     ? 
_reflns.pdbx_number_measured_all                       ? 
_reflns.pdbx_diffrn_id                                 1 
_reflns.pdbx_ordinal                                   1 
_reflns.pdbx_CC_half                                   0.994 
_reflns.pdbx_CC_star                                   0.999 
_reflns.pdbx_R_split                                   ? 
_reflns.pdbx_aniso_diffraction_limit_axis_1_ortho[1]   ? 
_reflns.pdbx_aniso_diffraction_limit_axis_1_ortho[2]   ? 
_reflns.pdbx_aniso_diffraction_limit_axis_1_ortho[3]   ? 
_reflns.pdbx_aniso_diffraction_limit_axis_2_ortho[1]   ? 
_reflns.pdbx_aniso_diffraction_limit_axis_2_ortho[2]   ? 
_reflns.pdbx_aniso_diffraction_limit_axis_2_ortho[3]   ? 
_reflns.pdbx_aniso_diffraction_limit_axis_3_ortho[1]   ? 
_reflns.pdbx_aniso_diffraction_limit_axis_3_ortho[2]   ? 
_reflns.pdbx_aniso_diffraction_limit_axis_3_ortho[3]   ? 
_reflns.pdbx_aniso_diffraction_limit_1                 ? 
_reflns.pdbx_aniso_diffraction_limit_2                 ? 
_reflns.pdbx_aniso_diffraction_limit_3                 ? 
_reflns.pdbx_aniso_B_tensor_eigenvector_1_ortho[1]     ? 
_reflns.pdbx_aniso_B_tensor_eigenvector_1_ortho[2]     ? 
_reflns.pdbx_aniso_B_tensor_eigenvector_1_ortho[3]     ? 
_reflns.pdbx_aniso_B_tensor_eigenvector_2_ortho[1]     ? 
_reflns.pdbx_aniso_B_tensor_eigenvector_2_ortho[2]     ? 
_reflns.pdbx_aniso_B_tensor_eigenvector_2_ortho[3]     ? 
_reflns.pdbx_aniso_B_tensor_eigenvector_3_ortho[1]     ? 
_reflns.pdbx_aniso_B_tensor_eigenvector_3_ortho[2]     ? 
_reflns.pdbx_aniso_B_tensor_eigenvector_3_ortho[3]     ? 
_reflns.pdbx_aniso_B_tensor_eigenvalue_1               ? 
_reflns.pdbx_aniso_B_tensor_eigenvalue_2               ? 
_reflns.pdbx_aniso_B_tensor_eigenvalue_3               ? 
_reflns.pdbx_orthogonalization_convention              ? 
_reflns.pdbx_percent_possible_ellipsoidal              ? 
_reflns.pdbx_percent_possible_spherical                ? 
_reflns.pdbx_percent_possible_ellipsoidal_anomalous    ? 
_reflns.pdbx_percent_possible_spherical_anomalous      ? 
_reflns.pdbx_redundancy_anomalous                      ? 
_reflns.pdbx_CC_half_anomalous                         ? 
_reflns.pdbx_absDiff_over_sigma_anomalous              ? 
_reflns.pdbx_percent_possible_anomalous                ? 
_reflns.pdbx_observed_signal_threshold                 ? 
_reflns.pdbx_signal_type                               ? 
_reflns.pdbx_signal_details                            ? 
_reflns.pdbx_signal_software_id                        ? 
# 
_reflns_shell.d_res_high                                    1.38 
_reflns_shell.d_res_low                                     1.43 
_reflns_shell.meanI_over_sigI_all                           ? 
_reflns_shell.meanI_over_sigI_obs                           1.667 
_reflns_shell.number_measured_all                           ? 
_reflns_shell.number_measured_obs                           ? 
_reflns_shell.number_possible                               ? 
_reflns_shell.number_unique_all                             ? 
_reflns_shell.number_unique_obs                             6596 
_reflns_shell.percent_possible_all                          97.1 
_reflns_shell.percent_possible_obs                          ? 
_reflns_shell.Rmerge_F_all                                  ? 
_reflns_shell.Rmerge_F_obs                                  ? 
_reflns_shell.Rmerge_I_all                                  ? 
_reflns_shell.Rmerge_I_obs                                  0.901 
_reflns_shell.meanI_over_sigI_gt                            ? 
_reflns_shell.meanI_over_uI_all                             ? 
_reflns_shell.meanI_over_uI_gt                              ? 
_reflns_shell.number_measured_gt                            ? 
_reflns_shell.number_unique_gt                              ? 
_reflns_shell.percent_possible_gt                           ? 
_reflns_shell.Rmerge_F_gt                                   ? 
_reflns_shell.Rmerge_I_gt                                   ? 
_reflns_shell.pdbx_redundancy                               6.4 
_reflns_shell.pdbx_Rsym_value                               ? 
_reflns_shell.pdbx_chi_squared                              ? 
_reflns_shell.pdbx_netI_over_sigmaI_all                     ? 
_reflns_shell.pdbx_netI_over_sigmaI_obs                     ? 
_reflns_shell.pdbx_Rrim_I_all                               0.976 
_reflns_shell.pdbx_Rpim_I_all                               0.364 
_reflns_shell.pdbx_rejects                                  ? 
_reflns_shell.pdbx_ordinal                                  1 
_reflns_shell.pdbx_diffrn_id                                1 
_reflns_shell.pdbx_CC_half                                  0.576 
_reflns_shell.pdbx_CC_star                                  0.855 
_reflns_shell.pdbx_R_split                                  ? 
_reflns_shell.pdbx_percent_possible_ellipsoidal             ? 
_reflns_shell.pdbx_percent_possible_spherical               ? 
_reflns_shell.pdbx_percent_possible_ellipsoidal_anomalous   ? 
_reflns_shell.pdbx_percent_possible_spherical_anomalous     ? 
_reflns_shell.pdbx_redundancy_anomalous                     ? 
_reflns_shell.pdbx_CC_half_anomalous                        ? 
_reflns_shell.pdbx_absDiff_over_sigma_anomalous             ? 
_reflns_shell.pdbx_percent_possible_anomalous               ? 
# 
_refine.aniso_B[1][1]                            ? 
_refine.aniso_B[1][2]                            ? 
_refine.aniso_B[1][3]                            ? 
_refine.aniso_B[2][2]                            ? 
_refine.aniso_B[2][3]                            ? 
_refine.aniso_B[3][3]                            ? 
_refine.B_iso_max                                ? 
_refine.B_iso_mean                               17.44 
_refine.B_iso_min                                ? 
_refine.correlation_coeff_Fo_to_Fc               ? 
_refine.correlation_coeff_Fo_to_Fc_free          ? 
_refine.details                                  ? 
_refine.diff_density_max                         ? 
_refine.diff_density_max_esd                     ? 
_refine.diff_density_min                         ? 
_refine.diff_density_min_esd                     ? 
_refine.diff_density_rms                         ? 
_refine.diff_density_rms_esd                     ? 
_refine.entry_id                                 7EYM 
_refine.pdbx_refine_id                           'X-RAY DIFFRACTION' 
_refine.ls_abs_structure_details                 ? 
_refine.ls_abs_structure_Flack                   ? 
_refine.ls_abs_structure_Flack_esd               ? 
_refine.ls_abs_structure_Rogers                  ? 
_refine.ls_abs_structure_Rogers_esd              ? 
_refine.ls_d_res_high                            1.38 
_refine.ls_d_res_low                             20 
_refine.ls_extinction_coef                       ? 
_refine.ls_extinction_coef_esd                   ? 
_refine.ls_extinction_expression                 ? 
_refine.ls_extinction_method                     ? 
_refine.ls_goodness_of_fit_all                   ? 
_refine.ls_goodness_of_fit_all_esd               ? 
_refine.ls_goodness_of_fit_obs                   ? 
_refine.ls_goodness_of_fit_obs_esd               ? 
_refine.ls_hydrogen_treatment                    ? 
_refine.ls_matrix_type                           ? 
_refine.ls_number_constraints                    ? 
_refine.ls_number_parameters                     ? 
_refine.ls_number_reflns_all                     ? 
_refine.ls_number_reflns_obs                     35447 
_refine.ls_number_reflns_R_free                  1784 
_refine.ls_number_reflns_R_work                  ? 
_refine.ls_number_restraints                     ? 
_refine.ls_percent_reflns_obs                    97.43 
_refine.ls_percent_reflns_R_free                 5.03 
_refine.ls_R_factor_all                          ? 
_refine.ls_R_factor_obs                          0.2064 
_refine.ls_R_factor_R_free                       0.2248 
_refine.ls_R_factor_R_free_error                 ? 
_refine.ls_R_factor_R_free_error_details         ? 
_refine.ls_R_factor_R_work                       0.2054 
_refine.ls_R_Fsqd_factor_obs                     ? 
_refine.ls_R_I_factor_obs                        ? 
_refine.ls_redundancy_reflns_all                 ? 
_refine.ls_redundancy_reflns_obs                 ? 
_refine.ls_restrained_S_all                      ? 
_refine.ls_restrained_S_obs                      ? 
_refine.ls_shift_over_esd_max                    ? 
_refine.ls_shift_over_esd_mean                   ? 
_refine.ls_structure_factor_coef                 ? 
_refine.ls_weighting_details                     ? 
_refine.ls_weighting_scheme                      ? 
_refine.ls_wR_factor_all                         ? 
_refine.ls_wR_factor_obs                         ? 
_refine.ls_wR_factor_R_free                      ? 
_refine.ls_wR_factor_R_work                      ? 
_refine.occupancy_max                            ? 
_refine.occupancy_min                            ? 
_refine.solvent_model_details                    ? 
_refine.solvent_model_param_bsol                 ? 
_refine.solvent_model_param_ksol                 ? 
_refine.pdbx_R_complete                          ? 
_refine.ls_R_factor_gt                           ? 
_refine.ls_goodness_of_fit_gt                    ? 
_refine.ls_goodness_of_fit_ref                   ? 
_refine.ls_shift_over_su_max                     ? 
_refine.ls_shift_over_su_max_lt                  ? 
_refine.ls_shift_over_su_mean                    ? 
_refine.ls_shift_over_su_mean_lt                 ? 
_refine.pdbx_ls_sigma_I                          ? 
_refine.pdbx_ls_sigma_F                          ? 
_refine.pdbx_ls_sigma_Fsqd                       ? 
_refine.pdbx_data_cutoff_high_absF               ? 
_refine.pdbx_data_cutoff_high_rms_absF           ? 
_refine.pdbx_data_cutoff_low_absF                ? 
_refine.pdbx_isotropic_thermal_model             ? 
_refine.pdbx_ls_cross_valid_method               'FREE R-VALUE' 
_refine.pdbx_method_to_determine_struct          'MOLECULAR REPLACEMENT' 
_refine.pdbx_starting_model                      7EYJ 
_refine.pdbx_stereochemistry_target_values       'GeoStd + Monomer Library + CDL v1.2' 
_refine.pdbx_R_Free_selection_details            ? 
_refine.pdbx_stereochem_target_val_spec_case     ? 
_refine.pdbx_overall_ESU_R                       ? 
_refine.pdbx_overall_ESU_R_Free                  ? 
_refine.pdbx_solvent_vdw_probe_radii             ? 
_refine.pdbx_solvent_ion_probe_radii             ? 
_refine.pdbx_solvent_shrinkage_radii             ? 
_refine.pdbx_real_space_R                        ? 
_refine.pdbx_density_correlation                 ? 
_refine.pdbx_pd_number_of_powder_patterns        ? 
_refine.pdbx_pd_number_of_points                 ? 
_refine.pdbx_pd_meas_number_of_points            ? 
_refine.pdbx_pd_proc_ls_prof_R_factor            ? 
_refine.pdbx_pd_proc_ls_prof_wR_factor           ? 
_refine.pdbx_pd_Marquardt_correlation_coeff      ? 
_refine.pdbx_pd_Fsqrd_R_factor                   ? 
_refine.pdbx_pd_ls_matrix_band_width             ? 
_refine.pdbx_overall_phase_error                 ? 
_refine.pdbx_overall_SU_R_free_Cruickshank_DPI   ? 
_refine.pdbx_overall_SU_R_free_Blow_DPI          ? 
_refine.pdbx_overall_SU_R_Blow_DPI               ? 
_refine.pdbx_TLS_residual_ADP_flag               ? 
_refine.pdbx_diffrn_id                           1 
_refine.overall_SU_B                             ? 
_refine.overall_SU_ML                            ? 
_refine.overall_SU_R_Cruickshank_DPI             ? 
_refine.overall_SU_R_free                        ? 
_refine.overall_FOM_free_R_set                   ? 
_refine.overall_FOM_work_R_set                   ? 
_refine.pdbx_average_fsc_overall                 ? 
_refine.pdbx_average_fsc_work                    ? 
_refine.pdbx_average_fsc_free                    ? 
# 
_refine_hist.pdbx_refine_id                   'X-RAY DIFFRACTION' 
_refine_hist.cycle_id                         LAST 
_refine_hist.pdbx_number_atoms_protein        1431 
_refine_hist.pdbx_number_atoms_nucleic_acid   0 
_refine_hist.pdbx_number_atoms_ligand         0 
_refine_hist.number_atoms_solvent             110 
_refine_hist.number_atoms_total               1541 
_refine_hist.d_res_high                       1.38 
_refine_hist.d_res_low                        20 
# 
loop_
_refine_ls_restr.pdbx_refine_id 
_refine_ls_restr.criterion 
_refine_ls_restr.dev_ideal 
_refine_ls_restr.dev_ideal_target 
_refine_ls_restr.number 
_refine_ls_restr.rejects 
_refine_ls_restr.type 
_refine_ls_restr.weight 
_refine_ls_restr.pdbx_restraint_function 
'X-RAY DIFFRACTION' ? 0.0066  ? 1526 ? f_bond_d           ? ? 
'X-RAY DIFFRACTION' ? 0.8581  ? 2082 ? f_angle_d          ? ? 
'X-RAY DIFFRACTION' ? 0.0786  ? 237  ? f_chiral_restr     ? ? 
'X-RAY DIFFRACTION' ? 0.0051  ? 274  ? f_plane_restr      ? ? 
'X-RAY DIFFRACTION' ? 19.5562 ? 890  ? f_dihedral_angle_d ? ? 
# 
_struct.entry_id                     7EYM 
_struct.title                        'Crystal structure of Vibrio cholerae ppnP' 
_struct.pdbx_model_details           ? 
_struct.pdbx_formula_weight          ? 
_struct.pdbx_formula_weight_method   ? 
_struct.pdbx_model_type_details      ? 
_struct.pdbx_CASP_flag               N 
# 
_struct_keywords.entry_id        7EYM 
_struct_keywords.text            'Pyrimidine, purine, nucleoside phosphorylase, HYDROLASE' 
_struct_keywords.pdbx_keywords   HYDROLASE 
# 
loop_
_struct_asym.id 
_struct_asym.pdbx_blank_PDB_chainid_flag 
_struct_asym.pdbx_modified 
_struct_asym.entity_id 
_struct_asym.details 
A N N 1 ? 
B N N 1 ? 
C N N 2 ? 
D N N 2 ? 
# 
loop_
_struct_conf.conf_type_id 
_struct_conf.id 
_struct_conf.pdbx_PDB_helix_id 
_struct_conf.beg_label_comp_id 
_struct_conf.beg_label_asym_id 
_struct_conf.beg_label_seq_id 
_struct_conf.pdbx_beg_PDB_ins_code 
_struct_conf.end_label_comp_id 
_struct_conf.end_label_asym_id 
_struct_conf.end_label_seq_id 
_struct_conf.pdbx_end_PDB_ins_code 
_struct_conf.beg_auth_comp_id 
_struct_conf.beg_auth_asym_id 
_struct_conf.beg_auth_seq_id 
_struct_conf.end_auth_comp_id 
_struct_conf.end_auth_asym_id 
_struct_conf.end_auth_seq_id 
_struct_conf.pdbx_PDB_helix_class 
_struct_conf.details 
_struct_conf.pdbx_PDB_helix_length 
HELX_P HELX_P1 AA1 PHE A 9 ? GLY A 11 ? PHE A 8 GLY A 10 5 ? 3 
HELX_P HELX_P2 AA2 PHE B 9 ? GLY B 11 ? PHE B 8 GLY B 10 5 ? 3 
# 
_struct_conf_type.id          HELX_P 
_struct_conf_type.criteria    ? 
_struct_conf_type.reference   ? 
# 
loop_
_struct_sheet.id 
_struct_sheet.type 
_struct_sheet.number_strands 
_struct_sheet.details 
AA1 ? 6 ? 
AA2 ? 4 ? 
AA3 ? 6 ? 
AA4 ? 4 ? 
# 
loop_
_struct_sheet_order.sheet_id 
_struct_sheet_order.range_id_1 
_struct_sheet_order.range_id_2 
_struct_sheet_order.offset 
_struct_sheet_order.sense 
AA1 1 2 ? anti-parallel 
AA1 2 3 ? anti-parallel 
AA1 3 4 ? anti-parallel 
AA1 4 5 ? anti-parallel 
AA1 5 6 ? anti-parallel 
AA2 1 2 ? anti-parallel 
AA2 2 3 ? anti-parallel 
AA2 3 4 ? anti-parallel 
AA3 1 2 ? anti-parallel 
AA3 2 3 ? anti-parallel 
AA3 3 4 ? anti-parallel 
AA3 4 5 ? anti-parallel 
AA3 5 6 ? anti-parallel 
AA4 1 2 ? anti-parallel 
AA4 2 3 ? anti-parallel 
AA4 3 4 ? anti-parallel 
# 
loop_
_struct_sheet_range.sheet_id 
_struct_sheet_range.id 
_struct_sheet_range.beg_label_comp_id 
_struct_sheet_range.beg_label_asym_id 
_struct_sheet_range.beg_label_seq_id 
_struct_sheet_range.pdbx_beg_PDB_ins_code 
_struct_sheet_range.end_label_comp_id 
_struct_sheet_range.end_label_asym_id 
_struct_sheet_range.end_label_seq_id 
_struct_sheet_range.pdbx_end_PDB_ins_code 
_struct_sheet_range.beg_auth_comp_id 
_struct_sheet_range.beg_auth_asym_id 
_struct_sheet_range.beg_auth_seq_id 
_struct_sheet_range.end_auth_comp_id 
_struct_sheet_range.end_auth_asym_id 
_struct_sheet_range.end_auth_seq_id 
AA1 1 LYS A 4  ? TYR A 8  ? LYS A 3  TYR A 7  
AA1 2 VAL A 13 ? GLN A 20 ? VAL A 12 GLN A 19 
AA1 3 GLY A 23 ? MET A 30 ? GLY A 22 MET A 29 
AA1 4 THR A 87 ? PHE A 93 ? THR A 86 PHE A 92 
AA1 5 GLU A 43 ? LYS A 49 ? GLU A 42 LYS A 48 
AA1 6 ALA A 70 ? VAL A 73 ? ALA A 69 VAL A 72 
AA2 1 GLY A 33 ? GLY A 38 ? GLY A 32 GLY A 37 
AA2 2 SER A 78 ? VAL A 83 ? SER A 77 VAL A 82 
AA2 3 ALA A 51 ? LYS A 55 ? ALA A 50 LYS A 54 
AA2 4 VAL A 63 ? THR A 66 ? VAL A 62 THR A 65 
AA3 1 LYS B 4  ? TYR B 8  ? LYS B 3  TYR B 7  
AA3 2 VAL B 13 ? GLN B 20 ? VAL B 12 GLN B 19 
AA3 3 GLY B 23 ? MET B 30 ? GLY B 22 MET B 29 
AA3 4 THR B 87 ? PHE B 93 ? THR B 86 PHE B 92 
AA3 5 GLU B 43 ? LYS B 49 ? GLU B 42 LYS B 48 
AA3 6 ALA B 70 ? VAL B 73 ? ALA B 69 VAL B 72 
AA4 1 GLY B 33 ? GLY B 38 ? GLY B 32 GLY B 37 
AA4 2 SER B 78 ? VAL B 83 ? SER B 77 VAL B 82 
AA4 3 ALA B 51 ? LYS B 55 ? ALA B 50 LYS B 54 
AA4 4 VAL B 63 ? THR B 66 ? VAL B 62 THR B 65 
# 
loop_
_pdbx_struct_sheet_hbond.sheet_id 
_pdbx_struct_sheet_hbond.range_id_1 
_pdbx_struct_sheet_hbond.range_id_2 
_pdbx_struct_sheet_hbond.range_1_label_atom_id 
_pdbx_struct_sheet_hbond.range_1_label_comp_id 
_pdbx_struct_sheet_hbond.range_1_label_asym_id 
_pdbx_struct_sheet_hbond.range_1_label_seq_id 
_pdbx_struct_sheet_hbond.range_1_PDB_ins_code 
_pdbx_struct_sheet_hbond.range_1_auth_atom_id 
_pdbx_struct_sheet_hbond.range_1_auth_comp_id 
_pdbx_struct_sheet_hbond.range_1_auth_asym_id 
_pdbx_struct_sheet_hbond.range_1_auth_seq_id 
_pdbx_struct_sheet_hbond.range_2_label_atom_id 
_pdbx_struct_sheet_hbond.range_2_label_comp_id 
_pdbx_struct_sheet_hbond.range_2_label_asym_id 
_pdbx_struct_sheet_hbond.range_2_label_seq_id 
_pdbx_struct_sheet_hbond.range_2_PDB_ins_code 
_pdbx_struct_sheet_hbond.range_2_auth_atom_id 
_pdbx_struct_sheet_hbond.range_2_auth_comp_id 
_pdbx_struct_sheet_hbond.range_2_auth_asym_id 
_pdbx_struct_sheet_hbond.range_2_auth_seq_id 
AA1 1 2 N LYS A 4  ? N LYS A 3  O GLY A 17 ? O GLY A 16 
AA1 2 3 N GLN A 20 ? N GLN A 19 O GLY A 23 ? O GLY A 22 
AA1 3 4 N THR A 26 ? N THR A 25 O CYS A 91 ? O CYS A 90 
AA1 4 5 O LEU A 90 ? O LEU A 89 N THR A 46 ? N THR A 45 
AA1 5 6 N MET A 45 ? N MET A 44 O PHE A 71 ? O PHE A 70 
AA2 1 2 N GLY A 33 ? N GLY A 32 O VAL A 83 ? O VAL A 82 
AA2 2 3 O GLN A 82 ? O GLN A 81 N THR A 53 ? N THR A 52 
AA2 3 4 N ILE A 54 ? N ILE A 53 O VAL A 63 ? O VAL A 62 
AA3 1 2 N LYS B 4  ? N LYS B 3  O GLY B 17 ? O GLY B 16 
AA3 2 3 N LEU B 16 ? N LEU B 15 O VAL B 27 ? O VAL B 26 
AA3 3 4 N THR B 26 ? N THR B 25 O CYS B 91 ? O CYS B 90 
AA3 4 5 O GLU B 92 ? O GLU B 91 N ARG B 44 ? N ARG B 43 
AA3 5 6 N MET B 45 ? N MET B 44 O PHE B 71 ? O PHE B 70 
AA4 1 2 N GLY B 33 ? N GLY B 32 O VAL B 83 ? O VAL B 82 
AA4 2 3 O GLN B 82 ? O GLN B 81 N THR B 53 ? N THR B 52 
AA4 3 4 N ILE B 54 ? N ILE B 53 O VAL B 63 ? O VAL B 62 
# 
_atom_sites.entry_id                    7EYM 
_atom_sites.Cartn_transf_matrix[1][1]   ? 
_atom_sites.Cartn_transf_matrix[1][2]   ? 
_atom_sites.Cartn_transf_matrix[1][3]   ? 
_atom_sites.Cartn_transf_matrix[2][1]   ? 
_atom_sites.Cartn_transf_matrix[2][2]   ? 
_atom_sites.Cartn_transf_matrix[2][3]   ? 
_atom_sites.Cartn_transf_matrix[3][1]   ? 
_atom_sites.Cartn_transf_matrix[3][2]   ? 
_atom_sites.Cartn_transf_matrix[3][3]   ? 
_atom_sites.Cartn_transf_vector[1]      ? 
_atom_sites.Cartn_transf_vector[2]      ? 
_atom_sites.Cartn_transf_vector[3]      ? 
_atom_sites.fract_transf_matrix[1][1]   0.01523790 
_atom_sites.fract_transf_matrix[1][2]   -0.00123939 
_atom_sites.fract_transf_matrix[1][3]   0.00969291 
_atom_sites.fract_transf_matrix[2][1]   0.00887823 
_atom_sites.fract_transf_matrix[2][2]   -0.00574544 
_atom_sites.fract_transf_matrix[2][3]   -0.01469181 
_atom_sites.fract_transf_matrix[3][1]   0.00201615 
_atom_sites.fract_transf_matrix[3][2]   0.00845563 
_atom_sites.fract_transf_matrix[3][3]   -0.00208833 
_atom_sites.fract_transf_vector[1]      0.004235 
_atom_sites.fract_transf_vector[2]      0.156231 
_atom_sites.fract_transf_vector[3]      0.109226 
_atom_sites.solution_primary            ? 
_atom_sites.solution_secondary          ? 
_atom_sites.solution_hydrogens          ? 
_atom_sites.special_details             ? 
# 
loop_
_atom_type.symbol 
C 
N 
O 
S 
# 
loop_
_atom_site.group_PDB 
_atom_site.id 
_atom_site.type_symbol 
_atom_site.label_atom_id 
_atom_site.label_alt_id 
_atom_site.label_comp_id 
_atom_site.label_asym_id 
_atom_site.label_entity_id 
_atom_site.label_seq_id 
_atom_site.pdbx_PDB_ins_code 
_atom_site.Cartn_x 
_atom_site.Cartn_y 
_atom_site.Cartn_z 
_atom_site.occupancy 
_atom_site.B_iso_or_equiv 
_atom_site.pdbx_formal_charge 
_atom_site.auth_seq_id 
_atom_site.auth_comp_id 
_atom_site.auth_asym_id 
_atom_site.auth_atom_id 
_atom_site.pdbx_PDB_model_num 
ATOM   1    N N   . SER A 1 1  ? -2.43994  16.01130  5.48910   1.000 38.42000 ? 0   SER A N   1 
ATOM   2    C CA  . SER A 1 1  ? -3.18072  16.12386  6.74087   1.000 35.87000 ? 0   SER A CA  1 
ATOM   3    C C   . SER A 1 1  ? -3.70776  14.75956  7.17646   1.000 28.38000 ? 0   SER A C   1 
ATOM   4    O O   . SER A 1 1  ? -3.15325  14.13112  8.08259   1.000 34.60000 ? 0   SER A O   1 
ATOM   5    C CB  . SER A 1 1  ? -4.33350  17.12067  6.59454   1.000 48.34000 ? 0   SER A CB  1 
ATOM   6    O OG  . SER A 1 1  ? -4.71944  17.65098  7.85548   1.000 47.81000 ? 0   SER A OG  1 
ATOM   7    N N   . MET A 1 2  ? -4.77672  14.29277  6.53192   1.000 23.43000 ? 1   MET A N   1 
ATOM   8    C CA  . MET A 1 2  ? -5.26655  12.95563  6.82658   1.000 20.40000 ? 1   MET A CA  1 
ATOM   9    C C   . MET A 1 2  ? -4.27057  11.89742  6.36744   1.000 19.35000 ? 1   MET A C   1 
ATOM   10   O O   . MET A 1 2  ? -4.00273  10.93437  7.09319   1.000 22.83000 ? 1   MET A O   1 
ATOM   11   C CB  . MET A 1 2  ? -6.62201  12.74340  6.15701   1.000 25.75000 ? 1   MET A CB  1 
ATOM   12   C CG  . MET A 1 2  ? -7.72219  13.63393  6.70995   1.000 37.30000 ? 1   MET A CG  1 
ATOM   13   S SD  . MET A 1 2  ? -8.30045  13.03475  8.30622   1.000 32.92000 ? 1   MET A SD  1 
ATOM   14   C CE  . MET A 1 2  ? -9.14081  11.56487  7.79781   1.000 25.80000 ? 1   MET A CE  1 
ATOM   15   N N   . ILE A 1 3  ? -3.71474  12.06646  5.16977   1.000 13.26000 ? 2   ILE A N   1 
ATOM   16   C CA  . ILE A 1 3  ? -2.82102  11.09304  4.54421   1.000 9.91000  ? 2   ILE A CA  1 
ATOM   17   C C   . ILE A 1 3  ? -1.50189  11.80527  4.29646   1.000 11.45000 ? 2   ILE A C   1 
ATOM   18   O O   . ILE A 1 3  ? -1.43499  12.73398  3.48085   1.000 12.41000 ? 2   ILE A O   1 
ATOM   19   C CB  . ILE A 1 3  ? -3.39986  10.53656  3.23907   1.000 9.52000  ? 2   ILE A CB  1 
ATOM   20   C CG1 . ILE A 1 3  ? -4.81498  9.99911   3.46396   1.000 11.92000 ? 2   ILE A CG1 1 
ATOM   21   C CG2 . ILE A 1 3  ? -2.46153  9.47353   2.65332   1.000 9.75000  ? 2   ILE A CG2 1 
ATOM   22   C CD1 . ILE A 1 3  ? -5.58002  9.69934   2.18371   1.000 12.51000 ? 2   ILE A CD1 1 
ATOM   23   N N   . LYS A 1 4  ? -0.45462  11.39846  4.99600   1.000 11.46000 ? 3   LYS A N   1 
ATOM   24   C CA  . LYS A 1 4  ? 0.82236   12.09530  4.93209   1.000 11.64000 ? 3   LYS A CA  1 
ATOM   25   C C   . LYS A 1 4  ? 1.72425   11.42225  3.90815   1.000 11.64000 ? 3   LYS A C   1 
ATOM   26   O O   . LYS A 1 4  ? 2.05165   10.23997  4.04347   1.000 12.52000 ? 3   LYS A O   1 
ATOM   27   C CB  . LYS A 1 4  ? 1.49483   12.03677  6.29899   1.000 13.28000 ? 3   LYS A CB  1 
ATOM   28   C CG  . LYS A 1 4  ? 2.88671   12.66354  6.34054   1.000 20.27000 ? 3   LYS A CG  1 
ATOM   29   C CD  . LYS A 1 4  ? 2.86012   14.08927  5.79896   1.000 29.76000 ? 3   LYS A CD  1 
ATOM   30   C CE  . LYS A 1 4  ? 4.25421   14.69886  5.73028   1.000 37.27000 ? 3   LYS A CE  1 
ATOM   31   N NZ  . LYS A 1 4  ? 5.01639   14.49674  6.99193   1.000 35.99000 ? 3   LYS A NZ  1 
ATOM   32   N N   . GLU A 1 5  ? 2.14457   12.16591  2.89426   1.000 11.05000 ? 4   GLU A N   1 
ATOM   33   C CA  . GLU A 1 5  ? 3.10958   11.64297  1.93971   1.000 12.94000 ? 4   GLU A CA  1 
ATOM   34   C C   . GLU A 1 5  ? 4.52760   11.92622  2.41355   1.000 15.72000 ? 4   GLU A C   1 
ATOM   35   O O   . GLU A 1 5  ? 4.84554   13.04838  2.82479   1.000 18.05000 ? 4   GLU A O   1 
ATOM   36   C CB  . GLU A 1 5  ? 2.91363   12.23501  0.54741   1.000 12.32000 ? 4   GLU A CB  1 
ATOM   37   C CG  . GLU A 1 5  ? 3.78975   11.52108  -0.47859  1.000 11.18000 ? 4   GLU A CG  1 
ATOM   38   C CD  . GLU A 1 5  ? 4.06253   12.32639  -1.73635  1.000 15.50000 ? 4   GLU A CD  1 
ATOM   39   O OE1 . GLU A 1 5  ? 4.32369   11.69850  -2.78934  1.000 15.31000 ? 4   GLU A OE1 1 
ATOM   40   O OE2 . GLU A 1 5  ? 4.03809   13.57169  -1.67503  1.000 16.38000 ? 4   GLU A OE2 1 
ATOM   41   N N   . ASN A 1 6  ? 5.37932   10.91253  2.35498   1.000 11.99000 ? 5   ASN A N   1 
ATOM   42   C CA  . ASN A 1 6  ? 6.80584   11.09225  2.57627   1.000 14.30000 ? 5   ASN A CA  1 
ATOM   43   C C   . ASN A 1 6  ? 7.57492   10.63669  1.35006   1.000 16.83000 ? 5   ASN A C   1 
ATOM   44   O O   . ASN A 1 6  ? 7.18651   9.67923   0.67289   1.000 13.54000 ? 5   ASN A O   1 
ATOM   45   C CB  . ASN A 1 6  ? 7.28771   10.36933  3.82168   1.000 18.86000 ? 5   ASN A CB  1 
ATOM   46   C CG  . ASN A 1 6  ? 7.04182   11.18071  5.07582   1.000 27.59000 ? 5   ASN A CG  1 
ATOM   47   O OD1 . ASN A 1 6  ? 6.20423   10.82408  5.89689   1.000 26.05000 ? 5   ASN A OD1 1 
ATOM   48   N ND2 . ASN A 1 6  ? 7.75325   12.29853  5.21152   1.000 35.21000 ? 5   ASN A ND2 1 
ATOM   49   N N   . VAL A 1 7  ? 8.65050   11.35236  1.05236   1.000 16.94000 ? 6   VAL A N   1 
ATOM   50   C CA  . VAL A 1 7  ? 9.50012   11.06699  -0.09194  1.000 14.98000 ? 6   VAL A CA  1 
ATOM   51   C C   . VAL A 1 7  ? 10.92288  10.89797  0.41748   1.000 15.84000 ? 6   VAL A C   1 
ATOM   52   O O   . VAL A 1 7  ? 11.41509  11.72603  1.19320   1.000 19.90000 ? 6   VAL A O   1 
ATOM   53   C CB  . VAL A 1 7  ? 9.42011   12.19184  -1.13709  1.000 16.04000 ? 6   VAL A CB  1 
ATOM   54   C CG1 . VAL A 1 7  ? 10.31887  11.88870  -2.32730  1.000 18.67000 ? 6   VAL A CG1 1 
ATOM   55   C CG2 . VAL A 1 7  ? 7.98016   12.38084  -1.59078  1.000 14.85000 ? 6   VAL A CG2 1 
ATOM   56   N N   . TYR A 1 8  ? 11.58224  9.83431   -0.02487  1.000 13.81000 ? 7   TYR A N   1 
ATOM   57   C CA  . TYR A 1 8  ? 12.93670  9.51543   0.38975   1.000 15.48000 ? 7   TYR A CA  1 
ATOM   58   C C   . TYR A 1 8  ? 13.75592  9.16337   -0.84417  1.000 10.25000 ? 7   TYR A C   1 
ATOM   59   O O   . TYR A 1 8  ? 13.21868  8.86131   -1.90949  1.000 13.41000 ? 7   TYR A O   1 
ATOM   60   C CB  . TYR A 1 8  ? 12.97370  8.31984   1.35526   1.000 17.50000 ? 7   TYR A CB  1 
ATOM   61   C CG  . TYR A 1 8  ? 11.98349  8.35768   2.50031   1.000 18.43000 ? 7   TYR A CG  1 
ATOM   62   C CD1 . TYR A 1 8  ? 12.29950  8.99089   3.68685   1.000 22.10000 ? 7   TYR A CD1 1 
ATOM   63   C CD2 . TYR A 1 8  ? 10.74661  7.72784   2.40330   1.000 18.32000 ? 7   TYR A CD2 1 
ATOM   64   C CE1 . TYR A 1 8  ? 11.41337  9.01973   4.74183   1.000 23.31000 ? 7   TYR A CE1 1 
ATOM   65   C CE2 . TYR A 1 8  ? 9.84861   7.74513   3.46426   1.000 17.35000 ? 7   TYR A CE2 1 
ATOM   66   C CZ  . TYR A 1 8  ? 10.19346  8.39316   4.63163   1.000 20.10000 ? 7   TYR A CZ  1 
ATOM   67   O OH  . TYR A 1 8  ? 9.32569   8.42933   5.69977   1.000 22.11000 ? 7   TYR A OH  1 
ATOM   68   N N   . PHE A 1 9  ? 15.08107  9.20208   -0.67951  1.000 13.34000 ? 8   PHE A N   1 
ATOM   69   C CA  . PHE A 1 9  ? 16.01585  8.72205   -1.69498  1.000 14.27000 ? 8   PHE A CA  1 
ATOM   70   C C   . PHE A 1 9  ? 15.73584  9.33056   -3.06321  1.000 15.44000 ? 8   PHE A C   1 
ATOM   71   O O   . PHE A 1 9  ? 15.62304  8.63610   -4.07466  1.000 15.30000 ? 8   PHE A O   1 
ATOM   72   C CB  . PHE A 1 9  ? 16.05454  7.19664   -1.73795  1.000 13.63000 ? 8   PHE A CB  1 
ATOM   73   C CG  . PHE A 1 9  ? 16.73768  6.59720   -0.55597  1.000 15.59000 ? 8   PHE A CG  1 
ATOM   74   C CD1 . PHE A 1 9  ? 18.11670  6.66654   -0.44220  1.000 17.79000 ? 8   PHE A CD1 1 
ATOM   75   C CD2 . PHE A 1 9  ? 16.01026  5.98606   0.44968   1.000 15.16000 ? 8   PHE A CD2 1 
ATOM   76   C CE1 . PHE A 1 9  ? 18.77013  6.12356   0.64430   1.000 23.23000 ? 8   PHE A CE1 1 
ATOM   77   C CE2 . PHE A 1 9  ? 16.66181  5.44326   1.55223   1.000 19.16000 ? 8   PHE A CE2 1 
ATOM   78   C CZ  . PHE A 1 9  ? 18.03955  5.50770   1.64496   1.000 19.72000 ? 8   PHE A CZ  1 
ATOM   79   N N   . ASP A 1 10 ? 15.61439  10.65704  -3.08364  1.000 19.00000 ? 9   ASP A N   1 
ATOM   80   C CA  . ASP A 1 10 ? 15.47095  11.39632  -4.33423  1.000 18.34000 ? 9   ASP A CA  1 
ATOM   81   C C   . ASP A 1 10 ? 14.21871  10.97407  -5.09955  1.000 17.85000 ? 9   ASP A C   1 
ATOM   82   O O   . ASP A 1 10 ? 14.17830  11.03836  -6.32948  1.000 19.76000 ? 9   ASP A O   1 
ATOM   83   C CB  . ASP A 1 10 ? 16.72705  11.24014  -5.20086  1.000 20.67000 ? 9   ASP A CB  1 
ATOM   84   C CG  . ASP A 1 10 ? 16.92871  12.39733  -6.15991  1.000 28.17000 ? 9   ASP A CG  1 
ATOM   85   O OD1 . ASP A 1 10 ? 16.45886  13.50951  -5.85612  1.000 26.66000 ? 9   ASP A OD1 1 
ATOM   86   O OD2 . ASP A 1 10 ? 17.54942  12.18333  -7.21909  1.000 35.10000 ? 9   ASP A OD2 1 
ATOM   87   N N   . GLY A 1 11 ? 13.18080  10.54874  -4.37760  1.000 17.53000 ? 10  GLY A N   1 
ATOM   88   C CA  . GLY A 1 11 ? 11.94561  10.11499  -4.99752  1.000 14.86000 ? 10  GLY A CA  1 
ATOM   89   C C   . GLY A 1 11 ? 11.84857  8.63040   -5.28879  1.000 15.23000 ? 10  GLY A C   1 
ATOM   90   O O   . GLY A 1 11 ? 10.82997  8.18733   -5.83579  1.000 14.56000 ? 10  GLY A O   1 
ATOM   91   N N   . ASN A 1 12 ? 12.87200  7.85061   -4.95803  1.000 12.59000 ? 11  ASN A N   1 
ATOM   92   C CA  . ASN A 1 12 ? 12.85597  6.42179   -5.24064  1.000 11.83000 ? 11  ASN A CA  1 
ATOM   93   C C   . ASN A 1 12 ? 12.12336  5.60358   -4.18795  1.000 11.40000 ? 11  ASN A C   1 
ATOM   94   O O   . ASN A 1 12 ? 11.90532  4.40887   -4.40695  1.000 11.43000 ? 11  ASN A O   1 
ATOM   95   C CB  . ASN A 1 12 ? 14.28625  5.90905   -5.43503  1.000 14.36000 ? 11  ASN A CB  1 
ATOM   96   C CG  . ASN A 1 12 ? 14.89776  6.42276   -6.71166  1.000 19.24000 ? 11  ASN A CG  1 
ATOM   97   O OD1 . ASN A 1 12 ? 14.37023  6.20449   -7.79648  1.000 19.42000 ? 11  ASN A OD1 1 
ATOM   98   N ND2 . ASN A 1 12 ? 15.98732  7.15369   -6.58304  1.000 20.77000 ? 11  ASN A ND2 1 
ATOM   99   N N   . VAL A 1 13 ? 11.77393  6.19836   -3.05460  1.000 10.18000 ? 12  VAL A N   1 
ATOM   100  C CA  . VAL A 1 13 ? 10.88291  5.59182   -2.07691  1.000 12.40000 ? 12  VAL A CA  1 
ATOM   101  C C   . VAL A 1 13 ? 9.85113   6.64661   -1.71321  1.000 12.03000 ? 12  VAL A C   1 
ATOM   102  O O   . VAL A 1 13 ? 10.21020  7.78372   -1.38153  1.000 12.44000 ? 12  VAL A O   1 
ATOM   103  C CB  . VAL A 1 13 ? 11.63313  5.11241   -0.81509  1.000 10.73000 ? 12  VAL A CB  1 
ATOM   104  C CG1 . VAL A 1 13 ? 10.64969  4.50488   0.21064   1.000 12.27000 ? 12  VAL A CG1 1 
ATOM   105  C CG2 . VAL A 1 13 ? 12.73786  4.11459   -1.18161  1.000 13.35000 ? 12  VAL A CG2 1 
ATOM   106  N N   . LYS A 1 14 ? 8.57636   6.28440   -1.79485  1.000 11.12000 ? 13  LYS A N   1 
ATOM   107  C CA  . LYS A 1 14 ? 7.49473   7.16450   -1.37326  1.000 11.27000 ? 13  LYS A CA  1 
ATOM   108  C C   . LYS A 1 14 ? 6.51667   6.36520   -0.52803  1.000 9.76000  ? 13  LYS A C   1 
ATOM   109  O O   . LYS A 1 14 ? 6.30163   5.16911   -0.76686  1.000 9.77000  ? 13  LYS A O   1 
ATOM   110  C CB  . LYS A 1 14 ? 6.75622   7.79247   -2.56166  1.000 9.22000  ? 13  LYS A CB  1 
ATOM   111  C CG  . LYS A 1 14 ? 7.66325   8.62952   -3.45101  1.000 11.71000 ? 13  LYS A CG  1 
ATOM   112  C CD  . LYS A 1 14 ? 6.89119   9.35183   -4.51669  1.000 11.11000 ? 13  LYS A CD  1 
ATOM   113  C CE  . LYS A 1 14 ? 7.84230   10.22096  -5.31064  1.000 13.46000 ? 13  LYS A CE  1 
ATOM   114  N NZ  . LYS A 1 14 ? 7.14226   10.90310  -6.41812  1.000 14.93000 ? 13  LYS A NZ  1 
ATOM   115  N N   . SER A 1 15 ? 5.94380   7.02393   0.47732   1.000 11.90000 ? 14  SER A N   1 
ATOM   116  C CA  . SER A 1 15 ? 5.02793   6.35897   1.39138   1.000 10.62000 ? 14  SER A CA  1 
ATOM   117  C C   . SER A 1 15 ? 3.86250   7.27436   1.72512   1.000 9.73000  ? 14  SER A C   1 
ATOM   118  O O   . SER A 1 15 ? 3.94622   8.50243   1.58993   1.000 10.24000 ? 14  SER A O   1 
ATOM   119  C CB  . SER A 1 15 ? 5.72061   5.85469   2.66389   1.000 13.58000 ? 14  SER A CB  1 
ATOM   120  O OG  . SER A 1 15 ? 6.10477   6.92207   3.50374   1.000 15.40000 ? 14  SER A OG  1 
ATOM   121  N N   . LEU A 1 16 ? 2.76172   6.64530   2.13514   1.000 8.57000  ? 15  LEU A N   1 
ATOM   122  C CA  . LEU A 1 16 ? 1.55422   7.32439   2.58885   1.000 9.06000  ? 15  LEU A CA  1 
ATOM   123  C C   . LEU A 1 16 ? 1.22635   6.85741   3.99889   1.000 7.98000  ? 15  LEU A C   1 
ATOM   124  O O   . LEU A 1 16 ? 0.97201   5.66421   4.22187   1.000 8.49000  ? 15  LEU A O   1 
ATOM   125  C CB  . LEU A 1 16 ? 0.40531   7.00138   1.64016   1.000 9.08000  ? 15  LEU A CB  1 
ATOM   126  C CG  . LEU A 1 16 ? 0.59720   7.40077   0.17191   1.000 9.11000  ? 15  LEU A CG  1 
ATOM   127  C CD1 . LEU A 1 16 ? -0.50573  6.79505   -0.67417  1.000 11.92000 ? 15  LEU A CD1 1 
ATOM   128  C CD2 . LEU A 1 16 ? 0.63545   8.91923   0.01273   1.000 11.09000 ? 15  LEU A CD2 1 
ATOM   129  N N   . GLY A 1 17 ? 1.25255   7.78439   4.95210   1.000 9.85000  ? 16  GLY A N   1 
ATOM   130  C CA  . GLY A 1 17 ? 0.93994   7.46619   6.33290   1.000 9.67000  ? 16  GLY A CA  1 
ATOM   131  C C   . GLY A 1 17 ? -0.52415  7.75267   6.61875   1.000 10.90000 ? 16  GLY A C   1 
ATOM   132  O O   . GLY A 1 17 ? -1.06133  8.78502   6.21323   1.000 13.08000 ? 16  GLY A O   1 
ATOM   133  N N   . PHE A 1 18 ? -1.16370  6.82989   7.32501   1.000 9.76000  ? 17  PHE A N   1 
ATOM   134  C CA  . PHE A 1 18 ? -2.58597  6.93537   7.59480   1.000 13.35000 ? 17  PHE A CA  1 
ATOM   135  C C   . PHE A 1 18 ? -2.85724  6.41437   8.99487   1.000 11.04000 ? 17  PHE A C   1 
ATOM   136  O O   . PHE A 1 18 ? -2.17579  5.51347   9.48544   1.000 13.13000 ? 17  PHE A O   1 
ATOM   137  C CB  . PHE A 1 18 ? -3.43320  6.19288   6.54027   1.000 12.68000 ? 17  PHE A CB  1 
ATOM   138  C CG  . PHE A 1 18 ? -3.16040  4.70516   6.44784   1.000 9.57000  ? 17  PHE A CG  1 
ATOM   139  C CD1 . PHE A 1 18 ? -2.03191  4.22546   5.78340   1.000 10.84000 ? 17  PHE A CD1 1 
ATOM   140  C CD2 . PHE A 1 18 ? -4.03566  3.78448   7.02070   1.000 14.11000 ? 17  PHE A CD2 1 
ATOM   141  C CE1 . PHE A 1 18 ? -1.78430  2.85629   5.69716   1.000 11.87000 ? 17  PHE A CE1 1 
ATOM   142  C CE2 . PHE A 1 18 ? -3.79918  2.41045   6.93826   1.000 12.84000 ? 17  PHE A CE2 1 
ATOM   143  C CZ  . PHE A 1 18 ? -2.66571  1.94329   6.26946   1.000 11.24000 ? 17  PHE A CZ  1 
ATOM   144  N N   . SER A 1 19 ? -3.89776  6.94905   9.61582   1.000 14.47000 ? 18  SER A N   1 
ATOM   145  C CA  . SER A 1 19 ? -4.17699  6.63432   11.00434  1.000 20.46000 ? 18  SER A CA  1 
ATOM   146  C C   . SER A 1 19 ? -5.49539  5.88834   11.12897  1.000 23.31000 ? 18  SER A C   1 
ATOM   147  O O   . SER A 1 19 ? -6.49666  6.25592   10.50336  1.000 26.65000 ? 18  SER A O   1 
ATOM   148  C CB  . SER A 1 19 ? -4.20090  7.90613   11.87127  1.000 25.28000 ? 18  SER A CB  1 
ATOM   149  O OG  . SER A 1 19 ? -3.05867  8.72253   11.63482  1.000 33.27000 ? 18  SER A OG  1 
ATOM   150  N N   . GLN A 1 20 ? -5.47414  4.84665   11.94468  1.000 21.76000 ? 19  GLN A N   1 
ATOM   151  C CA  . GLN A 1 20 ? -6.65836  4.17139   12.42954  1.000 24.04000 ? 19  GLN A CA  1 
ATOM   152  C C   . GLN A 1 20 ? -6.78045  4.52721   13.91077  1.000 30.37000 ? 19  GLN A C   1 
ATOM   153  O O   . GLN A 1 20 ? -6.01993  5.34474   14.42767  1.000 34.24000 ? 19  GLN A O   1 
ATOM   154  C CB  . GLN A 1 20 ? -6.57038  2.67386   12.11468  1.000 26.94000 ? 19  GLN A CB  1 
ATOM   155  C CG  . GLN A 1 20 ? -6.27924  2.42165   10.61254  1.000 24.24000 ? 19  GLN A CG  1 
ATOM   156  C CD  . GLN A 1 20 ? -6.43632  0.97166   10.16796  1.000 27.74000 ? 19  GLN A CD  1 
ATOM   157  O OE1 . GLN A 1 20 ? -6.20648  0.04310   10.94104  1.000 35.45000 ? 19  GLN A OE1 1 
ATOM   158  N NE2 . GLN A 1 20 ? -6.81761  0.77343   8.89877   1.000 19.38000 ? 19  GLN A NE2 1 
ATOM   159  N N   . GLN A 1 21 ? -7.74354  3.92904   14.60876  1.000 42.17000 ? 20  GLN A N   1 
ATOM   160  C CA  . GLN A 1 21 ? -7.97102  4.33859   15.99174  1.000 40.73000 ? 20  GLN A CA  1 
ATOM   161  C C   . GLN A 1 21 ? -6.82882  3.91054   16.91097  1.000 33.59000 ? 20  GLN A C   1 
ATOM   162  O O   . GLN A 1 21 ? -6.52310  4.61356   17.87795  1.000 41.55000 ? 20  GLN A O   1 
ATOM   163  C CB  . GLN A 1 21 ? -9.35612  3.88577   16.46413  1.000 48.47000 ? 20  GLN A CB  1 
ATOM   164  C CG  . GLN A 1 21 ? -10.06522 4.84764   17.38812  1.000 58.17000 ? 20  GLN A CG  1 
ATOM   165  C CD  . GLN A 1 21 ? -11.56898 4.86880   17.19069  1.000 60.53000 ? 20  GLN A CD  1 
ATOM   166  O OE1 . GLN A 1 21 ? -12.10741 5.76424   16.52500  1.000 55.61000 ? 20  GLN A OE1 1 
ATOM   167  N NE2 . GLN A 1 21 ? -12.24549 3.83318   17.66985  1.000 51.61000 ? 20  GLN A NE2 1 
ATOM   168  N N   . ASP A 1 22 ? -6.15258  2.79789   16.60764  1.000 34.93000 ? 21  ASP A N   1 
ATOM   169  C CA  . ASP A 1 22 ? -4.94013  2.42768   17.33231  1.000 35.36000 ? 21  ASP A CA  1 
ATOM   170  C C   . ASP A 1 22 ? -3.66476  3.10630   16.83346  1.000 31.08000 ? 21  ASP A C   1 
ATOM   171  O O   . ASP A 1 22 ? -2.58126  2.75402   17.30933  1.000 28.69000 ? 21  ASP A O   1 
ATOM   172  C CB  . ASP A 1 22 ? -4.79146  0.89823   17.40914  1.000 34.77000 ? 21  ASP A CB  1 
ATOM   173  C CG  . ASP A 1 22 ? -4.55977  0.24251   16.06090  1.000 39.43000 ? 21  ASP A CG  1 
ATOM   174  O OD1 . ASP A 1 22 ? -4.52966  -1.00929  16.02157  1.000 49.08000 ? 21  ASP A OD1 1 
ATOM   175  O OD2 . ASP A 1 22 ? -4.40911  0.95008   15.03864  1.000 44.08000 ? 21  ASP A OD2 1 
ATOM   176  N N   . GLY A 1 23 ? -3.76399  4.07556   15.92749  1.000 19.46000 ? 22  GLY A N   1 
ATOM   177  C CA  . GLY A 1 23 ? -2.60555  4.81072   15.45907  1.000 19.92000 ? 22  GLY A CA  1 
ATOM   178  C C   . GLY A 1 23 ? -2.27009  4.69893   13.98178  1.000 15.01000 ? 22  GLY A C   1 
ATOM   179  O O   . GLY A 1 23 ? -3.12004  4.34639   13.15507  1.000 19.26000 ? 22  GLY A O   1 
ATOM   180  N N   . GLU A 1 24 ? -1.01671  4.98626   13.64114  1.000 12.20000 ? 23  GLU A N   1 
ATOM   181  C CA  . GLU A 1 24 ? -0.58017  5.16937   12.26115  1.000 11.13000 ? 23  GLU A CA  1 
ATOM   182  C C   . GLU A 1 24 ? 0.05418   3.91636   11.66581  1.000 14.68000 ? 23  GLU A C   1 
ATOM   183  O O   . GLU A 1 24 ? 0.73805   3.15024   12.34911  1.000 15.04000 ? 23  GLU A O   1 
ATOM   184  C CB  . GLU A 1 24 ? 0.40643   6.33913   12.17073  1.000 13.74000 ? 23  GLU A CB  1 
ATOM   185  C CG  . GLU A 1 24 ? 0.52286   6.93630   10.77544  1.000 15.43000 ? 23  GLU A CG  1 
ATOM   186  C CD  . GLU A 1 24 ? 1.43738   8.13906   10.71480  1.000 21.72000 ? 23  GLU A CD  1 
ATOM   187  O OE1 . GLU A 1 24 ? 2.10066   8.44925   11.72496  1.000 19.55000 ? 23  GLU A OE1 1 
ATOM   188  O OE2 . GLU A 1 24 ? 1.47355   8.80514   9.65805   1.000 21.05000 ? 23  GLU A OE2 1 
ATOM   189  N N   . SER A 1 25 ? -0.16300  3.74080   10.36002  1.000 11.12000 ? 24  SER A N   1 
ATOM   190  C CA  . SER A 1 25 ? 0.51383   2.74825   9.53325   1.000 10.46000 ? 24  SER A CA  1 
ATOM   191  C C   . SER A 1 25 ? 0.95346   3.44800   8.25743   1.000 9.01000  ? 24  SER A C   1 
ATOM   192  O O   . SER A 1 25 ? 0.58089   4.59066   7.99942   1.000 9.21000  ? 24  SER A O   1 
ATOM   193  C CB  . SER A 1 25 ? -0.41852  1.59902   9.14696   1.000 11.08000 ? 24  SER A CB  1 
ATOM   194  O OG  . SER A 1 25 ? -0.85093  0.88910   10.29436  1.000 13.53000 ? 24  SER A OG  1 
ATOM   195  N N   . THR A 1 26 ? 1.76443   2.78045   7.44623   1.000 9.74000  ? 25  THR A N   1 
ATOM   196  C CA  . THR A 1 26 ? 2.14189   3.37077   6.16823   1.000 9.38000  ? 25  THR A CA  1 
ATOM   197  C C   . THR A 1 26 ? 2.09532   2.32478   5.07307   1.000 8.88000  ? 25  THR A C   1 
ATOM   198  O O   . THR A 1 26 ? 2.39133   1.14661   5.29746   1.000 10.43000 ? 25  THR A O   1 
ATOM   199  C CB  . THR A 1 26 ? 3.54168   4.01585   6.17168   1.000 15.20000 ? 25  THR A CB  1 
ATOM   200  O OG1 . THR A 1 26 ? 4.55084   3.00135   6.21473   1.000 25.99000 ? 25  THR A OG1 1 
ATOM   201  C CG2 . THR A 1 26 ? 3.70747   4.94948   7.35079   1.000 12.03000 ? 25  THR A CG2 1 
ATOM   202  N N   A VAL A 1 27 ? 1.70822   2.74970   3.86840   0.690 8.19000  ? 26  VAL A N   1 
ATOM   203  N N   B VAL A 1 27 ? 1.70508   2.75745   3.89674   0.310 8.23000  ? 26  VAL A N   1 
ATOM   204  C CA  A VAL A 1 27 ? 1.85699   1.93786   2.66417   0.690 8.91000  ? 26  VAL A CA  1 
ATOM   205  C CA  B VAL A 1 27 ? 1.93797   1.95704   2.71300   0.310 8.93000  ? 26  VAL A CA  1 
ATOM   206  C C   A VAL A 1 27 ? 2.74834   2.70509   1.69531   0.690 8.49000  ? 26  VAL A C   1 
ATOM   207  C C   B VAL A 1 27 ? 2.90655   2.73282   1.84045   0.310 8.44000  ? 26  VAL A C   1 
ATOM   208  O O   A VAL A 1 27 ? 2.61118   3.92324   1.55497   0.690 10.36000 ? 26  VAL A O   1 
ATOM   209  O O   B VAL A 1 27 ? 2.98299   3.96335   1.90936   0.310 7.74000  ? 26  VAL A O   1 
ATOM   210  C CB  A VAL A 1 27 ? 0.48294   1.57564   2.04572   0.690 9.27000  ? 26  VAL A CB  1 
ATOM   211  C CB  B VAL A 1 27 ? 0.62682   1.61910   1.98384   0.310 9.01000  ? 26  VAL A CB  1 
ATOM   212  C CG1 A VAL A 1 27 ? -0.24564  2.81278   1.50976   0.690 6.56000  ? 26  VAL A CG1 1 
ATOM   213  C CG1 B VAL A 1 27 ? 0.91967   1.16162   0.62830   0.310 13.02000 ? 26  VAL A CG1 1 
ATOM   214  C CG2 A VAL A 1 27 ? 0.59965   0.50232   0.97613   0.690 12.78000 ? 26  VAL A CG2 1 
ATOM   215  C CG2 B VAL A 1 27 ? -0.09567  0.52568   2.72397   0.310 6.29000  ? 26  VAL A CG2 1 
ATOM   216  N N   . GLY A 1 28 ? 3.68925   2.00865   1.05525   1.000 8.22000  ? 27  GLY A N   1 
ATOM   217  C CA  . GLY A 1 28 ? 4.65542   2.70187   0.23570   1.000 8.85000  ? 27  GLY A CA  1 
ATOM   218  C C   . GLY A 1 28 ? 5.12102   1.88823   -0.94393  1.000 6.68000  ? 27  GLY A C   1 
ATOM   219  O O   . GLY A 1 28 ? 4.72971   0.73624   -1.13157  1.000 8.04000  ? 27  GLY A O   1 
ATOM   220  N N   . VAL A 1 29 ? 5.98053   2.51916   -1.74197  1.000 8.06000  ? 28  VAL A N   1 
ATOM   221  C CA  . VAL A 1 29 ? 6.58899   1.89432   -2.90540  1.000 7.94000  ? 28  VAL A CA  1 
ATOM   222  C C   . VAL A 1 29 ? 8.07808   2.19645   -2.89008  1.000 8.61000  ? 28  VAL A C   1 
ATOM   223  O O   . VAL A 1 29 ? 8.48790   3.32860   -2.61081  1.000 8.59000  ? 28  VAL A O   1 
ATOM   224  C CB  . VAL A 1 29 ? 5.95661   2.38929   -4.22162  1.000 8.17000  ? 28  VAL A CB  1 
ATOM   225  C CG1 . VAL A 1 29 ? 6.67622   1.78168   -5.43058  1.000 9.90000  ? 28  VAL A CG1 1 
ATOM   226  C CG2 . VAL A 1 29 ? 4.46254   2.09082   -4.26972  1.000 9.05000  ? 28  VAL A CG2 1 
ATOM   227  N N   . MET A 1 30 ? 8.88628   1.19596   -3.22406  1.000 7.90000  ? 29  MET A N   1 
ATOM   228  C CA  . MET A 1 30 ? 10.31294  1.38070   -3.46176  1.000 8.53000  ? 29  MET A CA  1 
ATOM   229  C C   . MET A 1 30 ? 10.61764  1.04118   -4.91048  1.000 8.92000  ? 29  MET A C   1 
ATOM   230  O O   . MET A 1 30 ? 10.26573  -0.04164  -5.39214  1.000 9.85000  ? 29  MET A O   1 
ATOM   231  C CB  . MET A 1 30 ? 11.13517  0.48615   -2.53991  1.000 9.26000  ? 29  MET A CB  1 
ATOM   232  C CG  . MET A 1 30 ? 10.75777  0.63019   -1.07100  1.000 9.79000  ? 29  MET A CG  1 
ATOM   233  S SD  . MET A 1 30 ? 12.00223  -0.10127  -0.00582  1.000 13.34000 ? 29  MET A SD  1 
ATOM   234  C CE  . MET A 1 30 ? 11.23879  0.15253   1.59471   1.000 17.05000 ? 29  MET A CE  1 
ATOM   235  N N   . ALA A 1 31 ? 11.25131  1.98224   -5.61266  1.000 9.49000  ? 30  ALA A N   1 
ATOM   236  C CA  . ALA A 1 31 ? 11.71938  1.73346   -6.96857  1.000 9.12000  ? 30  ALA A CA  1 
ATOM   237  C C   . ALA A 1 31 ? 12.95942  0.83775   -6.94087  1.000 8.94000  ? 30  ALA A C   1 
ATOM   238  O O   . ALA A 1 31 ? 13.60395  0.69058   -5.89995  1.000 10.64000 ? 30  ALA A O   1 
ATOM   239  C CB  . ALA A 1 31 ? 12.07289  3.06373   -7.63248  1.000 13.14000 ? 30  ALA A CB  1 
ATOM   240  N N   . PRO A 1 32 ? 13.28336  0.18156   -8.06068  1.000 9.78000  ? 31  PRO A N   1 
ATOM   241  C CA  . PRO A 1 32 ? 14.48449  -0.66610  -8.08146  1.000 10.20000 ? 31  PRO A CA  1 
ATOM   242  C C   . PRO A 1 32 ? 15.72567  0.11605   -7.68041  1.000 10.67000 ? 31  PRO A C   1 
ATOM   243  O O   . PRO A 1 32 ? 15.93100  1.25410   -8.10980  1.000 12.18000 ? 31  PRO A O   1 
ATOM   244  C CB  . PRO A 1 32 ? 14.55154  -1.13904  -9.53782  1.000 11.46000 ? 31  PRO A CB  1 
ATOM   245  C CG  . PRO A 1 32 ? 13.10944  -1.13536  -9.98195  1.000 12.34000 ? 31  PRO A CG  1 
ATOM   246  C CD  . PRO A 1 32 ? 12.54144  0.10428   -9.33389  1.000 11.95000 ? 31  PRO A CD  1 
ATOM   247  N N   . GLY A 1 33 ? 16.54813  -0.50439  -6.84712  1.000 10.80000 ? 32  GLY A N   1 
ATOM   248  C CA  . GLY A 1 33 ? 17.71421  0.14816   -6.29415  1.000 10.31000 ? 32  GLY A CA  1 
ATOM   249  C C   . GLY A 1 33 ? 18.11136  -0.52001  -4.99445  1.000 10.75000 ? 32  GLY A C   1 
ATOM   250  O O   . GLY A 1 33 ? 17.63248  -1.60496  -4.66981  1.000 10.35000 ? 32  GLY A O   1 
ATOM   251  N N   . GLN A 1 34 ? 18.98329  0.15102   -4.25683  1.000 10.96000 ? 33  GLN A N   1 
ATOM   252  C CA  . GLN A 1 34 ? 19.50135  -0.34215  -2.96235  1.000 10.84000 ? 33  GLN A CA  1 
ATOM   253  C C   . GLN A 1 34 ? 19.44585  0.78023   -1.93040  1.000 11.51000 ? 33  GLN A C   1 
ATOM   254  O O   . GLN A 1 34 ? 19.85820  1.85473   -2.22462  1.000 14.86000 ? 33  GLN A O   1 
ATOM   255  C CB  . GLN A 1 34 ? 20.89699  -0.93405  -3.15535  1.000 30.00000 ? 33  GLN A CB  1 
ATOM   256  C CG  . GLN A 1 34 ? 21.39642  -1.62065  -1.90861  1.000 30.00000 ? 33  GLN A CG  1 
ATOM   257  C CD  . GLN A 1 34 ? 22.66329  -2.38844  -2.20180  1.000 30.00000 ? 33  GLN A CD  1 
ATOM   258  O OE1 . GLN A 1 34 ? 23.57361  -1.86450  -2.81888  1.000 30.00000 ? 33  GLN A OE1 1 
ATOM   259  N NE2 . GLN A 1 34 ? 22.71127  -3.60633  -1.75691  1.000 30.00000 ? 33  GLN A NE2 1 
ATOM   260  N N   . TYR A 1 35 ? 18.83801  0.50335   -0.77867  1.000 9.92000  ? 34  TYR A N   1 
ATOM   261  C CA  . TYR A 1 35 ? 18.48943  1.51887   0.20545   1.000 11.18000 ? 34  TYR A CA  1 
ATOM   262  C C   . TYR A 1 35 ? 18.88299  1.05885   1.59531   1.000 11.34000 ? 34  TYR A C   1 
ATOM   263  O O   . TYR A 1 35 ? 19.02380  -0.13706  1.86346   1.000 12.93000 ? 34  TYR A O   1 
ATOM   264  C CB  . TYR A 1 35 ? 16.97703  1.82275   0.19409   1.000 11.84000 ? 34  TYR A CB  1 
ATOM   265  C CG  . TYR A 1 35 ? 16.45894  2.04632   -1.19457  1.000 11.16000 ? 34  TYR A CG  1 
ATOM   266  C CD1 . TYR A 1 35 ? 16.72044  3.23200   -1.86493  1.000 12.87000 ? 34  TYR A CD1 1 
ATOM   267  C CD2 . TYR A 1 35 ? 15.75222  1.05775   -1.86836  1.000 12.61000 ? 34  TYR A CD2 1 
ATOM   268  C CE1 . TYR A 1 35 ? 16.27456  3.43352   -3.15329  1.000 13.30000 ? 34  TYR A CE1 1 
ATOM   269  C CE2 . TYR A 1 35 ? 15.29678  1.25509   -3.15716  1.000 10.32000 ? 34  TYR A CE2 1 
ATOM   270  C CZ  . TYR A 1 35 ? 15.56040  2.44299   -3.79507  1.000 9.85000  ? 34  TYR A CZ  1 
ATOM   271  O OH  . TYR A 1 35 ? 15.13376  2.65217   -5.08095  1.000 13.37000 ? 34  TYR A OH  1 
ATOM   272  N N   A THR A 1 36 ? 19.06278  2.02709   2.47857   0.670 14.77000 ? 35  THR A N   1 
ATOM   273  N N   B THR A 1 36 ? 19.02894  2.02233   2.49941   0.330 14.77000 ? 35  THR A N   1 
ATOM   274  C CA  A THR A 1 36 ? 19.26526  1.76423   3.89148   0.670 13.59000 ? 35  THR A CA  1 
ATOM   275  C CA  B THR A 1 36 ? 19.29966  1.74212   3.90367   0.330 13.74000 ? 35  THR A CA  1 
ATOM   276  C C   A THR A 1 36 ? 18.23991  2.57108   4.66158   0.670 15.68000 ? 35  THR A C   1 
ATOM   277  C C   B THR A 1 36 ? 18.37263  2.59585   4.75305   0.330 15.58000 ? 35  THR A C   1 
ATOM   278  O O   A THR A 1 36 ? 17.94502  3.71613   4.30419   0.670 16.13000 ? 35  THR A O   1 
ATOM   279  O O   B THR A 1 36 ? 18.28925  3.81112   4.55022   0.330 16.16000 ? 35  THR A O   1 
ATOM   280  C CB  A THR A 1 36 ? 20.67508  2.16609   4.34109   0.670 19.69000 ? 35  THR A CB  1 
ATOM   281  C CB  B THR A 1 36 ? 20.75903  2.05153   4.25797   0.330 19.49000 ? 35  THR A CB  1 
ATOM   282  O OG1 A THR A 1 36 ? 21.64690  1.42819   3.59300   0.670 22.70000 ? 35  THR A OG1 1 
ATOM   283  O OG1 B THR A 1 36 ? 20.98418  3.46194   4.16281   0.330 15.20000 ? 35  THR A OG1 1 
ATOM   284  C CG2 A THR A 1 36 ? 20.86687  1.88452   5.82632   0.670 16.63000 ? 35  THR A CG2 1 
ATOM   285  C CG2 B THR A 1 36 ? 21.71221  1.33979   3.31095   0.330 22.42000 ? 35  THR A CG2 1 
ATOM   286  N N   . PHE A 1 37 ? 17.67477  1.96769   5.69697   1.000 16.34000 ? 36  PHE A N   1 
ATOM   287  C CA  . PHE A 1 37 ? 16.73873  2.67181   6.55259   1.000 15.37000 ? 36  PHE A CA  1 
ATOM   288  C C   . PHE A 1 37 ? 17.04991  2.39276   8.00918   1.000 16.64000 ? 36  PHE A C   1 
ATOM   289  O O   . PHE A 1 37 ? 17.46656  1.29392   8.37156   1.000 17.47000 ? 36  PHE A O   1 
ATOM   290  C CB  . PHE A 1 37 ? 15.29521  2.26541   6.26182   1.000 20.74000 ? 36  PHE A CB  1 
ATOM   291  C CG  . PHE A 1 37 ? 14.72894  2.91896   5.03936   1.000 19.52000 ? 36  PHE A CG  1 
ATOM   292  C CD1 . PHE A 1 37 ? 14.34528  4.25362   5.06427   1.000 20.62000 ? 36  PHE A CD1 1 
ATOM   293  C CD2 . PHE A 1 37 ? 14.60893  2.20979   3.85434   1.000 16.11000 ? 36  PHE A CD2 1 
ATOM   294  C CE1 . PHE A 1 37 ? 13.83022  4.86203   3.93108   1.000 18.85000 ? 36  PHE A CE1 1 
ATOM   295  C CE2 . PHE A 1 37 ? 14.09349  2.79743   2.72657   1.000 14.28000 ? 36  PHE A CE2 1 
ATOM   296  C CZ  . PHE A 1 37 ? 13.70529  4.14157   2.75982   1.000 17.11000 ? 36  PHE A CZ  1 
ATOM   297  N N   . GLY A 1 38 ? 16.82587  3.40012   8.84504   1.000 19.26000 ? 37  GLY A N   1 
ATOM   298  C CA  . GLY A 1 38 ? 16.95105  3.24523   10.27374  1.000 18.12000 ? 37  GLY A CA  1 
ATOM   299  C C   . GLY A 1 38 ? 15.58212  3.05235   10.88095  1.000 17.99000 ? 37  GLY A C   1 
ATOM   300  O O   . GLY A 1 38 ? 14.56202  3.40018   10.28989  1.000 24.11000 ? 37  GLY A O   1 
ATOM   301  N N   . THR A 1 39 ? 15.55973  2.45673   12.06509  1.000 17.08000 ? 38  THR A N   1 
ATOM   302  C CA  . THR A 1 39 ? 14.31743  2.27221   12.78991  1.000 15.38000 ? 38  THR A CA  1 
ATOM   303  C C   . THR A 1 39 ? 14.43132  2.93931   14.14539  1.000 18.45000 ? 38  THR A C   1 
ATOM   304  O O   . THR A 1 39 ? 15.51390  3.03576   14.72491  1.000 21.34000 ? 38  THR A O   1 
ATOM   305  C CB  . THR A 1 39 ? 13.99996  0.78692   13.01504  1.000 15.66000 ? 38  THR A CB  1 
ATOM   306  O OG1 . THR A 1 39 ? 15.08838  0.17675   13.72287  1.000 16.28000 ? 38  THR A OG1 1 
ATOM   307  C CG2 . THR A 1 39 ? 13.77671  0.06891   11.67745  1.000 17.48000 ? 38  THR A CG2 1 
ATOM   308  N N   . GLY A 1 40 ? 13.28978  3.42295   14.62915  1.000 17.91000 ? 39  GLY A N   1 
ATOM   309  C CA  . GLY A 1 40 ? 13.09861  3.80207   16.00531  1.000 18.85000 ? 39  GLY A CA  1 
ATOM   310  C C   . GLY A 1 40 ? 12.39606  2.67308   16.73197  1.000 16.54000 ? 39  GLY A C   1 
ATOM   311  O O   . GLY A 1 40 ? 13.03959  1.76840   17.29475  1.000 20.17000 ? 39  GLY A O   1 
ATOM   312  N N   . ALA A 1 41 ? 11.07144  2.69301   16.71965  1.000 17.00000 ? 40  ALA A N   1 
ATOM   313  C CA  . ALA A 1 41 ? 10.30302  1.54571   17.17587  1.000 15.74000 ? 40  ALA A CA  1 
ATOM   314  C C   . ALA A 1 41 ? 10.55575  0.34539   16.26278  1.000 16.88000 ? 40  ALA A C   1 
ATOM   315  O O   . ALA A 1 41 ? 10.86828  0.50941   15.07529  1.000 16.61000 ? 40  ALA A O   1 
ATOM   316  C CB  . ALA A 1 41 ? 8.81590   1.87907   17.15841  1.000 14.56000 ? 40  ALA A CB  1 
ATOM   317  N N   . PRO A 1 42 ? 10.47144  -0.86820  16.79854  1.000 15.07000 ? 41  PRO A N   1 
ATOM   318  C CA  . PRO A 1 42 ? 10.47136  -2.04474  15.92175  1.000 15.36000 ? 41  PRO A CA  1 
ATOM   319  C C   . PRO A 1 42 ? 9.27702   -1.95533  14.98516  1.000 17.18000 ? 41  PRO A C   1 
ATOM   320  O O   . PRO A 1 42 ? 8.25209   -1.35076  15.30481  1.000 14.84000 ? 41  PRO A O   1 
ATOM   321  C CB  . PRO A 1 42 ? 10.33118  -3.21826  16.89970  1.000 16.75000 ? 41  PRO A CB  1 
ATOM   322  C CG  . PRO A 1 42 ? 9.70122   -2.62613  18.12823  1.000 16.99000 ? 41  PRO A CG  1 
ATOM   323  C CD  . PRO A 1 42 ? 10.23799  -1.21849  18.21139  1.000 17.30000 ? 41  PRO A CD  1 
ATOM   324  N N   A GLU A 1 43 ? 9.39709   -2.57826  13.82032  0.710 12.92000 ? 42  GLU A N   1 
ATOM   325  N N   B GLU A 1 43 ? 9.43398   -2.54770  13.79986  0.290 13.00000 ? 42  GLU A N   1 
ATOM   326  C CA  A GLU A 1 43 ? 8.32962   -2.46918  12.84181  0.710 12.66000 ? 42  GLU A CA  1 
ATOM   327  C CA  B GLU A 1 43 ? 8.45122   -2.44865  12.72984  0.290 12.77000 ? 42  GLU A CA  1 
ATOM   328  C C   A GLU A 1 43 ? 8.18551   -3.77907  12.08661  0.710 10.00000 ? 42  GLU A C   1 
ATOM   329  C C   B GLU A 1 43 ? 8.15552   -3.83201  12.16435  0.290 10.21000 ? 42  GLU A C   1 
ATOM   330  O O   A GLU A 1 43 ? 9.10323   -4.60673  12.03585  0.710 10.77000 ? 42  GLU A O   1 
ATOM   331  O O   B GLU A 1 43 ? 8.93776   -4.77221  12.32338  0.290 10.73000 ? 42  GLU A O   1 
ATOM   332  C CB  A GLU A 1 43 ? 8.61924   -1.36066  11.83913  0.710 14.35000 ? 42  GLU A CB  1 
ATOM   333  C CB  B GLU A 1 43 ? 8.96554   -1.56466  11.57865  0.290 12.69000 ? 42  GLU A CB  1 
ATOM   334  C CG  A GLU A 1 43 ? 9.87237   -1.63345  11.06683  0.710 11.46000 ? 42  GLU A CG  1 
ATOM   335  C CG  B GLU A 1 43 ? 9.32323   -0.13680  11.96460  0.290 12.26000 ? 42  GLU A CG  1 
ATOM   336  C CD  A GLU A 1 43 ? 10.35156  -0.44040  10.28117  0.710 19.57000 ? 42  GLU A CD  1 
ATOM   337  C CD  B GLU A 1 43 ? 10.16166  0.55773   10.90717  0.290 18.80000 ? 42  GLU A CD  1 
ATOM   338  O OE1 A GLU A 1 43 ? 10.99762  -0.66321  9.24076   0.710 18.47000 ? 42  GLU A OE1 1 
ATOM   339  O OE1 B GLU A 1 43 ? 10.50886  -0.09165  9.89732   0.290 18.08000 ? 42  GLU A OE1 1 
ATOM   340  O OE2 A GLU A 1 43 ? 10.08684  0.70786   10.70221  0.710 19.22000 ? 42  GLU A OE2 1 
ATOM   341  O OE2 B GLU A 1 43 ? 10.47435  1.75437   11.08405  0.290 19.18000 ? 42  GLU A OE2 1 
ATOM   342  N N   . ARG A 1 44 ? 7.00871   -3.94593  11.49494  1.000 9.92000  ? 43  ARG A N   1 
ATOM   343  C CA  . ARG A 1 44 ? 6.66672   -5.11553  10.69714  1.000 9.25000  ? 43  ARG A CA  1 
ATOM   344  C C   . ARG A 1 44 ? 6.36132   -4.63125  9.28945   1.000 11.07000 ? 43  ARG A C   1 
ATOM   345  O O   . ARG A 1 44 ? 5.47013   -3.79624  9.09588   1.000 10.16000 ? 43  ARG A O   1 
ATOM   346  C CB  . ARG A 1 44 ? 5.44679   -5.83097  11.27593  1.000 11.55000 ? 43  ARG A CB  1 
ATOM   347  C CG  . ARG A 1 44 ? 5.02950   -7.06852  10.48137  1.000 13.80000 ? 43  ARG A CG  1 
ATOM   348  C CD  . ARG A 1 44 ? 3.74295   -7.71474  11.01501  1.000 20.64000 ? 43  ARG A CD  1 
ATOM   349  N NE  . ARG A 1 44 ? 3.91493   -8.22037  12.37013  1.000 26.20000 ? 43  ARG A NE  1 
ATOM   350  C CZ  . ARG A 1 44 ? 2.94338   -8.30575  13.27400  1.000 36.02000 ? 43  ARG A CZ  1 
ATOM   351  N NH1 . ARG A 1 44 ? 3.20333   -8.78179  14.48713  1.000 35.54000 ? 43  ARG A NH1 1 
ATOM   352  N NH2 . ARG A 1 44 ? 1.71590   -7.91266  12.96993  1.000 28.19000 ? 43  ARG A NH2 1 
ATOM   353  N N   A MET A 1 45 ? 7.10553   -5.14580  8.32263   0.600 8.86000  ? 44  MET A N   1 
ATOM   354  N N   B MET A 1 45 ? 7.09792   -5.14878  8.31181   0.400 8.87000  ? 44  MET A N   1 
ATOM   355  C CA  A MET A 1 45 ? 6.91014   -4.84865  6.91416   0.600 8.79000  ? 44  MET A CA  1 
ATOM   356  C CA  B MET A 1 45 ? 6.90516   -4.81573  6.90566   0.400 8.85000  ? 44  MET A CA  1 
ATOM   357  C C   A MET A 1 45 ? 6.26506   -6.04656  6.23997   0.600 9.15000  ? 44  MET A C   1 
ATOM   358  C C   B MET A 1 45 ? 6.32110   -6.01119  6.16760   0.400 9.09000  ? 44  MET A C   1 
ATOM   359  O O   A MET A 1 45 ? 6.74169   -7.17882  6.38799   0.600 9.32000  ? 44  MET A O   1 
ATOM   360  O O   B MET A 1 45 ? 6.90712   -7.10086  6.18271   0.400 9.56000  ? 44  MET A O   1 
ATOM   361  C CB  A MET A 1 45 ? 8.25335   -4.57394  6.24954   0.600 10.55000 ? 44  MET A CB  1 
ATOM   362  C CB  B MET A 1 45 ? 8.23068   -4.43880  6.24830   0.400 10.73000 ? 44  MET A CB  1 
ATOM   363  C CG  A MET A 1 45 ? 8.90357   -3.29958  6.73306   0.600 15.04000 ? 44  MET A CG  1 
ATOM   364  C CG  B MET A 1 45 ? 8.93194   -3.25687  6.88629   0.400 15.04000 ? 44  MET A CG  1 
ATOM   365  S SD  A MET A 1 45 ? 8.49116   -1.94690  5.63452   0.600 13.87000 ? 44  MET A SD  1 
ATOM   366  S SD  B MET A 1 45 ? 9.91974   -2.34442  5.69098   0.400 17.87000 ? 44  MET A SD  1 
ATOM   367  C CE  A MET A 1 45 ? 9.51465   -2.37395  4.23424   0.600 13.60000 ? 44  MET A CE  1 
ATOM   368  C CE  B MET A 1 45 ? 9.13408   -0.73387  5.75565   0.400 10.02000 ? 44  MET A CE  1 
ATOM   369  N N   . THR A 1 46 ? 5.18029   -5.80526  5.51472   1.000 8.91000  ? 45  THR A N   1 
ATOM   370  C CA  . THR A 1 46 ? 4.54023   -6.83552  4.70655   1.000 8.19000  ? 45  THR A CA  1 
ATOM   371  C C   . THR A 1 46 ? 4.70164   -6.45043  3.24518   1.000 8.14000  ? 45  THR A C   1 
ATOM   372  O O   . THR A 1 46 ? 4.45218   -5.29632  2.86982   1.000 8.67000  ? 45  THR A O   1 
ATOM   373  C CB  . THR A 1 46 ? 3.06380   -6.95410  5.05710   1.000 10.76000 ? 45  THR A CB  1 
ATOM   374  O OG1 . THR A 1 46 ? 2.93129   -7.24713  6.45680   1.000 12.30000 ? 45  THR A OG1 1 
ATOM   375  C CG2 . THR A 1 46 ? 2.39938   -8.04497  4.21971   1.000 11.96000 ? 45  THR A CG2 1 
ATOM   376  N N   . VAL A 1 47 ? 5.17329   -7.38181  2.42945   1.000 8.31000  ? 46  VAL A N   1 
ATOM   377  C CA  . VAL A 1 47 ? 5.29808   -7.12278  1.00018   1.000 7.83000  ? 46  VAL A CA  1 
ATOM   378  C C   . VAL A 1 47 ? 3.91776   -7.24773  0.36031   1.000 7.66000  ? 46  VAL A C   1 
ATOM   379  O O   . VAL A 1 47 ? 3.25498   -8.28066  0.47832   1.000 8.67000  ? 46  VAL A O   1 
ATOM   380  C CB  . VAL A 1 47 ? 6.31839   -8.07468  0.36138   1.000 8.12000  ? 46  VAL A CB  1 
ATOM   381  C CG1 . VAL A 1 47 ? 6.45322   -7.79965  -1.14323  1.000 9.36000  ? 46  VAL A CG1 1 
ATOM   382  C CG2 . VAL A 1 47 ? 7.67648   -7.94614  1.06281   1.000 10.98000 ? 46  VAL A CG2 1 
ATOM   383  N N   . VAL A 1 48 ? 3.47033   -6.19040  -0.30261  1.000 7.58000  ? 47  VAL A N   1 
ATOM   384  C CA  . VAL A 1 48 ? 2.16016   -6.17712  -0.95292  1.000 8.34000  ? 47  VAL A CA  1 
ATOM   385  C C   . VAL A 1 48 ? 2.24007   -6.66694  -2.39244  1.000 9.52000  ? 47  VAL A C   1 
ATOM   386  O O   . VAL A 1 48 ? 1.41329   -7.47460  -2.82634  1.000 11.15000 ? 47  VAL A O   1 
ATOM   387  C CB  . VAL A 1 48 ? 1.55481   -4.76095  -0.85481  1.000 8.81000  ? 47  VAL A CB  1 
ATOM   388  C CG1 . VAL A 1 48 ? 0.29208   -4.65823  -1.73074  1.000 10.37000 ? 47  VAL A CG1 1 
ATOM   389  C CG2 . VAL A 1 48 ? 1.26185   -4.40858  0.61445   1.000 9.43000  ? 47  VAL A CG2 1 
ATOM   390  N N   . LYS A 1 49 ? 3.22936   -6.19729  -3.15741  1.000 8.20000  ? 48  LYS A N   1 
ATOM   391  C CA  . LYS A 1 49 ? 3.41866   -6.64255  -4.53348  1.000 8.75000  ? 48  LYS A CA  1 
ATOM   392  C C   . LYS A 1 49 ? 4.87852   -6.40283  -4.87612  1.000 8.77000  ? 48  LYS A C   1 
ATOM   393  O O   . LYS A 1 49 ? 5.38769   -5.30141  -4.64677  1.000 10.20000 ? 48  LYS A O   1 
ATOM   394  C CB  . LYS A 1 49 ? 2.52387   -5.86545  -5.50008  1.000 11.30000 ? 48  LYS A CB  1 
ATOM   395  C CG  . LYS A 1 49 ? 2.57753   -6.42697  -6.92990  1.000 13.12000 ? 48  LYS A CG  1 
ATOM   396  C CD  . LYS A 1 49 ? 1.49601   -5.86262  -7.83373  1.000 15.16000 ? 48  LYS A CD  1 
ATOM   397  C CE  . LYS A 1 49 ? 1.59260   -6.47642  -9.23687  1.000 16.94000 ? 48  LYS A CE  1 
ATOM   398  N NZ  . LYS A 1 49 ? 0.39153   -6.16259  -10.06323 1.000 18.69000 ? 48  LYS A NZ  1 
ATOM   399  N N   . GLY A 1 50 ? 5.54683   -7.41776  -5.41221  1.000 9.54000  ? 49  GLY A N   1 
ATOM   400  C CA  . GLY A 1 50 ? 6.97821   -7.31667  -5.65870  1.000 8.71000  ? 49  GLY A CA  1 
ATOM   401  C C   . GLY A 1 50 ? 7.77815   -8.14244  -4.67248  1.000 8.34000  ? 49  GLY A C   1 
ATOM   402  O O   . GLY A 1 50 ? 7.31350   -9.17716  -4.18638  1.000 9.51000  ? 49  GLY A O   1 
ATOM   403  N N   . ALA A 1 51 ? 8.99270   -7.70184  -4.35726  1.000 8.28000  ? 50  ALA A N   1 
ATOM   404  C CA  . ALA A 1 51 ? 9.83336   -8.43291  -3.41920  1.000 9.52000  ? 50  ALA A CA  1 
ATOM   405  C C   . ALA A 1 51 ? 10.86848  -7.47982  -2.84604  1.000 7.90000  ? 50  ALA A C   1 
ATOM   406  O O   . ALA A 1 51 ? 11.32241  -6.55135  -3.52870  1.000 9.89000  ? 50  ALA A O   1 
ATOM   407  C CB  . ALA A 1 51 ? 10.54317  -9.61194  -4.10875  1.000 9.08000  ? 50  ALA A CB  1 
ATOM   408  N N   . LEU A 1 52 ? 11.24685  -7.71595  -1.59603  1.000 8.24000  ? 51  LEU A N   1 
ATOM   409  C CA  . LEU A 1 52 ? 12.30705  -6.95859  -0.94351  1.000 8.33000  ? 51  LEU A CA  1 
ATOM   410  C C   . LEU A 1 52 ? 13.37075  -7.93608  -0.47537  1.000 12.01000 ? 51  LEU A C   1 
ATOM   411  O O   . LEU A 1 52 ? 13.06571  -8.88557  0.24881   1.000 10.19000 ? 51  LEU A O   1 
ATOM   412  C CB  . LEU A 1 52 ? 11.76542  -6.18179  0.25756   1.000 9.61000  ? 51  LEU A CB  1 
ATOM   413  C CG  . LEU A 1 52 ? 10.67353  -5.16104  -0.04123  1.000 7.68000  ? 51  LEU A CG  1 
ATOM   414  C CD1 . LEU A 1 52 ? 10.15121  -4.57944  1.26140   1.000 10.54000 ? 51  LEU A CD1 1 
ATOM   415  C CD2 . LEU A 1 52 ? 11.18911  -4.05501  -0.96430  1.000 9.49000  ? 51  LEU A CD2 1 
ATOM   416  N N   . THR A 1 53 ? 14.62078  -7.68933  -0.85514  1.000 10.68000 ? 52  THR A N   1 
ATOM   417  C CA  . THR A 1 53 ? 15.73695  -8.51295  -0.40685  1.000 10.94000 ? 52  THR A CA  1 
ATOM   418  C C   . THR A 1 53 ? 16.50047  -7.72827  0.65206   1.000 10.91000 ? 52  THR A C   1 
ATOM   419  O O   . THR A 1 53 ? 17.01249  -6.63454  0.37357   1.000 12.46000 ? 52  THR A O   1 
ATOM   420  C CB  . THR A 1 53 ? 16.62005  -8.90052  -1.59445  1.000 10.79000 ? 52  THR A CB  1 
ATOM   421  O OG1 . THR A 1 53 ? 15.86404  -9.68629  -2.51778  1.000 13.72000 ? 52  THR A OG1 1 
ATOM   422  C CG2 . THR A 1 53 ? 17.83353  -9.69314  -1.13643  1.000 16.55000 ? 52  THR A CG2 1 
ATOM   423  N N   . ILE A 1 54 ? 16.53484  -8.24497  1.87660   1.000 10.71000 ? 53  ILE A N   1 
ATOM   424  C CA  . ILE A 1 54 ? 16.93099  -7.42866  3.01286   1.000 11.52000 ? 53  ILE A CA  1 
ATOM   425  C C   . ILE A 1 54 ? 18.13153  -8.02351  3.73687   1.000 14.26000 ? 53  ILE A C   1 
ATOM   426  O O   . ILE A 1 54 ? 18.40678  -9.22787  3.67680   1.000 13.09000 ? 53  ILE A O   1 
ATOM   427  C CB  . ILE A 1 54 ? 15.77699  -7.15472  4.00110   1.000 13.83000 ? 53  ILE A CB  1 
ATOM   428  C CG1 . ILE A 1 54 ? 15.39201  -8.43360  4.75280   1.000 13.29000 ? 53  ILE A CG1 1 
ATOM   429  C CG2 . ILE A 1 54 ? 14.57117  -6.53767  3.26768   1.000 12.86000 ? 53  ILE A CG2 1 
ATOM   430  C CD1 . ILE A 1 54 ? 14.39310  -8.21717  5.86341   1.000 15.74000 ? 53  ILE A CD1 1 
ATOM   431  N N   . LYS A 1 55 ? 18.83251  -7.15388  4.45862   1.000 11.32000 ? 54  LYS A N   1 
ATOM   432  C CA  . LYS A 1 55 ? 19.89317  -7.57800  5.36647   1.000 14.92000 ? 54  LYS A CA  1 
ATOM   433  C C   . LYS A 1 55 ? 19.76917  -6.76064  6.64264   1.000 13.90000 ? 54  LYS A C   1 
ATOM   434  O O   . LYS A 1 55 ? 20.03521  -5.55287  6.64405   1.000 14.35000 ? 54  LYS A O   1 
ATOM   435  C CB  . LYS A 1 55 ? 21.28087  -7.42913  4.74468   1.000 15.98000 ? 54  LYS A CB  1 
ATOM   436  C CG  . LYS A 1 55 ? 22.35711  -8.08119  5.60077   1.000 24.42000 ? 54  LYS A CG  1 
ATOM   437  C CD  . LYS A 1 55 ? 23.56272  -8.50023  4.78548   1.000 28.43000 ? 54  LYS A CD  1 
ATOM   438  C CE  . LYS A 1 55 ? 24.54900  -9.26739  5.65808   1.000 36.57000 ? 54  LYS A CE  1 
ATOM   439  N NZ  . LYS A 1 55 ? 25.34414  -10.24290 4.86041   1.000 45.87000 ? 54  LYS A NZ  1 
ATOM   440  N N   . ARG A 1 56 ? 19.31869  -7.40869  7.71057   1.000 13.03000 ? 55  ARG A N   1 
ATOM   441  C CA  . ARG A 1 56 ? 19.25055  -6.81983  9.03593   1.000 14.43000 ? 55  ARG A CA  1 
ATOM   442  C C   . ARG A 1 56 ? 20.49536  -7.22279  9.81761   1.000 22.10000 ? 55  ARG A C   1 
ATOM   443  O O   . ARG A 1 56 ? 21.30517  -8.02722  9.35864   1.000 22.32000 ? 55  ARG A O   1 
ATOM   444  C CB  . ARG A 1 56 ? 17.99313  -7.30327  9.76871   1.000 15.27000 ? 55  ARG A CB  1 
ATOM   445  C CG  . ARG A 1 56 ? 16.68777  -6.99558  9.03082   1.000 14.29000 ? 55  ARG A CG  1 
ATOM   446  C CD  . ARG A 1 56 ? 15.55674  -7.90322  9.49946   1.000 10.81000 ? 55  ARG A CD  1 
ATOM   447  N NE  . ARG A 1 56 ? 15.75445  -9.26438  9.01646   1.000 10.78000 ? 55  ARG A NE  1 
ATOM   448  C CZ  . ARG A 1 56 ? 14.85948  -10.23794 9.13358   1.000 11.18000 ? 55  ARG A CZ  1 
ATOM   449  N NH1 . ARG A 1 56 ? 15.14356  -11.44109 8.65454   1.000 13.50000 ? 55  ARG A NH1 1 
ATOM   450  N NH2 . ARG A 1 56 ? 13.68240  -10.01540 9.72015   1.000 10.70000 ? 55  ARG A NH2 1 
ATOM   451  N N   . VAL A 1 57 ? 20.62694  -6.66697  11.02646  1.000 19.85000 ? 56  VAL A N   1 
ATOM   452  C CA  . VAL A 1 57 ? 21.79823  -6.95741  11.85032  1.000 23.81000 ? 56  VAL A CA  1 
ATOM   453  C C   . VAL A 1 57 ? 21.90484  -8.43815  12.19933  1.000 29.22000 ? 56  VAL A C   1 
ATOM   454  O O   . VAL A 1 57 ? 23.00364  -8.92625  12.48251  1.000 34.93000 ? 56  VAL A O   1 
ATOM   455  C CB  . VAL A 1 57 ? 21.85766  -6.05376  13.10502  1.000 24.80000 ? 56  VAL A CB  1 
ATOM   456  C CG1 . VAL A 1 57 ? 21.92400  -4.59052  12.70227  1.000 27.79000 ? 56  VAL A CG1 1 
ATOM   457  C CG2 . VAL A 1 57 ? 20.67801  -6.31644  14.02764  1.000 25.94000 ? 56  VAL A CG2 1 
ATOM   458  N N   . THR A 1 58 ? 20.79244  -9.17142  12.18473  1.000 22.66000 ? 57  THR A N   1 
ATOM   459  C CA  . THR A 1 58 ? 20.79176  -10.58473 12.54481  1.000 27.02000 ? 57  THR A CA  1 
ATOM   460  C C   . THR A 1 58 ? 20.88111  -11.51117 11.33717  1.000 25.05000 ? 57  THR A C   1 
ATOM   461  O O   . THR A 1 58 ? 20.95027  -12.73290 11.51298  1.000 23.51000 ? 57  THR A O   1 
ATOM   462  C CB  . THR A 1 58 ? 19.52514  -10.92440 13.33285  1.000 22.75000 ? 57  THR A CB  1 
ATOM   463  O OG1 . THR A 1 58 ? 18.38854  -10.37541 12.65186  1.000 24.82000 ? 57  THR A OG1 1 
ATOM   464  C CG2 . THR A 1 58 ? 19.59217  -10.33581 14.72768  1.000 24.31000 ? 57  THR A CG2 1 
ATOM   465  N N   . ASP A 1 59 ? 20.90168  -10.97005 10.11903  1.000 20.56000 ? 58  ASP A N   1 
ATOM   466  C CA  . ASP A 1 59 ? 20.92637  -11.79274 8.91799   1.000 21.75000 ? 58  ASP A CA  1 
ATOM   467  C C   . ASP A 1 59 ? 22.37115  -12.03112 8.50432   1.000 27.93000 ? 58  ASP A C   1 
ATOM   468  O O   . ASP A 1 59 ? 23.09757  -11.08094 8.18976   1.000 29.77000 ? 58  ASP A O   1 
ATOM   469  C CB  . ASP A 1 59 ? 20.18909  -11.09395 7.77780   1.000 20.59000 ? 58  ASP A CB  1 
ATOM   470  C CG  . ASP A 1 59 ? 18.68771  -10.98117 8.01787   1.000 17.46000 ? 58  ASP A CG  1 
ATOM   471  O OD1 . ASP A 1 59 ? 18.06679  -11.96185 8.48204   1.000 16.96000 ? 58  ASP A OD1 1 
ATOM   472  O OD2 . ASP A 1 59 ? 18.12608  -9.90764  7.70838   1.000 15.90000 ? 58  ASP A OD2 1 
ATOM   473  N N   . ALA A 1 60 ? 22.78169  -13.30029 8.49222   1.000 33.85000 ? 59  ALA A N   1 
ATOM   474  C CA  . ALA A 1 60 ? 24.10650  -13.63149 7.98074   1.000 29.89000 ? 59  ALA A CA  1 
ATOM   475  C C   . ALA A 1 60 ? 24.15763  -13.50671 6.46336   1.000 33.07000 ? 59  ALA A C   1 
ATOM   476  O O   . ALA A 1 60 ? 25.22878  -13.26593 5.89527   1.000 31.48000 ? 59  ALA A O   1 
ATOM   477  C CB  . ALA A 1 60 ? 24.51031  -15.03442 8.43087   1.000 31.59000 ? 59  ALA A CB  1 
ATOM   478  N N   . ASP A 1 61 ? 23.01665  -13.66534 5.79402   1.000 27.43000 ? 60  ASP A N   1 
ATOM   479  C CA  . ASP A 1 61 ? 22.91557  -13.52983 4.35295   1.000 21.07000 ? 60  ASP A CA  1 
ATOM   480  C C   . ASP A 1 61 ? 21.72341  -12.64242 4.02107   1.000 17.39000 ? 60  ASP A C   1 
ATOM   481  O O   . ASP A 1 61 ? 20.86189  -12.38289 4.86518   1.000 24.63000 ? 60  ASP A O   1 
ATOM   482  C CB  . ASP A 1 61 ? 22.69380  -14.89670 3.69015   1.000 29.85000 ? 60  ASP A CB  1 
ATOM   483  C CG  . ASP A 1 61 ? 23.77495  -15.90269 4.04691   1.000 38.39000 ? 60  ASP A CG  1 
ATOM   484  O OD1 . ASP A 1 61 ? 24.85015  -15.86744 3.41256   1.000 45.78000 ? 60  ASP A OD1 1 
ATOM   485  O OD2 . ASP A 1 61 ? 23.54774  -16.72514 4.95819   1.000 42.18000 ? 60  ASP A OD2 1 
ATOM   486  N N   . TRP A 1 62 ? 21.68686  -12.16899 2.77763   1.000 17.37000 ? 61  TRP A N   1 
ATOM   487  C CA  . TRP A 1 62 ? 20.52081  -11.43392 2.29932   1.000 17.34000 ? 61  TRP A CA  1 
ATOM   488  C C   . TRP A 1 62 ? 19.33936  -12.39279 2.19076   1.000 19.80000 ? 61  TRP A C   1 
ATOM   489  O O   . TRP A 1 62 ? 19.50388  -13.56165 1.82935   1.000 21.17000 ? 61  TRP A O   1 
ATOM   490  C CB  . TRP A 1 62 ? 20.83177  -10.80172 0.94259   1.000 16.31000 ? 61  TRP A CB  1 
ATOM   491  C CG  . TRP A 1 62 ? 21.88206  -9.69924  1.01799   1.000 15.73000 ? 61  TRP A CG  1 
ATOM   492  C CD1 . TRP A 1 62 ? 23.24597  -9.85390  1.02788   1.000 17.13000 ? 61  TRP A CD1 1 
ATOM   493  C CD2 . TRP A 1 62 ? 21.64150  -8.28836  1.08726   1.000 18.21000 ? 61  TRP A CD2 1 
ATOM   494  N NE1 . TRP A 1 62 ? 23.86081  -8.62400  1.11314   1.000 17.13000 ? 61  TRP A NE1 1 
ATOM   495  C CE2 . TRP A 1 62 ? 22.89824  -7.64741  1.14140   1.000 14.65000 ? 61  TRP A CE2 1 
ATOM   496  C CE3 . TRP A 1 62 ? 20.48305  -7.50073  1.11171   1.000 16.67000 ? 61  TRP A CE3 1 
ATOM   497  C CZ2 . TRP A 1 62 ? 23.03087  -6.26231  1.21832   1.000 16.08000 ? 61  TRP A CZ2 1 
ATOM   498  C CZ3 . TRP A 1 62 ? 20.61678  -6.12881  1.18336   1.000 16.98000 ? 61  TRP A CZ3 1 
ATOM   499  C CH2 . TRP A 1 62 ? 21.88265  -5.51978  1.22839   1.000 16.09000 ? 61  TRP A CH2 1 
ATOM   500  N N   . VAL A 1 63 ? 18.14088  -11.90555 2.51425   1.000 15.98000 ? 62  VAL A N   1 
ATOM   501  C CA  . VAL A 1 63 ? 16.93569  -12.73083 2.49558   1.000 16.07000 ? 62  VAL A CA  1 
ATOM   502  C C   . VAL A 1 63 ? 15.87529  -12.03677 1.65359   1.000 13.60000 ? 62  VAL A C   1 
ATOM   503  O O   . VAL A 1 63 ? 15.56247  -10.85922 1.88133   1.000 13.02000 ? 62  VAL A O   1 
ATOM   504  C CB  . VAL A 1 63 ? 16.39331  -12.97917 3.91597   1.000 15.30000 ? 62  VAL A CB  1 
ATOM   505  C CG1 . VAL A 1 63 ? 15.11198  -13.81893 3.85079   1.000 16.82000 ? 62  VAL A CG1 1 
ATOM   506  C CG2 . VAL A 1 63 ? 17.44295  -13.66266 4.78183   1.000 23.96000 ? 62  VAL A CG2 1 
ATOM   507  N N   . THR A 1 64 ? 15.28007  -12.77514 0.72633   1.000 12.87000 ? 63  THR A N   1 
ATOM   508  C CA  . THR A 1 64 ? 14.25847  -12.23362 -0.16069  1.000 11.90000 ? 63  THR A CA  1 
ATOM   509  C C   . THR A 1 64 ? 12.88118  -12.53448 0.41223   1.000 12.95000 ? 63  THR A C   1 
ATOM   510  O O   . THR A 1 64 ? 12.54188  -13.70066 0.65831   1.000 15.35000 ? 63  THR A O   1 
ATOM   511  C CB  . THR A 1 64 ? 14.35644  -12.82135 -1.56827  1.000 13.82000 ? 63  THR A CB  1 
ATOM   512  O OG1 . THR A 1 64 ? 15.62271  -12.47662 -2.14782  1.000 14.97000 ? 63  THR A OG1 1 
ATOM   513  C CG2 . THR A 1 64 ? 13.25071  -12.26793 -2.45412  1.000 14.90000 ? 63  THR A CG2 1 
ATOM   514  N N   . PHE A 1 65 ? 12.07516  -11.49023 0.56161   1.000 9.27000  ? 64  PHE A N   1 
ATOM   515  C CA  . PHE A 1 65 ? 10.69459  -11.58579 1.01654   1.000 9.00000  ? 64  PHE A CA  1 
ATOM   516  C C   . PHE A 1 65 ? 9.80761   -11.23240 -0.16406  1.000 9.65000  ? 64  PHE A C   1 
ATOM   517  O O   . PHE A 1 65 ? 9.93741   -10.14708 -0.74292  1.000 10.09000 ? 64  PHE A O   1 
ATOM   518  C CB  . PHE A 1 65 ? 10.45043  -10.64072 2.19726   1.000 9.89000  ? 64  PHE A CB  1 
ATOM   519  C CG  . PHE A 1 65 ? 11.07865  -11.11542 3.47593   1.000 10.38000 ? 64  PHE A CG  1 
ATOM   520  C CD1 . PHE A 1 65 ? 12.40822  -10.82643 3.77209   1.000 11.82000 ? 64  PHE A CD1 1 
ATOM   521  C CD2 . PHE A 1 65 ? 10.35052  -11.88450 4.37659   1.000 12.35000 ? 64  PHE A CD2 1 
ATOM   522  C CE1 . PHE A 1 65 ? 12.98294  -11.30090 4.94441   1.000 15.45000 ? 64  PHE A CE1 1 
ATOM   523  C CE2 . PHE A 1 65 ? 10.94395  -12.36052 5.54357   1.000 13.04000 ? 64  PHE A CE2 1 
ATOM   524  C CZ  . PHE A 1 65 ? 12.24047  -12.06980 5.81908   1.000 14.82000 ? 64  PHE A CZ  1 
ATOM   525  N N   . THR A 1 66 ? 8.92001   -12.15360 -0.52993  1.000 8.40000  ? 65  THR A N   1 
ATOM   526  C CA  . THR A 1 66 ? 8.03605   -11.98603 -1.66807  1.000 10.36000 ? 65  THR A CA  1 
ATOM   527  C C   . THR A 1 66 ? 6.64332   -11.58424 -1.18459  1.000 7.88000  ? 65  THR A C   1 
ATOM   528  O O   . THR A 1 66 ? 6.38392   -11.47323 0.01617   1.000 8.51000  ? 65  THR A O   1 
ATOM   529  C CB  . THR A 1 66 ? 8.01672   -13.27502 -2.48788  1.000 11.73000 ? 65  THR A CB  1 
ATOM   530  O OG1 . THR A 1 66 ? 7.58638   -14.35926 -1.65119  1.000 12.21000 ? 65  THR A OG1 1 
ATOM   531  C CG2 . THR A 1 66 ? 9.40918   -13.58202 -3.00736  1.000 12.97000 ? 65  THR A CG2 1 
ATOM   532  N N   . ALA A 1 67 ? 5.73974   -11.36293 -2.14121  1.000 9.83000  ? 66  ALA A N   1 
ATOM   533  C CA  . ALA A 1 67 ? 4.41543   -10.84220 -1.83785  1.000 10.02000 ? 66  ALA A CA  1 
ATOM   534  C C   . ALA A 1 67 ? 3.68722   -11.75710 -0.86420  1.000 9.81000  ? 66  ALA A C   1 
ATOM   535  O O   . ALA A 1 67 ? 3.64448   -12.98163 -1.04323  1.000 10.79000 ? 66  ALA A O   1 
ATOM   536  C CB  . ALA A 1 67 ? 3.60779   -10.69937 -3.13089  1.000 12.72000 ? 66  ALA A CB  1 
ATOM   537  N N   . GLY A 1 68 ? 3.07919   -11.15734 0.15528   1.000 8.45000  ? 67  GLY A N   1 
ATOM   538  C CA  . GLY A 1 68 ? 2.39544   -11.89980 1.18940   1.000 9.23000  ? 67  GLY A CA  1 
ATOM   539  C C   . GLY A 1 68 ? 3.24552   -12.23510 2.39484   1.000 10.17000 ? 67  GLY A C   1 
ATOM   540  O O   . GLY A 1 68 ? 2.69540   -12.59519 3.44519   1.000 12.56000 ? 67  GLY A O   1 
ATOM   541  N N   . GLU A 1 69 ? 4.56141   -12.14827 2.27018   1.000 8.60000  ? 68  GLU A N   1 
ATOM   542  C CA  . GLU A 1 69 ? 5.46490   -12.41330 3.37076   1.000 8.98000  ? 68  GLU A CA  1 
ATOM   543  C C   . GLU A 1 69 ? 5.67721   -11.15356 4.20280   1.000 7.86000  ? 68  GLU A C   1 
ATOM   544  O O   . GLU A 1 69 ? 5.45657   -10.02402 3.74726   1.000 9.29000  ? 68  GLU A O   1 
ATOM   545  C CB  . GLU A 1 69 ? 6.79399   -12.95615 2.84976   1.000 7.69000  ? 68  GLU A CB  1 
ATOM   546  C CG  . GLU A 1 69 ? 6.61336   -14.22414 2.01915   1.000 7.95000  ? 68  GLU A CG  1 
ATOM   547  C CD  . GLU A 1 69 ? 7.90353   -14.94060 1.75938   1.000 9.40000  ? 68  GLU A CD  1 
ATOM   548  O OE1 . GLU A 1 69 ? 8.92897   -14.27904 1.49812   1.000 11.59000 ? 68  GLU A OE1 1 
ATOM   549  O OE2 . GLU A 1 69 ? 7.92713   -16.17985 1.81594   1.000 10.15000 ? 68  GLU A OE2 1 
ATOM   550  N N   . ALA A 1 70 ? 6.04801   -11.35722 5.46140   1.000 7.97000  ? 69  ALA A N   1 
ATOM   551  C CA  . ALA A 1 70 ? 6.22804   -10.24080 6.36695   1.000 8.93000  ? 69  ALA A CA  1 
ATOM   552  C C   . ALA A 1 70 ? 7.46749   -10.48378 7.19619   1.000 9.58000  ? 69  ALA A C   1 
ATOM   553  O O   . ALA A 1 70 ? 7.70337   -11.60465 7.65877   1.000 8.18000  ? 69  ALA A O   1 
ATOM   554  C CB  . ALA A 1 70 ? 5.02281   -10.07602 7.30039   1.000 10.43000 ? 69  ALA A CB  1 
ATOM   555  N N   . PHE A 1 71 ? 8.21391   -9.41275  7.45019   1.000 7.75000  ? 70  PHE A N   1 
ATOM   556  C CA  . PHE A 1 71 ? 9.40018   -9.48375  8.28229   1.000 8.51000  ? 70  PHE A CA  1 
ATOM   557  C C   . PHE A 1 71 ? 9.34297   -8.38422  9.32707   1.000 9.00000  ? 70  PHE A C   1 
ATOM   558  O O   . PHE A 1 71 ? 8.65113   -7.37263  9.16765   1.000 9.78000  ? 70  PHE A O   1 
ATOM   559  C CB  . PHE A 1 71 ? 10.71027  -9.38365  7.47374   1.000 9.87000  ? 70  PHE A CB  1 
ATOM   560  C CG  . PHE A 1 71 ? 10.86682  -8.11195  6.66936   1.000 9.14000  ? 70  PHE A CG  1 
ATOM   561  C CD1 . PHE A 1 71 ? 10.45688  -8.06548  5.34015   1.000 9.98000  ? 70  PHE A CD1 1 
ATOM   562  C CD2 . PHE A 1 71 ? 11.48346  -6.98027  7.21918   1.000 10.49000 ? 70  PHE A CD2 1 
ATOM   563  C CE1 . PHE A 1 71 ? 10.62912  -6.90873  4.56925   1.000 10.63000 ? 70  PHE A CE1 1 
ATOM   564  C CE2 . PHE A 1 71 ? 11.65774  -5.81747  6.45332   1.000 11.99000 ? 70  PHE A CE2 1 
ATOM   565  C CZ  . PHE A 1 71 ? 11.23647  -5.79088  5.12257   1.000 11.02000 ? 70  PHE A CZ  1 
ATOM   566  N N   . GLU A 1 72 ? 10.05834  -8.60083  10.41209  1.000 8.17000  ? 71  GLU A N   1 
ATOM   567  C CA  . GLU A 1 72 ? 10.16066  -7.59852  11.45699  1.000 10.18000 ? 71  GLU A CA  1 
ATOM   568  C C   . GLU A 1 72 ? 11.58513  -7.08088  11.55475  1.000 9.47000  ? 71  GLU A C   1 
ATOM   569  O O   . GLU A 1 72 ? 12.55314  -7.79399  11.27149  1.000 12.19000 ? 71  GLU A O   1 
ATOM   570  C CB  . GLU A 1 72 ? 9.66585   -8.13840  12.80452  1.000 13.12000 ? 71  GLU A CB  1 
ATOM   571  C CG  . GLU A 1 72 ? 8.20119   -8.49904  12.71718  1.000 14.37000 ? 71  GLU A CG  1 
ATOM   572  C CD  . GLU A 1 72 ? 7.51599   -8.63596  14.05698  1.000 17.00000 ? 71  GLU A CD  1 
ATOM   573  O OE1 . GLU A 1 72 ? 8.20578   -8.58135  15.10671  1.000 22.20000 ? 71  GLU A OE1 1 
ATOM   574  O OE2 . GLU A 1 72 ? 6.27473   -8.80991  14.05504  1.000 16.51000 ? 71  GLU A OE2 1 
ATOM   575  N N   . VAL A 1 73 ? 11.70197  -5.80154  11.89882  1.000 10.97000 ? 72  VAL A N   1 
ATOM   576  C CA  . VAL A 1 73 ? 12.99434  -5.15861  12.08954  1.000 12.46000 ? 72  VAL A CA  1 
ATOM   577  C C   . VAL A 1 73 ? 13.05562  -4.68069  13.53156  1.000 12.30000 ? 72  VAL A C   1 
ATOM   578  O O   . VAL A 1 73 ? 12.08364  -4.11490  14.04500  1.000 12.49000 ? 72  VAL A O   1 
ATOM   579  C CB  . VAL A 1 73 ? 13.21859  -3.99243  11.10736  1.000 11.65000 ? 72  VAL A CB  1 
ATOM   580  C CG1 . VAL A 1 73 ? 14.66462  -3.48250  11.20761  1.000 13.57000 ? 72  VAL A CG1 1 
ATOM   581  C CG2 . VAL A 1 73 ? 12.90204  -4.42052  9.66777   1.000 13.09000 ? 72  VAL A CG2 1 
ATOM   582  N N   . ALA A 1 74 ? 14.18214  -4.94511  14.18635  1.000 13.40000 ? 73  ALA A N   1 
ATOM   583  C CA  . ALA A 1 74 ? 14.36339  -4.55573  15.57409  1.000 17.06000 ? 73  ALA A CA  1 
ATOM   584  C C   . ALA A 1 74 ? 14.27366  -3.04056  15.71467  1.000 16.28000 ? 73  ALA A C   1 
ATOM   585  O O   . ALA A 1 74 ? 14.54423  -2.28182  14.77565  1.000 16.72000 ? 73  ALA A O   1 
ATOM   586  C CB  . ALA A 1 74 ? 15.73162  -5.02682  16.05779  1.000 16.13000 ? 73  ALA A CB  1 
ATOM   587  N N   . GLY A 1 75 ? 13.89217  -2.60582  16.90971  1.000 20.10000 ? 74  GLY A N   1 
ATOM   588  C CA  . GLY A 1 75 ? 13.89832  -1.19490  17.21305  1.000 19.42000 ? 74  GLY A CA  1 
ATOM   589  C C   . GLY A 1 75 ? 15.29911  -0.62312  17.28026  1.000 21.30000 ? 74  GLY A C   1 
ATOM   590  O O   . GLY A 1 75 ? 16.28758  -1.32980  17.49231  1.000 17.58000 ? 74  GLY A O   1 
ATOM   591  N N   . ASN A 1 76 ? 15.36305  0.69535   17.06820  1.000 21.99000 ? 75  ASN A N   1 
ATOM   592  C CA  . ASN A 1 76 ? 16.59755  1.46081   17.20683  1.000 25.56000 ? 75  ASN A CA  1 
ATOM   593  C C   . ASN A 1 76 ? 17.75448  0.75913   16.49730  1.000 23.92000 ? 75  ASN A C   1 
ATOM   594  O O   . ASN A 1 76 ? 18.81688  0.51335   17.06292  1.000 27.09000 ? 75  ASN A O   1 
ATOM   595  C CB  . ASN A 1 76 ? 16.87268  1.80469   18.67649  1.000 26.94000 ? 75  ASN A CB  1 
ATOM   596  C CG  . ASN A 1 76 ? 15.69381  2.56942   19.33333  1.000 31.10000 ? 75  ASN A CG  1 
ATOM   597  O OD1 . ASN A 1 76 ? 15.36666  3.69228   18.94911  1.000 31.58000 ? 75  ASN A OD1 1 
ATOM   598  N ND2 . ASN A 1 76 ? 15.06677  1.94902   20.32565  1.000 31.01000 ? 75  ASN A ND2 1 
ATOM   599  N N   . SER A 1 77 ? 17.51440  0.41462   15.23019  1.000 20.79000 ? 76  SER A N   1 
ATOM   600  C CA  . SER A 1 77 ? 18.41178  -0.40668  14.42783  1.000 18.83000 ? 76  SER A CA  1 
ATOM   601  C C   . SER A 1 77 ? 18.45668  0.15430   13.00963  1.000 20.18000 ? 76  SER A C   1 
ATOM   602  O O   . SER A 1 77 ? 18.02308  1.28133   12.75782  1.000 23.87000 ? 76  SER A O   1 
ATOM   603  C CB  . SER A 1 77 ? 17.95725  -1.87217  14.46382  1.000 18.91000 ? 76  SER A CB  1 
ATOM   604  O OG  . SER A 1 77 ? 18.98813  -2.72910  14.01852  1.000 25.34000 ? 76  SER A OG  1 
ATOM   605  N N   . SER A 1 78 ? 19.03501  -0.61059  12.08483  1.000 20.33000 ? 77  SER A N   1 
ATOM   606  C CA  . SER A 1 78 ? 19.01264  -0.23659  10.67938  1.000 20.50000 ? 77  SER A CA  1 
ATOM   607  C C   . SER A 1 78 ? 19.05352  -1.49873  9.83371   1.000 20.61000 ? 77  SER A C   1 
ATOM   608  O O   . SER A 1 78 ? 19.44483  -2.57093  10.30096  1.000 20.15000 ? 77  SER A O   1 
ATOM   609  C CB  . SER A 1 78 ? 20.16963  0.68835   10.29728  1.000 23.55000 ? 77  SER A CB  1 
ATOM   610  O OG  . SER A 1 78 ? 21.40388  0.06228   10.57212  1.000 28.14000 ? 77  SER A OG  1 
ATOM   611  N N   . PHE A 1 79 ? 18.66218  -1.35928  8.56932   1.000 16.91000 ? 78  PHE A N   1 
ATOM   612  C CA  . PHE A 1 79 ? 18.67661  -2.50577  7.66983   1.000 14.75000 ? 78  PHE A CA  1 
ATOM   613  C C   . PHE A 1 79 ? 18.80699  -2.03758  6.23238   1.000 14.59000 ? 78  PHE A C   1 
ATOM   614  O O   . PHE A 1 79 ? 18.48532  -0.89524  5.89807   1.000 15.11000 ? 78  PHE A O   1 
ATOM   615  C CB  . PHE A 1 79 ? 17.46723  -3.43965  7.86236   1.000 14.68000 ? 78  PHE A CB  1 
ATOM   616  C CG  . PHE A 1 79 ? 16.13458  -2.86710  7.40854   1.000 15.44000 ? 78  PHE A CG  1 
ATOM   617  C CD1 . PHE A 1 79 ? 15.55772  -1.77491  8.04606   1.000 16.63000 ? 78  PHE A CD1 1 
ATOM   618  C CD2 . PHE A 1 79 ? 15.43964  -3.46472  6.36844   1.000 15.13000 ? 78  PHE A CD2 1 
ATOM   619  C CE1 . PHE A 1 79 ? 14.31727  -1.28018  7.63157   1.000 15.35000 ? 78  PHE A CE1 1 
ATOM   620  C CE2 . PHE A 1 79 ? 14.20490  -2.98796  5.95949   1.000 14.05000 ? 78  PHE A CE2 1 
ATOM   621  C CZ  . PHE A 1 79 ? 13.64533  -1.89004  6.58551   1.000 15.05000 ? 78  PHE A CZ  1 
ATOM   622  N N   . ASP A 1 80 ? 19.31141  -2.92802  5.38717   1.000 13.23000 ? 79  ASP A N   1 
ATOM   623  C CA  . ASP A 1 80 ? 19.50308  -2.62843  3.98123   1.000 14.20000 ? 79  ASP A CA  1 
ATOM   624  C C   . ASP A 1 80 ? 18.47559  -3.39235  3.16252   1.000 11.41000 ? 79  ASP A C   1 
ATOM   625  O O   . ASP A 1 80 ? 18.07911  -4.50898  3.51977   1.000 12.61000 ? 79  ASP A O   1 
ATOM   626  C CB  . ASP A 1 80 ? 20.90312  -3.04652  3.51592   1.000 17.71000 ? 79  ASP A CB  1 
ATOM   627  C CG  . ASP A 1 80 ? 22.01311  -2.36595  4.29511   1.000 28.54000 ? 79  ASP A CG  1 
ATOM   628  O OD1 . ASP A 1 80 ? 21.76678  -1.30831  4.92779   1.000 22.46000 ? 79  ASP A OD1 1 
ATOM   629  O OD2 . ASP A 1 80 ? 23.14271  -2.90259  4.26596   1.000 31.37000 ? 79  ASP A OD2 1 
ATOM   630  N N   . LEU A 1 81 ? 18.08008  -2.80659  2.04019   1.000 10.59000 ? 80  LEU A N   1 
ATOM   631  C CA  . LEU A 1 81 ? 17.14720  -3.43072  1.11679   1.000 9.15000  ? 80  LEU A CA  1 
ATOM   632  C C   . LEU A 1 81 ? 17.68000  -3.33306  -0.30221  1.000 13.19000 ? 80  LEU A C   1 
ATOM   633  O O   . LEU A 1 81 ? 18.19404  -2.28298  -0.71272  1.000 13.46000 ? 80  LEU A O   1 
ATOM   634  C CB  . LEU A 1 81 ? 15.76034  -2.76319  1.14505   1.000 12.00000 ? 80  LEU A CB  1 
ATOM   635  C CG  . LEU A 1 81 ? 15.10154  -2.56430  2.50870   1.000 12.62000 ? 80  LEU A CG  1 
ATOM   636  C CD1 . LEU A 1 81 ? 15.43221  -1.18825  3.06123   1.000 15.46000 ? 80  LEU A CD1 1 
ATOM   637  C CD2 . LEU A 1 81 ? 13.58438  -2.75071  2.39543   1.000 13.09000 ? 80  LEU A CD2 1 
ATOM   638  N N   . GLN A 1 82 ? 17.55276  -4.42875  -1.04720  1.000 10.11000 ? 81  GLN A N   1 
ATOM   639  C CA  . GLN A 1 82 ? 17.73706  -4.44714  -2.49343  1.000 10.29000 ? 81  GLN A CA  1 
ATOM   640  C C   . GLN A 1 82 ? 16.38688  -4.69516  -3.12733  1.000 11.99000 ? 81  GLN A C   1 
ATOM   641  O O   . GLN A 1 82 ? 15.64102  -5.58718  -2.69448  1.000 11.82000 ? 81  GLN A O   1 
ATOM   642  C CB  . GLN A 1 82 ? 18.68431  -5.56166  -2.92797  1.000 11.82000 ? 81  GLN A CB  1 
ATOM   643  C CG  . GLN A 1 82 ? 20.07005  -5.40553  -2.41776  1.000 12.71000 ? 81  GLN A CG  1 
ATOM   644  C CD  . GLN A 1 82 ? 20.89665  -6.62340  -2.68519  1.000 14.40000 ? 81  GLN A CD  1 
ATOM   645  O OE1 . GLN A 1 82 ? 20.38709  -7.65665  -3.13117  1.000 22.03000 ? 81  GLN A OE1 1 
ATOM   646  N NE2 . GLN A 1 82 ? 22.17085  -6.53217  -2.38703  1.000 18.08000 ? 81  GLN A NE2 1 
ATOM   647  N N   . VAL A 1 83 ? 16.07543  -3.91066  -4.14721  1.000 10.26000 ? 82  VAL A N   1 
ATOM   648  C CA  . VAL A 1 83 ? 14.78803  -3.93649  -4.81405  1.000 9.81000  ? 82  VAL A CA  1 
ATOM   649  C C   . VAL A 1 83 ? 15.06393  -4.14207  -6.29189  1.000 10.45000 ? 82  VAL A C   1 
ATOM   650  O O   . VAL A 1 83 ? 15.74401  -3.31952  -6.91968  1.000 11.08000 ? 82  VAL A O   1 
ATOM   651  C CB  . VAL A 1 83 ? 14.03286  -2.62489  -4.56475  1.000 9.71000  ? 82  VAL A CB  1 
ATOM   652  C CG1 . VAL A 1 83 ? 12.65428  -2.65115  -5.19288  1.000 13.16000 ? 82  VAL A CG1 1 
ATOM   653  C CG2 . VAL A 1 83 ? 13.95836  -2.35167  -3.06805  1.000 10.42000 ? 82  VAL A CG2 1 
ATOM   654  N N   . GLU A 1 84 ? 14.57422  -5.24631  -6.84351  1.000 10.91000 ? 83  GLU A N   1 
ATOM   655  C CA  . GLU A 1 84 ? 14.82222  -5.56399  -8.24139  1.000 10.67000 ? 83  GLU A CA  1 
ATOM   656  C C   . GLU A 1 84 ? 13.66749  -5.19899  -9.15832  1.000 15.37000 ? 83  GLU A C   1 
ATOM   657  O O   . GLU A 1 84 ? 13.86438  -5.09565  -10.37347 1.000 15.27000 ? 83  GLU A O   1 
ATOM   658  C CB  . GLU A 1 84 ? 15.15388  -7.05708  -8.39718  1.000 12.81000 ? 83  GLU A CB  1 
ATOM   659  C CG  . GLU A 1 84 ? 16.32005  -7.51366  -7.53609  1.000 14.41000 ? 83  GLU A CG  1 
ATOM   660  C CD  . GLU A 1 84 ? 17.63036  -6.85703  -7.91899  1.000 17.37000 ? 83  GLU A CD  1 
ATOM   661  O OE1 . GLU A 1 84 ? 17.75958  -6.40993  -9.07905  1.000 20.42000 ? 83  GLU A OE1 1 
ATOM   662  O OE2 . GLU A 1 84 ? 18.53782  -6.81723  -7.06582  1.000 27.44000 ? 83  GLU A OE2 1 
ATOM   663  N N   . VAL A 1 85 ? 12.46768  -5.01820  -8.60860  1.000 12.68000 ? 84  VAL A N   1 
ATOM   664  C CA  . VAL A 1 85 ? 11.31186  -4.52339  -9.33915  1.000 13.54000 ? 84  VAL A CA  1 
ATOM   665  C C   . VAL A 1 85 ? 10.58968  -3.58711  -8.37732  1.000 12.09000 ? 84  VAL A C   1 
ATOM   666  O O   . VAL A 1 85 ? 10.67252  -3.75622  -7.15838  1.000 11.04000 ? 84  VAL A O   1 
ATOM   667  C CB  . VAL A 1 85 ? 10.37267  -5.67244  -9.79125  1.000 14.83000 ? 84  VAL A CB  1 
ATOM   668  C CG1 . VAL A 1 85 ? 11.09743  -6.65587  -10.71460 1.000 26.81000 ? 84  VAL A CG1 1 
ATOM   669  C CG2 . VAL A 1 85 ? 9.77887   -6.39282  -8.58943  1.000 23.07000 ? 84  VAL A CG2 1 
ATOM   670  N N   . ALA A 1 86 ? 9.92187   -2.56530  -8.91310  1.000 11.81000 ? 85  ALA A N   1 
ATOM   671  C CA  . ALA A 1 86 ? 9.19693   -1.64355  -8.03843  1.000 10.87000 ? 85  ALA A CA  1 
ATOM   672  C C   . ALA A 1 86 ? 8.23372   -2.43148  -7.16280  1.000 10.30000 ? 85  ALA A C   1 
ATOM   673  O O   . ALA A 1 86 ? 7.46999   -3.27117  -7.65696  1.000 11.44000 ? 85  ALA A O   1 
ATOM   674  C CB  . ALA A 1 86 ? 8.43683   -0.59766  -8.86118  1.000 12.71000 ? 85  ALA A CB  1 
ATOM   675  N N   . THR A 1 87 ? 8.29076   -2.17202  -5.85599  1.000 8.74000  ? 86  THR A N   1 
ATOM   676  C CA  . THR A 1 87 ? 7.65453   -3.03425  -4.86707  1.000 9.19000  ? 86  THR A CA  1 
ATOM   677  C C   . THR A 1 87 ? 6.84348   -2.20873  -3.87866  1.000 8.38000  ? 86  THR A C   1 
ATOM   678  O O   . THR A 1 87 ? 7.34836   -1.23430  -3.31146  1.000 9.53000  ? 86  THR A O   1 
ATOM   679  C CB  . THR A 1 87 ? 8.72246   -3.86474  -4.14213  1.000 9.89000  ? 86  THR A CB  1 
ATOM   680  O OG1 . THR A 1 87 ? 9.23780   -4.85004  -5.04838  1.000 10.14000 ? 86  THR A OG1 1 
ATOM   681  C CG2 . THR A 1 87 ? 8.13752   -4.58665  -2.92081  1.000 9.20000  ? 86  THR A CG2 1 
ATOM   682  N N   . ALA A 1 88 ? 5.59575   -2.61278  -3.66269  1.000 7.84000  ? 87  ALA A N   1 
ATOM   683  C CA  . ALA A 1 88 ? 4.72423   -1.98833  -2.67778  1.000 8.25000  ? 87  ALA A CA  1 
ATOM   684  C C   . ALA A 1 88 ? 4.78104   -2.75951  -1.36604  1.000 6.92000  ? 87  ALA A C   1 
ATOM   685  O O   . ALA A 1 88 ? 4.91180   -3.98865  -1.35340  1.000 8.28000  ? 87  ALA A O   1 
ATOM   686  C CB  . ALA A 1 88 ? 3.28524   -1.98486  -3.17538  1.000 8.09000  ? 87  ALA A CB  1 
ATOM   687  N N   . TYR A 1 89 ? 4.67655   -2.02880  -0.25488  1.000 7.31000  ? 88  TYR A N   1 
ATOM   688  C CA  . TYR A 1 89 ? 4.80600   -2.60429  1.07599   1.000 6.26000  ? 88  TYR A CA  1 
ATOM   689  C C   . TYR A 1 89 ? 3.84748   -1.91400  2.03801   1.000 6.74000  ? 88  TYR A C   1 
ATOM   690  O O   . TYR A 1 89 ? 3.40937   -0.78243  1.80881   1.000 7.11000  ? 88  TYR A O   1 
ATOM   691  C CB  . TYR A 1 89 ? 6.25436   -2.50016  1.59878   1.000 8.74000  ? 88  TYR A CB  1 
ATOM   692  C CG  . TYR A 1 89 ? 6.70023   -1.06869  1.81482   1.000 8.63000  ? 88  TYR A CG  1 
ATOM   693  C CD1 . TYR A 1 89 ? 7.27195   -0.32237  0.77803   1.000 9.32000  ? 88  TYR A CD1 1 
ATOM   694  C CD2 . TYR A 1 89 ? 6.49325   -0.43354  3.03941   1.000 9.44000  ? 88  TYR A CD2 1 
ATOM   695  C CE1 . TYR A 1 89 ? 7.65940   1.00252   0.97704   1.000 8.75000  ? 88  TYR A CE1 1 
ATOM   696  C CE2 . TYR A 1 89 ? 6.87717   0.89193   3.24591   1.000 11.24000 ? 88  TYR A CE2 1 
ATOM   697  C CZ  . TYR A 1 89 ? 7.45343   1.60616   2.20347   1.000 11.66000 ? 88  TYR A CZ  1 
ATOM   698  O OH  . TYR A 1 89 ? 7.84214   2.92276   2.36583   1.000 15.13000 ? 88  TYR A OH  1 
ATOM   699  N N   . LEU A 1 90 ? 3.55242   -2.61037  3.13744   1.000 8.34000  ? 89  LEU A N   1 
ATOM   700  C CA  . LEU A 1 90 ? 2.84596   -2.06815  4.29122   1.000 7.09000  ? 89  LEU A CA  1 
ATOM   701  C C   . LEU A 1 90 ? 3.80141   -2.09062  5.47372   1.000 8.80000  ? 89  LEU A C   1 
ATOM   702  O O   . LEU A 1 90 ? 4.47879   -3.09855  5.70676   1.000 9.89000  ? 89  LEU A O   1 
ATOM   703  C CB  . LEU A 1 90 ? 1.63280   -2.95122  4.60451   1.000 9.63000  ? 89  LEU A CB  1 
ATOM   704  C CG  . LEU A 1 90 ? 0.84246   -2.70220  5.89002   1.000 10.99000 ? 89  LEU A CG  1 
ATOM   705  C CD1 . LEU A 1 90 ? 0.05721   -1.40761  5.77171   1.000 11.83000 ? 89  LEU A CD1 1 
ATOM   706  C CD2 . LEU A 1 90 ? -0.09414  -3.87117  6.19887   1.000 12.74000 ? 89  LEU A CD2 1 
ATOM   707  N N   . CYS A 1 91 ? 3.85122   -1.00410  6.23095   1.000 8.79000  ? 90  CYS A N   1 
ATOM   708  C CA  . CYS A 1 91 ? 4.73136   -0.91179  7.38590   1.000 10.14000 ? 90  CYS A CA  1 
ATOM   709  C C   . CYS A 1 91 ? 3.88663   -0.56468  8.60511   1.000 12.16000 ? 90  CYS A C   1 
ATOM   710  O O   . CYS A 1 91 ? 3.07649   0.36753   8.55803   1.000 11.09000 ? 90  CYS A O   1 
ATOM   711  C CB  . CYS A 1 91 ? 5.81663   0.13516   7.12467   1.000 10.55000 ? 90  CYS A CB  1 
ATOM   712  S SG  . CYS A 1 91 ? 6.89474   0.45161   8.50504   1.000 17.37000 ? 90  CYS A SG  1 
ATOM   713  N N   . GLU A 1 92 ? 4.03777   -1.34444  9.67781   1.000 10.43000 ? 91  GLU A N   1 
ATOM   714  C CA  . GLU A 1 92 ? 3.25185   -1.17433  10.89212  1.000 11.33000 ? 91  GLU A CA  1 
ATOM   715  C C   . GLU A 1 92 ? 4.16202   -1.21147  12.10845  1.000 13.03000 ? 91  GLU A C   1 
ATOM   716  O O   . GLU A 1 92 ? 5.23155   -1.83010  12.09601  1.000 11.36000 ? 91  GLU A O   1 
ATOM   717  C CB  . GLU A 1 92 ? 2.24043   -2.31228  11.05737  1.000 13.39000 ? 91  GLU A CB  1 
ATOM   718  C CG  . GLU A 1 92 ? 1.22264   -2.40614  9.94306   1.000 14.82000 ? 91  GLU A CG  1 
ATOM   719  C CD  . GLU A 1 92 ? 0.41181   -3.68813  10.00986  1.000 19.81000 ? 91  GLU A CD  1 
ATOM   720  O OE1 . GLU A 1 92 ? 0.97306   -4.78790  9.76754   1.000 23.31000 ? 91  GLU A OE1 1 
ATOM   721  O OE2 . GLU A 1 92 ? -0.78993  -3.59757  10.32510  1.000 25.27000 ? 91  GLU A OE2 1 
ATOM   722  N N   . PHE A 1 93 ? 3.72368   -0.52433  13.16181  1.000 12.60000 ? 92  PHE A N   1 
ATOM   723  C CA  . PHE A 1 93 ? 4.28451   -0.73127  14.48355  1.000 12.81000 ? 92  PHE A CA  1 
ATOM   724  C C   . PHE A 1 93 ? 3.89280   -2.12221  14.97191  1.000 16.68000 ? 92  PHE A C   1 
ATOM   725  O O   . PHE A 1 93 ? 2.91193   -2.71544  14.51260  1.000 16.36000 ? 92  PHE A O   1 
ATOM   726  C CB  . PHE A 1 93 ? 3.69763   0.29449   15.45888  1.000 12.40000 ? 92  PHE A CB  1 
ATOM   727  C CG  . PHE A 1 93 ? 4.23771   1.69717   15.28970  1.000 16.62000 ? 92  PHE A CG  1 
ATOM   728  C CD1 . PHE A 1 93 ? 5.31822   2.13864   16.03984  1.000 15.78000 ? 92  PHE A CD1 1 
ATOM   729  C CD2 . PHE A 1 93 ? 3.63285   2.58629   14.41014  1.000 16.78000 ? 92  PHE A CD2 1 
ATOM   730  C CE1 . PHE A 1 93 ? 5.81387   3.43752   15.89548  1.000 18.89000 ? 92  PHE A CE1 1 
ATOM   731  C CE2 . PHE A 1 93 ? 4.11743   3.88675   14.25725  1.000 17.88000 ? 92  PHE A CE2 1 
ATOM   732  C CZ  . PHE A 1 93 ? 5.20535   4.31286   14.99939  1.000 17.04000 ? 92  PHE A CZ  1 
ATOM   733  N N   . LEU A 1 94 ? 4.66140   -2.64238  15.91948  1.000 15.37000 ? 93  LEU A N   1 
ATOM   734  C CA  . LEU A 1 94 ? 4.34393   -3.95321  16.46573  1.000 15.68000 ? 93  LEU A CA  1 
ATOM   735  C C   . LEU A 1 94 ? 3.21654   -3.84156  17.49039  1.000 19.23000 ? 93  LEU A C   1 
ATOM   736  O O   . LEU A 1 94 ? 3.02366   -2.78532  18.10048  1.000 20.31000 ? 93  LEU A O   1 
ATOM   737  C CB  . LEU A 1 94 ? 5.57223   -4.54338  17.15417  1.000 15.69000 ? 93  LEU A CB  1 
ATOM   738  C CG  . LEU A 1 94 ? 6.83730   -4.79876  16.33545  1.000 20.00000 ? 93  LEU A CG  1 
ATOM   739  C CD1 . LEU A 1 94 ? 7.77086   -5.73611  17.09735  1.000 23.44000 ? 93  LEU A CD1 1 
ATOM   740  C CD2 . LEU A 1 94 ? 6.52719   -5.35451  14.94598  1.000 17.34000 ? 93  LEU A CD2 1 
ATOM   741  N N   . PRO A 1 95 ? 2.40547   -4.89035  17.63219  1.000 21.00000 ? 94  PRO A N   1 
ATOM   742  C CA  . PRO A 1 95 ? 1.34713   -4.87122  18.64851  1.000 23.07000 ? 94  PRO A CA  1 
ATOM   743  C C   . PRO A 1 95 ? 1.95838   -4.67012  20.02720  1.000 27.45000 ? 94  PRO A C   1 
ATOM   744  O O   . PRO A 1 95 ? 3.08474   -5.09890  20.29891  1.000 26.75000 ? 94  PRO A O   1 
ATOM   745  C CB  . PRO A 1 95 ? 0.69417   -6.25462  18.52139  1.000 28.02000 ? 94  PRO A CB  1 
ATOM   746  C CG  . PRO A 1 95 ? 1.62985   -7.07609  17.68681  1.000 29.01000 ? 94  PRO A CG  1 
ATOM   747  C CD  . PRO A 1 95 ? 2.39897   -6.12495  16.83090  1.000 23.18000 ? 94  PRO A CD  1 
ATOM   748  N N   . ALA A 1 96 ? 1.20201   -4.01400  20.90050  1.000 30.23000 ? 95  ALA A N   1 
ATOM   749  C CA  . ALA A 1 96 ? 1.70224   -3.66104  22.23035  1.000 36.27000 ? 95  ALA A CA  1 
ATOM   750  C C   . ALA A 1 96 ? 1.18323   -4.60610  23.31387  1.000 31.38000 ? 95  ALA A C   1 
ATOM   751  O O   . ALA A 1 96 ? 0.12493   -4.37350  23.90174  1.000 35.95000 ? 95  ALA A O   1 
ATOM   752  C CB  . ALA A 1 96 ? 1.34914   -2.21097  22.56373  1.000 32.69000 ? 95  ALA A CB  1 
ATOM   753  N N   . MET B 1 2  ? 9.69051   7.62931   -11.26294 1.000 28.54000 ? 1   MET B N   1 
ATOM   754  C CA  . MET B 1 2  ? 9.36065   6.21687   -11.19577 1.000 23.39000 ? 1   MET B CA  1 
ATOM   755  C C   . MET B 1 2  ? 8.03682   5.98503   -10.47584 1.000 21.94000 ? 1   MET B C   1 
ATOM   756  O O   . MET B 1 2  ? 7.21276   5.17452   -10.91437 1.000 23.89000 ? 1   MET B O   1 
ATOM   757  C CB  . MET B 1 2  ? 10.49411  5.43179   -10.49335 1.000 30.40000 ? 1   MET B CB  1 
ATOM   758  C CG  . MET B 1 2  ? 11.84529  5.54596   -11.16675 1.000 41.61000 ? 1   MET B CG  1 
ATOM   759  S SD  . MET B 1 2  ? 12.28769  4.05903   -12.08971 1.000 83.77000 ? 1   MET B SD  1 
ATOM   760  C CE  . MET B 1 2  ? 13.50282  4.71923   -13.22643 1.000 43.21000 ? 1   MET B CE  1 
ATOM   761  N N   . ILE B 1 3  ? 7.82247   6.70988   -9.38319  1.000 13.70000 ? 2   ILE B N   1 
ATOM   762  C CA  . ILE B 1 3  ? 6.67440   6.49909   -8.51107  1.000 14.73000 ? 2   ILE B CA  1 
ATOM   763  C C   . ILE B 1 3  ? 5.80628   7.74402   -8.61938  1.000 11.84000 ? 2   ILE B C   1 
ATOM   764  O O   . ILE B 1 3  ? 6.20205   8.82607   -8.17129  1.000 14.78000 ? 2   ILE B O   1 
ATOM   765  C CB  . ILE B 1 3  ? 7.10092   6.26347   -7.05844  1.000 10.97000 ? 2   ILE B CB  1 
ATOM   766  C CG1 . ILE B 1 3  ? 8.12300   5.12476   -6.97502  1.000 13.81000 ? 2   ILE B CG1 1 
ATOM   767  C CG2 . ILE B 1 3  ? 5.87058   5.97248   -6.19235  1.000 12.19000 ? 2   ILE B CG2 1 
ATOM   768  C CD1 . ILE B 1 3  ? 8.77915   5.00182   -5.61497  1.000 12.01000 ? 2   ILE B CD1 1 
ATOM   769  N N   . LYS B 1 4  ? 4.62746   7.60324   -9.21015  1.000 13.21000 ? 3   LYS B N   1 
ATOM   770  C CA  . LYS B 1 4  ? 3.76537   8.74816   -9.48640  1.000 13.23000 ? 3   LYS B CA  1 
ATOM   771  C C   . LYS B 1 4  ? 2.73299   8.87970   -8.37513  1.000 14.95000 ? 3   LYS B C   1 
ATOM   772  O O   . LYS B 1 4  ? 1.90581   7.97800   -8.17985  1.000 14.66000 ? 3   LYS B O   1 
ATOM   773  C CB  . LYS B 1 4  ? 3.06445   8.60067   -10.83305 1.000 17.44000 ? 3   LYS B CB  1 
ATOM   774  C CG  . LYS B 1 4  ? 2.23969   9.82998   -11.22816 1.000 27.30000 ? 3   LYS B CG  1 
ATOM   775  C CD  . LYS B 1 4  ? 3.07190   11.11103  -11.13259 1.000 30.20000 ? 3   LYS B CD  1 
ATOM   776  C CE  . LYS B 1 4  ? 2.26694   12.35546  -11.48593 1.000 39.25000 ? 3   LYS B CE  1 
ATOM   777  N NZ  . LYS B 1 4  ? 0.80022   12.16439  -11.31678 1.000 36.82000 ? 3   LYS B NZ  1 
ATOM   778  N N   . GLU B 1 5  ? 2.75619   10.00746  -7.67352  1.000 14.93000 ? 4   GLU B N   1 
ATOM   779  C CA  . GLU B 1 5  ? 1.73854   10.28232  -6.66979  1.000 14.87000 ? 4   GLU B CA  1 
ATOM   780  C C   . GLU B 1 5  ? 0.54473   10.97033  -7.31403  1.000 15.98000 ? 4   GLU B C   1 
ATOM   781  O O   . GLU B 1 5  ? 0.71449   11.90992  -8.09760  1.000 16.68000 ? 4   GLU B O   1 
ATOM   782  C CB  . GLU B 1 5  ? 2.27142   11.16852  -5.55092  1.000 13.06000 ? 4   GLU B CB  1 
ATOM   783  C CG  . GLU B 1 5  ? 1.28916   11.16066  -4.39059  1.000 13.93000 ? 4   GLU B CG  1 
ATOM   784  C CD  . GLU B 1 5  ? 1.20541   12.44895  -3.62172  1.000 12.55000 ? 4   GLU B CD  1 
ATOM   785  O OE1 . GLU B 1 5  ? 0.88015   12.36237  -2.41553  1.000 12.93000 ? 4   GLU B OE1 1 
ATOM   786  O OE2 . GLU B 1 5  ? 1.45128   13.53558  -4.20734  1.000 13.50000 ? 4   GLU B OE2 1 
ATOM   787  N N   . ASN B 1 6  ? -0.65913  10.49736  -6.99655  1.000 13.65000 ? 5   ASN B N   1 
ATOM   788  C CA  . ASN B 1 6  ? -1.89475  11.17217  -7.37505  1.000 14.39000 ? 5   ASN B CA  1 
ATOM   789  C C   . ASN B 1 6  ? -2.69844  11.49831  -6.12406  1.000 15.20000 ? 5   ASN B C   1 
ATOM   790  O O   . ASN B 1 6  ? -2.70213  10.72907  -5.15397  1.000 13.66000 ? 5   ASN B O   1 
ATOM   791  C CB  . ASN B 1 6  ? -2.74179  10.33470  -8.34303  1.000 21.75000 ? 5   ASN B CB  1 
ATOM   792  C CG  . ASN B 1 6  ? -2.26074  10.44417  -9.78561  1.000 27.18000 ? 5   ASN B CG  1 
ATOM   793  O OD1 . ASN B 1 6  ? -1.70971  9.49607   -10.33984 1.000 26.81000 ? 5   ASN B OD1 1 
ATOM   794  N ND2 . ASN B 1 6  ? -2.47387  11.60826  -10.39797 1.000 29.35000 ? 5   ASN B ND2 1 
ATOM   795  N N   . VAL B 1 7  ? -3.35747  12.65340  -6.13742  1.000 13.22000 ? 6   VAL B N   1 
ATOM   796  C CA  . VAL B 1 7  ? -4.17170  13.12999  -5.02804  1.000 12.96000 ? 6   VAL B CA  1 
ATOM   797  C C   . VAL B 1 7  ? -5.55902  13.44849  -5.55725  1.000 14.66000 ? 6   VAL B C   1 
ATOM   798  O O   . VAL B 1 7  ? -5.69981  14.06533  -6.62035  1.000 16.91000 ? 6   VAL B O   1 
ATOM   799  C CB  . VAL B 1 7  ? -3.55682  14.37820  -4.36344  1.000 14.93000 ? 6   VAL B CB  1 
ATOM   800  C CG1 . VAL B 1 7  ? -4.40693  14.83098  -3.18388  1.000 15.40000 ? 6   VAL B CG1 1 
ATOM   801  C CG2 . VAL B 1 7  ? -2.13164  14.09076  -3.91591  1.000 16.60000 ? 6   VAL B CG2 1 
ATOM   802  N N   . TYR B 1 8  ? -6.57851  13.01422  -4.82806  1.000 12.71000 ? 7   TYR B N   1 
ATOM   803  C CA  . TYR B 1 8  ? -7.96611  13.23445  -5.20318  1.000 12.52000 ? 7   TYR B CA  1 
ATOM   804  C C   . TYR B 1 8  ? -8.76786  13.70411  -3.99853  1.000 11.98000 ? 7   TYR B C   1 
ATOM   805  O O   . TYR B 1 8  ? -8.36380  13.54496  -2.84442  1.000 11.08000 ? 7   TYR B O   1 
ATOM   806  C CB  . TYR B 1 8  ? -8.60943  11.94692  -5.72913  1.000 14.59000 ? 7   TYR B CB  1 
ATOM   807  C CG  . TYR B 1 8  ? -7.78171  11.19372  -6.73821  1.000 17.62000 ? 7   TYR B CG  1 
ATOM   808  C CD1 . TYR B 1 8  ? -7.86021  11.49319  -8.09298  1.000 18.98000 ? 7   TYR B CD1 1 
ATOM   809  C CD2 . TYR B 1 8  ? -6.93117  10.16600  -6.34105  1.000 17.11000 ? 7   TYR B CD2 1 
ATOM   810  C CE1 . TYR B 1 8  ? -7.11041  10.79298  -9.02694  1.000 21.11000 ? 7   TYR B CE1 1 
ATOM   811  C CE2 . TYR B 1 8  ? -6.17794  9.46098   -7.26982  1.000 16.42000 ? 7   TYR B CE2 1 
ATOM   812  C CZ  . TYR B 1 8  ? -6.27106  9.78001   -8.60657  1.000 19.75000 ? 7   TYR B CZ  1 
ATOM   813  O OH  . TYR B 1 8  ? -5.52932  9.08407   -9.53106  1.000 23.82000 ? 7   TYR B OH  1 
ATOM   814  N N   . PHE B 1 9  ? -9.93937  14.26849  -4.28278  1.000 13.14000 ? 8   PHE B N   1 
ATOM   815  C CA  . PHE B 1 9  ? -10.92917 14.57693  -3.25317  1.000 13.06000 ? 8   PHE B CA  1 
ATOM   816  C C   . PHE B 1 9  ? -10.33846 15.39928  -2.11012  1.000 11.94000 ? 8   PHE B C   1 
ATOM   817  O O   . PHE B 1 9  ? -10.46168 15.06019  -0.93075  1.000 11.64000 ? 8   PHE B O   1 
ATOM   818  C CB  . PHE B 1 9  ? -11.58838 13.29947  -2.72195  1.000 14.00000 ? 8   PHE B CB  1 
ATOM   819  C CG  . PHE B 1 9  ? -12.39403 12.56214  -3.74967  1.000 19.16000 ? 8   PHE B CG  1 
ATOM   820  C CD1 . PHE B 1 9  ? -13.60092 13.07376  -4.19608  1.000 29.64000 ? 8   PHE B CD1 1 
ATOM   821  C CD2 . PHE B 1 9  ? -11.94712 11.35970  -4.26983  1.000 21.49000 ? 8   PHE B CD2 1 
ATOM   822  C CE1 . PHE B 1 9  ? -14.34550 12.40044  -5.14540  1.000 34.01000 ? 8   PHE B CE1 1 
ATOM   823  C CE2 . PHE B 1 9  ? -12.69267 10.68135  -5.22762  1.000 24.77000 ? 8   PHE B CE2 1 
ATOM   824  C CZ  . PHE B 1 9  ? -13.88893 11.20135  -5.65979  1.000 27.01000 ? 8   PHE B CZ  1 
ATOM   825  N N   . ASP B 1 10 ? -9.66788  16.49222  -2.46990  1.000 13.72000 ? 9   ASP B N   1 
ATOM   826  C CA  . ASP B 1 10 ? -9.17244  17.42680  -1.46528  1.000 12.48000 ? 9   ASP B CA  1 
ATOM   827  C C   . ASP B 1 10 ? -8.20479  16.75961  -0.49271  1.000 11.58000 ? 9   ASP B C   1 
ATOM   828  O O   . ASP B 1 10 ? -8.19325  17.05998  0.70037   1.000 13.10000 ? 9   ASP B O   1 
ATOM   829  C CB  . ASP B 1 10 ? -10.32637 18.13375  -0.74860  1.000 12.44000 ? 9   ASP B CB  1 
ATOM   830  C CG  . ASP B 1 10 ? -11.12545 19.00390  -1.69128  1.000 16.77000 ? 9   ASP B CG  1 
ATOM   831  O OD1 . ASP B 1 10 ? -10.62688 20.08014  -2.05360  1.000 13.07000 ? 9   ASP B OD1 1 
ATOM   832  O OD2 . ASP B 1 10 ? -12.22830 18.60547  -2.11321  1.000 24.48000 ? 9   ASP B OD2 1 
ATOM   833  N N   . GLY B 1 11 ? -7.43400  15.78951  -0.98809  1.000 12.09000 ? 10  GLY B N   1 
ATOM   834  C CA  . GLY B 1 11 ? -6.47090  15.09903  -0.15702  1.000 11.66000 ? 10  GLY B CA  1 
ATOM   835  C C   . GLY B 1 11 ? -6.98729  13.86771  0.55335   1.000 13.02000 ? 10  GLY B C   1 
ATOM   836  O O   . GLY B 1 11 ? -6.21675  13.23139  1.28508   1.000 13.28000 ? 10  GLY B O   1 
ATOM   837  N N   . ASN B 1 12 ? -8.25992  13.50214  0.37453   1.000 10.88000 ? 11  ASN B N   1 
ATOM   838  C CA  . ASN B 1 12 ? -8.81444  12.35334  1.08256   1.000 11.43000 ? 11  ASN B CA  1 
ATOM   839  C C   . ASN B 1 12 ? -8.52103  11.01926  0.40777   1.000 9.57000  ? 11  ASN B C   1 
ATOM   840  O O   . ASN B 1 12 ? -8.76661  9.97855   1.02120   1.000 11.92000 ? 11  ASN B O   1 
ATOM   841  C CB  . ASN B 1 12 ? -10.32023 12.53657  1.28256   1.000 13.66000 ? 11  ASN B CB  1 
ATOM   842  C CG  . ASN B 1 12 ? -10.62796 13.62469  2.27898   1.000 17.58000 ? 11  ASN B CG  1 
ATOM   843  O OD1 . ASN B 1 12 ? -10.19042 13.56503  3.42304   1.000 22.97000 ? 11  ASN B OD1 1 
ATOM   844  N ND2 . ASN B 1 12 ? -11.34476 14.65083  1.83758   1.000 27.31000 ? 11  ASN B ND2 1 
ATOM   845  N N   . VAL B 1 13 ? -8.01810  11.02295  -0.82127  1.000 9.21000  ? 12  VAL B N   1 
ATOM   846  C CA  . VAL B 1 13 ? -7.52432  9.81395   -1.46825  1.000 9.70000  ? 12  VAL B CA  1 
ATOM   847  C C   . VAL B 1 13 ? -6.17523  10.14078  -2.08315  1.000 11.01000 ? 12  VAL B C   1 
ATOM   848  O O   . VAL B 1 13 ? -6.03968  11.13634  -2.80579  1.000 10.98000 ? 12  VAL B O   1 
ATOM   849  C CB  . VAL B 1 13 ? -8.50056  9.27488   -2.53859  1.000 11.65000 ? 12  VAL B CB  1 
ATOM   850  C CG1 . VAL B 1 13 ? -7.90139  8.05177   -3.22233  1.000 12.97000 ? 12  VAL B CG1 1 
ATOM   851  C CG2 . VAL B 1 13 ? -9.87399  8.94289   -1.92529  1.000 13.93000 ? 12  VAL B CG2 1 
ATOM   852  N N   . LYS B 1 14 ? -5.17203  9.31558   -1.79738  1.000 9.32000  ? 13  LYS B N   1 
ATOM   853  C CA  . LYS B 1 14 ? -3.85864  9.46232   -2.40532  1.000 9.80000  ? 13  LYS B CA  1 
ATOM   854  C C   . LYS B 1 14 ? -3.37309  8.09597   -2.85405  1.000 9.15000  ? 13  LYS B C   1 
ATOM   855  O O   . LYS B 1 14 ? -3.66603  7.07974   -2.21720  1.000 10.64000 ? 13  LYS B O   1 
ATOM   856  C CB  . LYS B 1 14 ? -2.83761  10.08006  -1.45696  1.000 8.30000  ? 13  LYS B CB  1 
ATOM   857  C CG  . LYS B 1 14 ? -3.23493  11.45719  -0.93079  1.000 10.07000 ? 13  LYS B CG  1 
ATOM   858  C CD  . LYS B 1 14 ? -2.12285  12.13318  -0.14240  1.000 10.27000 ? 13  LYS B CD  1 
ATOM   859  C CE  . LYS B 1 14 ? -2.53955  13.53503  0.28107   1.000 9.87000  ? 13  LYS B CE  1 
ATOM   860  N NZ  . LYS B 1 14 ? -1.45310  14.16770  1.10049   1.000 13.12000 ? 13  LYS B NZ  1 
ATOM   861  N N   . SER B 1 15 ? -2.64608  8.07794   -3.96752  1.000 10.96000 ? 14  SER B N   1 
ATOM   862  C CA  . SER B 1 15 ? -2.17289  6.83161   -4.54581  1.000 9.88000  ? 14  SER B CA  1 
ATOM   863  C C   . SER B 1 15 ? -0.75426  7.00265   -5.05653  1.000 10.60000 ? 14  SER B C   1 
ATOM   864  O O   . SER B 1 15 ? -0.31541  8.11532   -5.36323  1.000 10.52000 ? 14  SER B O   1 
ATOM   865  C CB  . SER B 1 15 ? -3.10348  6.32786   -5.65167  1.000 13.25000 ? 14  SER B CB  1 
ATOM   866  O OG  . SER B 1 15 ? -3.00551  7.13146   -6.81972  1.000 15.21000 ? 14  SER B OG  1 
ATOM   867  N N   . LEU B 1 16 ? -0.04243  5.87918   -5.12960  1.000 9.62000  ? 15  LEU B N   1 
ATOM   868  C CA  . LEU B 1 16 ? 1.30996   5.79087   -5.66271  1.000 10.22000 ? 15  LEU B CA  1 
ATOM   869  C C   . LEU B 1 16 ? 1.28933   4.77039   -6.78791  1.000 9.15000  ? 15  LEU B C   1 
ATOM   870  O O   . LEU B 1 16 ? 1.00186   3.58986   -6.55418  1.000 10.14000 ? 15  LEU B O   1 
ATOM   871  C CB  . LEU B 1 16 ? 2.30072   5.36896   -4.57372  1.000 11.07000 ? 15  LEU B CB  1 
ATOM   872  C CG  . LEU B 1 16 ? 2.41610   6.32660   -3.38887  1.000 10.52000 ? 15  LEU B CG  1 
ATOM   873  C CD1 . LEU B 1 16 ? 3.22148   5.71700   -2.25843  1.000 11.73000 ? 15  LEU B CD1 1 
ATOM   874  C CD2 . LEU B 1 16 ? 3.03686   7.64639   -3.82434  1.000 11.89000 ? 15  LEU B CD2 1 
ATOM   875  N N   . GLY B 1 17 ? 1.56198   5.23039   -8.00558  1.000 11.36000 ? 16  GLY B N   1 
ATOM   876  C CA  . GLY B 1 17 ? 1.59995   4.36971   -9.17634  1.000 11.83000 ? 16  GLY B CA  1 
ATOM   877  C C   . GLY B 1 17 ? 3.01946   3.92714   -9.47368  1.000 12.17000 ? 16  GLY B C   1 
ATOM   878  O O   . GLY B 1 17 ? 3.95896   4.71943   -9.38704  1.000 14.77000 ? 16  GLY B O   1 
ATOM   879  N N   . PHE B 1 18 ? 3.16775   2.64733   -9.81629  1.000 12.31000 ? 17  PHE B N   1 
ATOM   880  C CA  . PHE B 1 18 ? 4.47452   2.06307   -10.06844 1.000 13.41000 ? 17  PHE B CA  1 
ATOM   881  C C   . PHE B 1 18 ? 4.34943   1.02036   -11.17046 1.000 12.14000 ? 17  PHE B C   1 
ATOM   882  O O   . PHE B 1 18 ? 3.27526   0.45906   -11.38937 1.000 13.00000 ? 17  PHE B O   1 
ATOM   883  C CB  . PHE B 1 18 ? 5.08870   1.45955   -8.78978  1.000 14.23000 ? 17  PHE B CB  1 
ATOM   884  C CG  . PHE B 1 18 ? 4.26517   0.37263   -8.15515  1.000 12.37000 ? 17  PHE B CG  1 
ATOM   885  C CD1 . PHE B 1 18 ? 3.14717   0.67990   -7.39105  1.000 11.28000 ? 17  PHE B CD1 1 
ATOM   886  C CD2 . PHE B 1 18 ? 4.61193   -0.96223  -8.31071  1.000 12.88000 ? 17  PHE B CD2 1 
ATOM   887  C CE1 . PHE B 1 18 ? 2.39986   -0.32737  -6.79696  1.000 11.41000 ? 17  PHE B CE1 1 
ATOM   888  C CE2 . PHE B 1 18 ? 3.86514   -1.97202  -7.71777  1.000 14.02000 ? 17  PHE B CE2 1 
ATOM   889  C CZ  . PHE B 1 18 ? 2.74744   -1.65143  -6.96364  1.000 15.92000 ? 17  PHE B CZ  1 
ATOM   890  N N   . SER B 1 19 ? 5.44014   0.78282   -11.88836 1.000 13.29000 ? 18  SER B N   1 
ATOM   891  C CA  . SER B 1 19 ? 5.41508   -0.17701  -12.98204 1.000 14.51000 ? 18  SER B CA  1 
ATOM   892  C C   . SER B 1 19 ? 6.36419   -1.32786  -12.70141 1.000 12.89000 ? 18  SER B C   1 
ATOM   893  O O   . SER B 1 19 ? 7.48162   -1.12816  -12.21390 1.000 19.92000 ? 18  SER B O   1 
ATOM   894  C CB  . SER B 1 19 ? 5.73515   0.48340   -14.32706 1.000 23.32000 ? 18  SER B CB  1 
ATOM   895  O OG  . SER B 1 19 ? 4.71885   1.41226   -14.67237 1.000 29.46000 ? 18  SER B OG  1 
ATOM   896  N N   . GLN B 1 20 ? 5.88289   -2.52633  -12.97576 1.000 15.17000 ? 19  GLN B N   1 
ATOM   897  C CA  . GLN B 1 20 ? 6.65018   -3.75995  -13.04739 1.000 15.46000 ? 19  GLN B CA  1 
ATOM   898  C C   . GLN B 1 20 ? 6.62984   -4.25874  -14.48732 1.000 22.61000 ? 19  GLN B C   1 
ATOM   899  O O   . GLN B 1 20 ? 6.19035   -3.55822  -15.41004 1.000 20.91000 ? 19  GLN B O   1 
ATOM   900  C CB  . GLN B 1 20 ? 6.05922   -4.79106  -12.08212 1.000 17.66000 ? 19  GLN B CB  1 
ATOM   901  C CG  . GLN B 1 20 ? 5.89440   -4.29961  -10.64525 1.000 16.66000 ? 19  GLN B CG  1 
ATOM   902  C CD  . GLN B 1 20 ? 5.50617   -5.42216  -9.70037  1.000 16.88000 ? 19  GLN B CD  1 
ATOM   903  O OE1 . GLN B 1 20 ? 4.86758   -6.39717  -10.10788 1.000 22.93000 ? 19  GLN B OE1 1 
ATOM   904  N NE2 . GLN B 1 20 ? 5.87893   -5.29408  -8.43232  1.000 14.78000 ? 19  GLN B NE2 1 
ATOM   905  N N   . GLN B 1 21 ? 7.12979   -5.46973  -14.69978 1.000 22.69000 ? 20  GLN B N   1 
ATOM   906  C CA  . GLN B 1 21 ? 7.08494   -5.99739  -16.06191 1.000 28.11000 ? 20  GLN B CA  1 
ATOM   907  C C   . GLN B 1 21 ? 5.65970   -6.29917  -16.51932 1.000 23.23000 ? 20  GLN B C   1 
ATOM   908  O O   . GLN B 1 21 ? 5.37510   -6.22270  -17.71306 1.000 30.17000 ? 20  GLN B O   1 
ATOM   909  C CB  . GLN B 1 21 ? 7.95904   -7.24139  -16.17953 1.000 37.94000 ? 20  GLN B CB  1 
ATOM   910  C CG  . GLN B 1 21 ? 9.40298   -7.02328  -15.79023 1.000 47.05000 ? 20  GLN B CG  1 
ATOM   911  C CD  . GLN B 1 21 ? 10.18642  -8.31129  -15.78401 1.000 61.24000 ? 20  GLN B CD  1 
ATOM   912  O OE1 . GLN B 1 21 ? 9.90414   -9.23712  -16.54742 1.000 56.48000 ? 20  GLN B OE1 1 
ATOM   913  N NE2 . GLN B 1 21 ? 11.18345  -8.39447  -14.90995 1.000 57.31000 ? 20  GLN B NE2 1 
ATOM   914  N N   . ASP B 1 22 ? 4.75342   -6.60050  -15.59628 1.000 31.07000 ? 21  ASP B N   1 
ATOM   915  C CA  . ASP B 1 22 ? 3.35988   -6.79656  -15.97607 1.000 25.79000 ? 21  ASP B CA  1 
ATOM   916  C C   . ASP B 1 22 ? 2.61147   -5.49139  -16.19577 1.000 30.12000 ? 21  ASP B C   1 
ATOM   917  O O   . ASP B 1 22 ? 1.40301   -5.52145  -16.48674 1.000 31.62000 ? 21  ASP B O   1 
ATOM   918  C CB  . ASP B 1 22 ? 2.63548   -7.65653  -14.93042 1.000 29.77000 ? 21  ASP B CB  1 
ATOM   919  C CG  . ASP B 1 22 ? 2.46550   -6.95308  -13.56479 1.000 32.84000 ? 21  ASP B CG  1 
ATOM   920  O OD1 . ASP B 1 22 ? 2.96604   -5.82386  -13.37248 1.000 28.43000 ? 21  ASP B OD1 1 
ATOM   921  O OD2 . ASP B 1 22 ? 1.81820   -7.54649  -12.67536 1.000 37.79000 ? 21  ASP B OD2 1 
ATOM   922  N N   . GLY B 1 23 ? 3.29557   -4.36362  -16.07185 1.000 20.62000 ? 22  GLY B N   1 
ATOM   923  C CA  . GLY B 1 23 ? 2.68860   -3.07101  -16.26154 1.000 16.98000 ? 22  GLY B CA  1 
ATOM   924  C C   . GLY B 1 23 ? 2.58944   -2.30540  -14.95259 1.000 14.47000 ? 22  GLY B C   1 
ATOM   925  O O   . GLY B 1 23 ? 3.35166   -2.50929  -14.01057 1.000 16.28000 ? 22  GLY B O   1 
ATOM   926  N N   . GLU B 1 24 ? 1.62028   -1.41528  -14.95116 1.000 12.40000 ? 23  GLU B N   1 
ATOM   927  C CA  . GLU B 1 24 ? 1.39160   -0.45137  -13.86332 1.000 12.58000 ? 23  GLU B CA  1 
ATOM   928  C C   . GLU B 1 24 ? 0.41270   -1.00206  -12.82998 1.000 14.10000 ? 23  GLU B C   1 
ATOM   929  O O   . GLU B 1 24 ? -0.48801  -1.69229  -13.19799 1.000 13.20000 ? 23  GLU B O   1 
ATOM   930  C CB  . GLU B 1 24 ? 0.81004   0.79815   -14.51119 1.000 15.49000 ? 23  GLU B CB  1 
ATOM   931  C CG  . GLU B 1 24 ? 0.65506   1.95438   -13.55383 1.000 42.61000 ? 23  GLU B CG  1 
ATOM   932  C CD  . GLU B 1 24 ? 1.82749   2.88783   -13.51839 1.000 47.59000 ? 23  GLU B CD  1 
ATOM   933  O OE1 . GLU B 1 24 ? 1.70301   3.88607   -12.81595 1.000 56.51000 ? 23  GLU B OE1 1 
ATOM   934  O OE2 . GLU B 1 24 ? 2.87913   2.59591   -14.13885 1.000 46.60000 ? 23  GLU B OE2 1 
ATOM   935  N N   . SER B 1 25 ? 0.69837   -0.69700  -11.56301 1.000 11.44000 ? 24  SER B N   1 
ATOM   936  C CA  . SER B 1 25 ? -0.20077  -1.00192  -10.45929 1.000 10.87000 ? 24  SER B CA  1 
ATOM   937  C C   . SER B 1 25 ? -0.19438  0.22703   -9.57824  1.000 9.95000  ? 24  SER B C   1 
ATOM   938  O O   . SER B 1 25 ? 0.64069   1.12276   -9.73439  1.000 10.86000 ? 24  SER B O   1 
ATOM   939  C CB  . SER B 1 25 ? 0.31035   -2.19865  -9.65286  1.000 12.37000 ? 24  SER B CB  1 
ATOM   940  O OG  . SER B 1 25 ? 0.24262   -3.39092  -10.41036 1.000 14.51000 ? 24  SER B OG  1 
ATOM   941  N N   A THR B 1 26 ? -1.14519  0.31585   -8.65110  0.700 9.65000  ? 25  THR B N   1 
ATOM   942  N N   B THR B 1 26 ? -1.11183  0.23913   -8.62558  0.300 9.68000  ? 25  THR B N   1 
ATOM   943  C CA  A THR B 1 26 ? -1.09590  1.39080   -7.66295  0.700 9.23000  ? 25  THR B CA  1 
ATOM   944  C CA  B THR B 1 26 ? -1.26620  1.38909   -7.76150  0.300 9.54000  ? 25  THR B CA  1 
ATOM   945  C C   A THR B 1 26 ? -1.35704  0.85503   -6.26577  0.700 9.39000  ? 25  THR B C   1 
ATOM   946  C C   B THR B 1 26 ? -1.59006  0.92108   -6.35602  0.300 10.02000 ? 25  THR B C   1 
ATOM   947  O O   A THR B 1 26 ? -2.06877  -0.13351  -6.08380  0.700 10.05000 ? 25  THR B O   1 
ATOM   948  O O   B THR B 1 26 ? -2.37927  -0.00884  -6.16988  0.300 10.11000 ? 25  THR B O   1 
ATOM   949  C CB  A THR B 1 26 ? -2.08245  2.56474   -7.92472  0.700 11.59000 ? 25  THR B CB  1 
ATOM   950  C CB  B THR B 1 26 ? -2.39807  2.27468   -8.27802  0.300 11.03000 ? 25  THR B CB  1 
ATOM   951  O OG1 A THR B 1 26 ? -3.43965  2.10662   -7.85356  0.700 13.84000 ? 25  THR B OG1 1 
ATOM   952  O OG1 B THR B 1 26 ? -2.20636  2.52079   -9.67780  0.300 10.42000 ? 25  THR B OG1 1 
ATOM   953  C CG2 A THR B 1 26 ? -1.82739  3.21107   -9.27394  0.700 13.89000 ? 25  THR B CG2 1 
ATOM   954  C CG2 B THR B 1 26 ? -2.41422  3.58023   -7.53664  0.300 11.36000 ? 25  THR B CG2 1 
ATOM   955  N N   A VAL B 1 27 ? -0.76961  1.52041   -5.27771  0.700 8.25000  ? 26  VAL B N   1 
ATOM   956  N N   B VAL B 1 27 ? -0.96229  1.55253   -5.37221  0.300 8.45000  ? 26  VAL B N   1 
ATOM   957  C CA  A VAL B 1 27 ? -1.21800  1.38307   -3.89937  0.700 7.97000  ? 26  VAL B CA  1 
ATOM   958  C CA  B VAL B 1 27 ? -1.30896  1.35488   -3.97288  0.300 8.06000  ? 26  VAL B CA  1 
ATOM   959  C C   A VAL B 1 27 ? -1.70758  2.74698   -3.45583  0.700 9.63000  ? 26  VAL B C   1 
ATOM   960  C C   B VAL B 1 27 ? -1.63486  2.71575   -3.38365  0.300 9.72000  ? 26  VAL B C   1 
ATOM   961  O O   A VAL B 1 27 ? -1.26585  3.77707   -3.96998  0.700 11.31000 ? 26  VAL B O   1 
ATOM   962  O O   B VAL B 1 27 ? -0.99097  3.71584   -3.71709  0.300 10.14000 ? 26  VAL B O   1 
ATOM   963  C CB  A VAL B 1 27 ? -0.15180  0.82491   -2.92960  0.700 7.21000  ? 26  VAL B CB  1 
ATOM   964  C CB  B VAL B 1 27 ? -0.18089  0.64934   -3.19764  0.300 7.57000  ? 26  VAL B CB  1 
ATOM   965  C CG1 A VAL B 1 27 ? 0.05942   -0.65457  -3.18937  0.700 10.40000 ? 26  VAL B CG1 1 
ATOM   966  C CG1 B VAL B 1 27 ? -0.70741  0.12453   -1.90104  0.300 8.50000  ? 26  VAL B CG1 1 
ATOM   967  C CG2 A VAL B 1 27 ? 1.13671   1.61324   -3.01862  0.700 7.37000  ? 26  VAL B CG2 1 
ATOM   968  C CG2 B VAL B 1 27 ? 0.33163   -0.50440  -4.00522  0.300 11.99000 ? 26  VAL B CG2 1 
ATOM   969  N N   . GLY B 1 28 ? -2.64419  2.75801   -2.52172  1.000 8.78000  ? 27  GLY B N   1 
ATOM   970  C CA  . GLY B 1 28 ? -3.15482  4.03778   -2.08386  1.000 10.06000 ? 27  GLY B CA  1 
ATOM   971  C C   . GLY B 1 28 ? -3.86077  3.94183   -0.75661  1.000 8.24000  ? 27  GLY B C   1 
ATOM   972  O O   . GLY B 1 28 ? -3.93395  2.87894   -0.13505  1.000 8.14000  ? 27  GLY B O   1 
ATOM   973  N N   . VAL B 1 29 ? -4.34831  5.09649   -0.31502  1.000 8.11000  ? 28  VAL B N   1 
ATOM   974  C CA  . VAL B 1 29 ? -5.09368  5.21989   0.92482   1.000 7.73000  ? 28  VAL B CA  1 
ATOM   975  C C   . VAL B 1 29 ? -6.34340  6.04310   0.65842   1.000 8.04000  ? 28  VAL B C   1 
ATOM   976  O O   . VAL B 1 29 ? -6.29956  7.04525   -0.07047  1.000 8.37000  ? 28  VAL B O   1 
ATOM   977  C CB  . VAL B 1 29 ? -4.24317  5.89561   2.01607   1.000 8.36000  ? 28  VAL B CB  1 
ATOM   978  C CG1 . VAL B 1 29 ? -5.06308  6.11339   3.27498   1.000 11.49000 ? 28  VAL B CG1 1 
ATOM   979  C CG2 . VAL B 1 29 ? -2.99321  5.06047   2.33286   1.000 9.43000  ? 28  VAL B CG2 1 
ATOM   980  N N   . MET B 1 30 ? -7.45575  5.62729   1.26143   1.000 8.78000  ? 29  MET B N   1 
ATOM   981  C CA  . MET B 1 30 ? -8.67545  6.42787   1.30911   1.000 8.90000  ? 29  MET B CA  1 
ATOM   982  C C   . MET B 1 30 ? -8.95309  6.78391   2.75663   1.000 8.33000  ? 29  MET B C   1 
ATOM   983  O O   . MET B 1 30 ? -9.04779  5.90151   3.60878   1.000 10.89000 ? 29  MET B O   1 
ATOM   984  C CB  . MET B 1 30 ? -9.85205  5.65360   0.71976   1.000 10.20000 ? 29  MET B CB  1 
ATOM   985  C CG  . MET B 1 30 ? -9.55451  5.11728   -0.65510  1.000 10.86000 ? 29  MET B CG  1 
ATOM   986  S SD  . MET B 1 30 ? -11.04927 4.45906   -1.42418  1.000 15.10000 ? 29  MET B SD  1 
ATOM   987  C CE  . MET B 1 30 ? -10.39375 3.88398   -2.99139  1.000 21.53000 ? 29  MET B CE  1 
ATOM   988  N N   . ALA B 1 31 ? -9.08101  8.07998   3.02633   1.000 9.51000  ? 30  ALA B N   1 
ATOM   989  C CA  . ALA B 1 31 ? -9.47094  8.53546   4.34000   1.000 9.26000  ? 30  ALA B CA  1 
ATOM   990  C C   . ALA B 1 31 ? -10.96240 8.27027   4.54044   1.000 9.34000  ? 30  ALA B C   1 
ATOM   991  O O   . ALA B 1 31 ? -11.70143 8.06328   3.57105   1.000 10.79000 ? 30  ALA B O   1 
ATOM   992  C CB  . ALA B 1 31 ? -9.18772  10.03158  4.45958   1.000 12.52000 ? 30  ALA B CB  1 
ATOM   993  N N   . PRO B 1 32 ? -11.42532 8.23920   5.78712   1.000 10.52000 ? 31  PRO B N   1 
ATOM   994  C CA  . PRO B 1 32 ? -12.85794 8.03082   6.02184   1.000 11.50000 ? 31  PRO B CA  1 
ATOM   995  C C   . PRO B 1 32 ? -13.69661 9.03475   5.24441   1.000 13.59000 ? 31  PRO B C   1 
ATOM   996  O O   . PRO B 1 32 ? -13.36660 10.22234  5.14451   1.000 13.00000 ? 31  PRO B O   1 
ATOM   997  C CB  . PRO B 1 32 ? -12.99622 8.21368   7.53628   1.000 12.62000 ? 31  PRO B CB  1 
ATOM   998  C CG  . PRO B 1 32 ? -11.65428 7.76041   8.07105   1.000 13.73000 ? 31  PRO B CG  1 
ATOM   999  C CD  . PRO B 1 32 ? -10.67004 8.31881   7.05270   1.000 12.35000 ? 31  PRO B CD  1 
ATOM   1000 N N   . GLY B 1 33 ? -14.77331 8.53576   4.65460   1.000 12.67000 ? 32  GLY B N   1 
ATOM   1001 C CA  . GLY B 1 33 ? -15.61694 9.34785   3.80627   1.000 12.93000 ? 32  GLY B CA  1 
ATOM   1002 C C   . GLY B 1 33 ? -16.38594 8.47555   2.83253   1.000 10.23000 ? 32  GLY B C   1 
ATOM   1003 O O   . GLY B 1 33 ? -16.41923 7.25225   2.95443   1.000 10.55000 ? 32  GLY B O   1 
ATOM   1004 N N   . GLN B 1 34 ? -17.01143 9.12780   1.87296   1.000 13.20000 ? 33  GLN B N   1 
ATOM   1005 C CA  . GLN B 1 34 ? -17.78399 8.44240   0.80920   1.000 11.16000 ? 33  GLN B CA  1 
ATOM   1006 C C   . GLN B 1 34 ? -17.37422 9.01313   -0.54264  1.000 11.86000 ? 33  GLN B C   1 
ATOM   1007 O O   . GLN B 1 34 ? -17.28883 10.20648  -0.67557  1.000 15.17000 ? 33  GLN B O   1 
ATOM   1008 C CB  . GLN B 1 34 ? -19.28623 8.61158   1.02423   1.000 30.00000 ? 33  GLN B CB  1 
ATOM   1009 C CG  . GLN B 1 34 ? -20.12674 7.80995   0.04495   1.000 30.00000 ? 33  GLN B CG  1 
ATOM   1010 C CD  . GLN B 1 34 ? -21.59283 7.82947   0.40811   1.000 30.00000 ? 33  GLN B CD  1 
ATOM   1011 O OE1 . GLN B 1 34 ? -22.20140 8.87600   0.52191   1.000 30.00000 ? 33  GLN B OE1 1 
ATOM   1012 N NE2 . GLN B 1 34 ? -22.15182 6.67409   0.57143   1.000 30.00000 ? 33  GLN B NE2 1 
ATOM   1013 N N   . TYR B 1 35 ? -17.04434 8.13787   -1.49064  1.000 12.72000 ? 34  TYR B N   1 
ATOM   1014 C CA  . TYR B 1 35 ? -16.41342 8.51908   -2.74562  1.000 12.84000 ? 34  TYR B CA  1 
ATOM   1015 C C   . TYR B 1 35 ? -17.09329 7.81788   -3.91230  1.000 13.47000 ? 34  TYR B C   1 
ATOM   1016 O O   . TYR B 1 35 ? -17.67025 6.74239   -3.75535  1.000 14.38000 ? 34  TYR B O   1 
ATOM   1017 C CB  . TYR B 1 35 ? -14.92570 8.12739   -2.71977  1.000 15.46000 ? 34  TYR B CB  1 
ATOM   1018 C CG  . TYR B 1 35 ? -14.23104 8.61633   -1.48209  1.000 11.55000 ? 34  TYR B CG  1 
ATOM   1019 C CD1 . TYR B 1 35 ? -13.84015 9.94548   -1.37385  1.000 12.97000 ? 34  TYR B CD1 1 
ATOM   1020 C CD2 . TYR B 1 35 ? -13.99618 7.76919   -0.40022  1.000 12.70000 ? 34  TYR B CD2 1 
ATOM   1021 C CE1 . TYR B 1 35 ? -13.21894 10.41551  -0.23230  1.000 13.60000 ? 34  TYR B CE1 1 
ATOM   1022 C CE2 . TYR B 1 35 ? -13.37012 8.22959   0.74556   1.000 11.58000 ? 34  TYR B CE2 1 
ATOM   1023 C CZ  . TYR B 1 35 ? -12.98124 9.55829   0.81581   1.000 12.17000 ? 34  TYR B CZ  1 
ATOM   1024 O OH  . TYR B 1 35 ? -12.37212 10.02682  1.94817   1.000 15.19000 ? 34  TYR B OH  1 
ATOM   1025 N N   . THR B 1 36 ? -17.01238 8.43860   -5.08813  1.000 16.84000 ? 35  THR B N   1 
ATOM   1026 C CA  . THR B 1 36 ? -17.38867 7.81478   -6.35051  1.000 18.76000 ? 35  THR B CA  1 
ATOM   1027 C C   . THR B 1 36 ? -16.16758 7.79897   -7.25623  1.000 16.79000 ? 35  THR B C   1 
ATOM   1028 O O   . THR B 1 36 ? -15.49907 8.82460   -7.41967  1.000 18.80000 ? 35  THR B O   1 
ATOM   1029 C CB  . THR B 1 36 ? -18.50297 8.59179   -7.05421  1.000 17.51000 ? 35  THR B CB  1 
ATOM   1030 O OG1 . THR B 1 36 ? -19.65131 8.66836   -6.20468  1.000 21.98000 ? 35  THR B OG1 1 
ATOM   1031 C CG2 . THR B 1 36 ? -18.89110 7.89556   -8.35580  1.000 20.97000 ? 35  THR B CG2 1 
ATOM   1032 N N   . PHE B 1 37 ? -15.87652 6.64248   -7.83925  1.000 14.79000 ? 36  PHE B N   1 
ATOM   1033 C CA  . PHE B 1 37 ? -14.78135 6.51748   -8.79068  1.000 15.11000 ? 36  PHE B CA  1 
ATOM   1034 C C   . PHE B 1 37 ? -15.27948 5.91686   -10.09386 1.000 15.65000 ? 36  PHE B C   1 
ATOM   1035 O O   . PHE B 1 37 ? -16.20729 5.10649   -10.10969 1.000 19.37000 ? 36  PHE B O   1 
ATOM   1036 C CB  . PHE B 1 37 ? -13.65388 5.64720   -8.23353  1.000 23.61000 ? 36  PHE B CB  1 
ATOM   1037 C CG  . PHE B 1 37 ? -12.74029 6.38608   -7.31367  1.000 27.74000 ? 36  PHE B CG  1 
ATOM   1038 C CD1 . PHE B 1 37 ? -11.81784 7.29044   -7.81713  1.000 31.76000 ? 36  PHE B CD1 1 
ATOM   1039 C CD2 . PHE B 1 37 ? -12.82928 6.20987   -5.94691  1.000 25.10000 ? 36  PHE B CD2 1 
ATOM   1040 C CE1 . PHE B 1 37 ? -10.98102 7.98893   -6.97224  1.000 32.92000 ? 36  PHE B CE1 1 
ATOM   1041 C CE2 . PHE B 1 37 ? -11.99715 6.89814   -5.09223  1.000 20.00000 ? 36  PHE B CE2 1 
ATOM   1042 C CZ  . PHE B 1 37 ? -11.07051 7.79277   -5.60537  1.000 30.10000 ? 36  PHE B CZ  1 
ATOM   1043 N N   . GLY B 1 38 ? -14.67063 6.35280   -11.19137 1.000 18.66000 ? 37  GLY B N   1 
ATOM   1044 C CA  . GLY B 1 38 ? -14.93198 5.79056   -12.49584 1.000 21.34000 ? 37  GLY B CA  1 
ATOM   1045 C C   . GLY B 1 38 ? -13.83618 4.82921   -12.92023 1.000 19.84000 ? 37  GLY B C   1 
ATOM   1046 O O   . GLY B 1 38 ? -12.71925 4.86332   -12.41016 1.000 25.46000 ? 37  GLY B O   1 
ATOM   1047 N N   . THR B 1 39 ? -14.17061 3.94503   -13.85218 1.000 19.17000 ? 38  THR B N   1 
ATOM   1048 C CA  . THR B 1 39 ? -13.19874 3.00679   -14.39253 1.000 17.04000 ? 38  THR B CA  1 
ATOM   1049 C C   . THR B 1 39 ? -13.11200 3.13250   -15.90601 1.000 22.16000 ? 38  THR B C   1 
ATOM   1050 O O   . THR B 1 39 ? -14.09236 3.46576   -16.58194 1.000 22.09000 ? 38  THR B O   1 
ATOM   1051 C CB  . THR B 1 39 ? -13.54948 1.56085   -14.03164 1.000 21.81000 ? 38  THR B CB  1 
ATOM   1052 O OG1 . THR B 1 39 ? -14.85595 1.24495   -14.53003 1.000 20.61000 ? 38  THR B OG1 1 
ATOM   1053 C CG2 . THR B 1 39 ? -13.52532 1.37184   -12.51757 1.000 21.63000 ? 38  THR B CG2 1 
ATOM   1054 N N   . GLY B 1 40 ? -11.91552 2.87885   -16.42433 1.000 20.84000 ? 39  GLY B N   1 
ATOM   1055 C CA  . GLY B 1 40 ? -11.68031 2.60550   -17.82632 1.000 19.77000 ? 39  GLY B CA  1 
ATOM   1056 C C   . GLY B 1 40 ? -11.54065 1.11424   -18.02739 1.000 17.80000 ? 39  GLY B C   1 
ATOM   1057 O O   . GLY B 1 40 ? -12.54196 0.39169   -18.19097 1.000 21.41000 ? 39  GLY B O   1 
ATOM   1058 N N   . ALA B 1 41 ? -10.31654 0.60680   -17.94554 1.000 19.66000 ? 40  ALA B N   1 
ATOM   1059 C CA  . ALA B 1 41 ? -10.11307 -0.82673  -17.89406 1.000 18.69000 ? 40  ALA B CA  1 
ATOM   1060 C C   . ALA B 1 41 ? -10.73755 -1.38512  -16.61395 1.000 20.23000 ? 40  ALA B C   1 
ATOM   1061 O O   . ALA B 1 41 ? -10.80531 -0.68859  -15.59291 1.000 19.37000 ? 40  ALA B O   1 
ATOM   1062 C CB  . ALA B 1 41 ? -8.62341  -1.13803  -17.91326 1.000 17.84000 ? 40  ALA B CB  1 
ATOM   1063 N N   . PRO B 1 42 ? -11.21474 -2.63094  -16.63937 1.000 18.47000 ? 41  PRO B N   1 
ATOM   1064 C CA  . PRO B 1 42 ? -11.65771 -3.26196  -15.39244 1.000 21.77000 ? 41  PRO B CA  1 
ATOM   1065 C C   . PRO B 1 42 ? -10.51145 -3.31519  -14.39432 1.000 17.41000 ? 41  PRO B C   1 
ATOM   1066 O O   . PRO B 1 42 ? -9.33797  -3.38684  -14.76730 1.000 19.09000 ? 41  PRO B O   1 
ATOM   1067 C CB  . PRO B 1 42 ? -12.08914 -4.66673  -15.83321 1.000 24.38000 ? 41  PRO B CB  1 
ATOM   1068 C CG  . PRO B 1 42 ? -11.42642 -4.88710  -17.15160 1.000 26.89000 ? 41  PRO B CG  1 
ATOM   1069 C CD  . PRO B 1 42 ? -11.31597 -3.54325  -17.79397 1.000 19.92000 ? 41  PRO B CD  1 
ATOM   1070 N N   . GLU B 1 43 ? -10.86692 -3.24617  -13.10953 1.000 16.11000 ? 42  GLU B N   1 
ATOM   1071 C CA  . GLU B 1 43 ? -9.89850  -3.12322  -12.02781 1.000 18.36000 ? 42  GLU B CA  1 
ATOM   1072 C C   . GLU B 1 43 ? -10.11725 -4.22100  -10.99882 1.000 15.47000 ? 42  GLU B C   1 
ATOM   1073 O O   . GLU B 1 43 ? -11.24571 -4.66670  -10.77211 1.000 15.30000 ? 42  GLU B O   1 
ATOM   1074 C CB  . GLU B 1 43 ? -10.07418 -1.79803  -11.27963 1.000 17.55000 ? 42  GLU B CB  1 
ATOM   1075 C CG  . GLU B 1 43 ? -9.58626  -0.57902  -12.01594 1.000 24.84000 ? 42  GLU B CG  1 
ATOM   1076 C CD  . GLU B 1 43 ? -10.11451 0.69630   -11.40341 1.000 19.46000 ? 42  GLU B CD  1 
ATOM   1077 O OE1 . GLU B 1 43 ? -10.77213 0.62392   -10.33215 1.000 21.79000 ? 42  GLU B OE1 1 
ATOM   1078 O OE2 . GLU B 1 43 ? -9.88963  1.76823   -12.00459 1.000 29.91000 ? 42  GLU B OE2 1 
ATOM   1079 N N   . ARG B 1 44 ? -9.02868  -4.63517  -10.35769 1.000 12.76000 ? 43  ARG B N   1 
ATOM   1080 C CA  . ARG B 1 44 ? -9.07817  -5.52423  -9.20207  1.000 12.74000 ? 43  ARG B CA  1 
ATOM   1081 C C   . ARG B 1 44 ? -8.48278  -4.77953  -8.02214  1.000 10.83000 ? 43  ARG B C   1 
ATOM   1082 O O   . ARG B 1 44 ? -7.30283  -4.40859  -8.04804  1.000 11.23000 ? 43  ARG B O   1 
ATOM   1083 C CB  . ARG B 1 44 ? -8.29990  -6.81444  -9.44947  1.000 14.25000 ? 43  ARG B CB  1 
ATOM   1084 C CG  . ARG B 1 44 ? -8.37615  -7.80108  -8.28666  1.000 16.59000 ? 43  ARG B CG  1 
ATOM   1085 C CD  . ARG B 1 44 ? -7.69038  -9.10950  -8.65429  1.000 20.93000 ? 43  ARG B CD  1 
ATOM   1086 N NE  . ARG B 1 44 ? -7.21855  -9.82660  -7.47638  1.000 32.01000 ? 43  ARG B NE  1 
ATOM   1087 C CZ  . ARG B 1 44 ? -7.92770  -10.74817 -6.83236  1.000 35.57000 ? 43  ARG B CZ  1 
ATOM   1088 N NH1 . ARG B 1 44 ? -7.42075  -11.35216 -5.76616  1.000 29.59000 ? 43  ARG B NH1 1 
ATOM   1089 N NH2 . ARG B 1 44 ? -9.14739  -11.06061 -7.25009  1.000 38.42000 ? 43  ARG B NH2 1 
ATOM   1090 N N   A MET B 1 45 ? -9.29687  -4.53505  -7.00056  0.550 10.83000 ? 44  MET B N   1 
ATOM   1091 N N   B MET B 1 45 ? -9.30674  -4.54749  -7.00905  0.450 10.83000 ? 44  MET B N   1 
ATOM   1092 C CA  A MET B 1 45 ? -8.86524  -3.82177  -5.80626  0.550 11.02000 ? 44  MET B CA  1 
ATOM   1093 C CA  B MET B 1 45 ? -8.90119  -3.86248  -5.79605  0.450 11.05000 ? 44  MET B CA  1 
ATOM   1094 C C   A MET B 1 45 ? -8.77834  -4.79524  -4.64241  0.550 11.87000 ? 44  MET B C   1 
ATOM   1095 C C   B MET B 1 45 ? -8.74100  -4.88964  -4.68890  0.450 11.96000 ? 44  MET B C   1 
ATOM   1096 O O   A MET B 1 45 ? -9.73699  -5.52706  -4.37000  0.550 14.33000 ? 44  MET B O   1 
ATOM   1097 O O   B MET B 1 45 ? -9.60715  -5.74899  -4.50538  0.450 13.87000 ? 44  MET B O   1 
ATOM   1098 C CB  A MET B 1 45 ? -9.84843  -2.70183  -5.46579  0.550 14.16000 ? 44  MET B CB  1 
ATOM   1099 C CB  B MET B 1 45 ? -9.97640  -2.86001  -5.39502  0.450 13.91000 ? 44  MET B CB  1 
ATOM   1100 C CG  A MET B 1 45 ? -9.79642  -1.52417  -6.42225  0.550 19.53000 ? 44  MET B CG  1 
ATOM   1101 C CG  B MET B 1 45 ? -10.05258 -1.66704  -6.31049  0.450 18.54000 ? 44  MET B CG  1 
ATOM   1102 S SD  A MET B 1 45 ? -10.63751 -0.06605  -5.77824  0.550 21.68000 ? 44  MET B SD  1 
ATOM   1103 S SD  B MET B 1 45 ? -9.09657  -0.31581  -5.61433  0.450 18.92000 ? 44  MET B SD  1 
ATOM   1104 C CE  A MET B 1 45 ? -9.84146  0.12720   -4.18870  0.550 20.29000 ? 44  MET B CE  1 
ATOM   1105 C CE  B MET B 1 45 ? -10.25574 0.26962   -4.38016  0.450 18.15000 ? 44  MET B CE  1 
ATOM   1106 N N   . THR B 1 46 ? -7.62982  -4.80992  -3.96973  1.000 10.42000 ? 45  THR B N   1 
ATOM   1107 C CA  . THR B 1 46 ? -7.40291  -5.62564  -2.78544  1.000 10.13000 ? 45  THR B CA  1 
ATOM   1108 C C   . THR B 1 46 ? -7.27303  -4.70307  -1.58304  1.000 10.68000 ? 45  THR B C   1 
ATOM   1109 O O   . THR B 1 46 ? -6.50687  -3.73792  -1.61453  1.000 10.82000 ? 45  THR B O   1 
ATOM   1110 C CB  . THR B 1 46 ? -6.12015  -6.44192  -2.93426  1.000 12.56000 ? 45  THR B CB  1 
ATOM   1111 O OG1 . THR B 1 46 ? -6.18963  -7.21345  -4.14320  1.000 14.34000 ? 45  THR B OG1 1 
ATOM   1112 C CG2 . THR B 1 46 ? -5.95133  -7.40376  -1.74270  1.000 15.87000 ? 45  THR B CG2 1 
ATOM   1113 N N   . VAL B 1 47 ? -8.00278  -5.00492  -0.51738  1.000 10.45000 ? 46  VAL B N   1 
ATOM   1114 C CA  . VAL B 1 47 ? -7.88604  -4.24385  0.72051   1.000 10.21000 ? 46  VAL B CA  1 
ATOM   1115 C C   . VAL B 1 47 ? -6.60736  -4.68005  1.42601   1.000 10.82000 ? 46  VAL B C   1 
ATOM   1116 O O   . VAL B 1 47 ? -6.41993  -5.86874  1.71704   1.000 11.97000 ? 46  VAL B O   1 
ATOM   1117 C CB  . VAL B 1 47 ? -9.11932  -4.45475  1.61265   1.000 9.73000  ? 46  VAL B CB  1 
ATOM   1118 C CG1 . VAL B 1 47 ? -8.98161  -3.65245  2.90501   1.000 9.99000  ? 46  VAL B CG1 1 
ATOM   1119 C CG2 . VAL B 1 47 ? -10.40016 -4.05302  0.87252   1.000 11.96000 ? 46  VAL B CG2 1 
ATOM   1120 N N   . VAL B 1 48 ? -5.71696  -3.72838  1.68678   1.000 9.90000  ? 47  VAL B N   1 
ATOM   1121 C CA  . VAL B 1 48 ? -4.44276  -4.01806  2.34335   1.000 9.77000  ? 47  VAL B CA  1 
ATOM   1122 C C   . VAL B 1 48 ? -4.57112  -3.91390  3.85268   1.000 11.84000 ? 47  VAL B C   1 
ATOM   1123 O O   . VAL B 1 48 ? -4.10050  -4.78903  4.58649   1.000 12.38000 ? 47  VAL B O   1 
ATOM   1124 C CB  . VAL B 1 48 ? -3.31760  -3.11767  1.78405   1.000 8.99000  ? 47  VAL B CB  1 
ATOM   1125 C CG1 . VAL B 1 48 ? -2.03670  -3.20842  2.64041   1.000 11.69000 ? 47  VAL B CG1 1 
ATOM   1126 C CG2 . VAL B 1 48 ? -3.04792  -3.46000  0.31157   1.000 9.55000  ? 47  VAL B CG2 1 
ATOM   1127 N N   . LYS B 1 49 ? -5.22301  -2.85783  4.32715   1.000 9.70000  ? 48  LYS B N   1 
ATOM   1128 C CA  . LYS B 1 49 ? -5.47687  -2.69606  5.75165   1.000 9.22000  ? 48  LYS B CA  1 
ATOM   1129 C C   . LYS B 1 49 ? -6.68249  -1.78375  5.88859   1.000 11.29000 ? 48  LYS B C   1 
ATOM   1130 O O   . LYS B 1 49 ? -6.72469  -0.72240  5.25212   1.000 10.37000 ? 48  LYS B O   1 
ATOM   1131 C CB  . LYS B 1 49 ? -4.25974  -2.09802  6.47138   1.000 11.12000 ? 48  LYS B CB  1 
ATOM   1132 C CG  . LYS B 1 49 ? -4.44514  -2.05611  7.99892   1.000 13.46000 ? 48  LYS B CG  1 
ATOM   1133 C CD  . LYS B 1 49 ? -3.16084  -1.69433  8.71732   1.000 14.79000 ? 48  LYS B CD  1 
ATOM   1134 C CE  . LYS B 1 49 ? -3.39241  -1.63763  10.22595  1.000 20.66000 ? 48  LYS B CE  1 
ATOM   1135 N NZ  . LYS B 1 49 ? -2.10002  -1.51642  10.97556  1.000 23.71000 ? 48  LYS B NZ  1 
ATOM   1136 N N   . GLY B 1 50 ? -7.65947  -2.19576  6.69760   1.000 10.16000 ? 49  GLY B N   1 
ATOM   1137 C CA  . GLY B 1 50 ? -8.89505  -1.44738  6.81400   1.000 9.54000  ? 49  GLY B CA  1 
ATOM   1138 C C   . GLY B 1 50 ? -10.04897 -2.18048  6.16065   1.000 10.44000 ? 49  GLY B C   1 
ATOM   1139 O O   . GLY B 1 50 ? -10.07606 -3.41678  6.14600   1.000 11.50000 ? 49  GLY B O   1 
ATOM   1140 N N   . ALA B 1 51 ? -11.01206 -1.43965  5.61053   1.000 9.45000  ? 50  ALA B N   1 
ATOM   1141 C CA  . ALA B 1 51 ? -12.15910 -2.07296  4.97406   1.000 10.15000 ? 50  ALA B CA  1 
ATOM   1142 C C   . ALA B 1 51 ? -12.80130 -1.07530  4.02703   1.000 10.50000 ? 50  ALA B C   1 
ATOM   1143 O O   . ALA B 1 51 ? -12.79552 0.13035   4.28229   1.000 13.11000 ? 50  ALA B O   1 
ATOM   1144 C CB  . ALA B 1 51 ? -13.19319 -2.54578  6.01260   1.000 13.02000 ? 50  ALA B CB  1 
ATOM   1145 N N   . LEU B 1 52 ? -13.35945 -1.59138  2.93544   1.000 10.49000 ? 51  LEU B N   1 
ATOM   1146 C CA  . LEU B 1 52 ? -14.09094 -0.78735  1.96582   1.000 12.44000 ? 51  LEU B CA  1 
ATOM   1147 C C   . LEU B 1 52 ? -15.49493 -1.35528  1.81262   1.000 11.94000 ? 51  LEU B C   1 
ATOM   1148 O O   . LEU B 1 52 ? -15.66119 -2.55647  1.59171   1.000 13.16000 ? 51  LEU B O   1 
ATOM   1149 C CB  . LEU B 1 52 ? -13.38623 -0.80794  0.61069   1.000 13.01000 ? 51  LEU B CB  1 
ATOM   1150 C CG  . LEU B 1 52 ? -11.95353 -0.28319  0.58251   1.000 10.58000 ? 51  LEU B CG  1 
ATOM   1151 C CD1 . LEU B 1 52 ? -11.39701 -0.45717  -0.81326  1.000 10.01000 ? 51  LEU B CD1 1 
ATOM   1152 C CD2 . LEU B 1 52 ? -11.94472 1.16087   0.97554   1.000 10.50000 ? 51  LEU B CD2 1 
ATOM   1153 N N   . THR B 1 53 ? -16.49742 -0.50451  1.94359   1.000 12.59000 ? 52  THR B N   1 
ATOM   1154 C CA  . THR B 1 53 ? -17.88734 -0.88737  1.72282   1.000 12.96000 ? 52  THR B CA  1 
ATOM   1155 C C   . THR B 1 53 ? -18.32985 -0.25945  0.40898   1.000 11.90000 ? 52  THR B C   1 
ATOM   1156 O O   . THR B 1 53 ? -18.31979 0.96588   0.27718   1.000 12.88000 ? 52  THR B O   1 
ATOM   1157 C CB  . THR B 1 53 ? -18.74683 -0.38753  2.87832   1.000 14.44000 ? 52  THR B CB  1 
ATOM   1158 O OG1 . THR B 1 53 ? -18.34562 -1.05826  4.08167   1.000 15.07000 ? 52  THR B OG1 1 
ATOM   1159 C CG2 . THR B 1 53 ? -20.22421 -0.64998  2.60689   1.000 14.55000 ? 52  THR B CG2 1 
ATOM   1160 N N   . ILE B 1 54 ? -18.68362 -1.08534  -0.57101  1.000 13.55000 ? 53  ILE B N   1 
ATOM   1161 C CA  . ILE B 1 54 ? -18.79610 -0.59896  -1.93809  1.000 13.28000 ? 53  ILE B CA  1 
ATOM   1162 C C   . ILE B 1 54 ? -20.18178 -0.87028  -2.50795  1.000 15.35000 ? 53  ILE B C   1 
ATOM   1163 O O   . ILE B 1 54 ? -20.91526 -1.74687  -2.04777  1.000 14.35000 ? 53  ILE B O   1 
ATOM   1164 C CB  . ILE B 1 54 ? -17.71179 -1.18529  -2.85860  1.000 12.83000 ? 53  ILE B CB  1 
ATOM   1165 C CG1 . ILE B 1 54 ? -17.95175 -2.67977  -3.07958  1.000 14.80000 ? 53  ILE B CG1 1 
ATOM   1166 C CG2 . ILE B 1 54 ? -16.32301 -0.89619  -2.29506  1.000 13.72000 ? 53  ILE B CG2 1 
ATOM   1167 C CD1 . ILE B 1 54 ? -17.08525 -3.26841  -4.16408  1.000 19.34000 ? 53  ILE B CD1 1 
ATOM   1168 N N   . LYS B 1 55 ? -20.52246 -0.10503  -3.54412  1.000 14.49000 ? 54  LYS B N   1 
ATOM   1169 C CA  . LYS B 1 55 ? -21.73411 -0.34804  -4.32791  1.000 15.24000 ? 54  LYS B CA  1 
ATOM   1170 C C   . LYS B 1 55 ? -21.39657 -0.14892  -5.79862  1.000 12.88000 ? 54  LYS B C   1 
ATOM   1171 O O   . LYS B 1 55 ? -21.18625 0.98414   -6.24769  1.000 16.38000 ? 54  LYS B O   1 
ATOM   1172 C CB  . LYS B 1 55 ? -22.89046 0.55449   -3.89617  1.000 16.57000 ? 54  LYS B CB  1 
ATOM   1173 C CG  . LYS B 1 55 ? -24.23793 0.09025   -4.46113  1.000 21.63000 ? 54  LYS B CG  1 
ATOM   1174 C CD  . LYS B 1 55 ? -25.40384 0.58036   -3.61514  1.000 25.88000 ? 54  LYS B CD  1 
ATOM   1175 C CE  . LYS B 1 55 ? -26.73142 0.02676   -4.13314  1.000 26.50000 ? 54  LYS B CE  1 
ATOM   1176 N NZ  . LYS B 1 55 ? -26.72077 -0.18604  -5.60950  1.000 34.35000 ? 54  LYS B NZ  1 
ATOM   1177 N N   . ARG B 1 56 ? -21.33430 -1.25250  -6.53813  1.000 16.87000 ? 55  ARG B N   1 
ATOM   1178 C CA  . ARG B 1 56 ? -21.14354 -1.25597  -7.97766  1.000 19.08000 ? 55  ARG B CA  1 
ATOM   1179 C C   . ARG B 1 56 ? -22.50773 -1.32100  -8.66325  1.000 22.60000 ? 55  ARG B C   1 
ATOM   1180 O O   . ARG B 1 56 ? -23.54838 -1.43611  -8.01498  1.000 24.21000 ? 55  ARG B O   1 
ATOM   1181 C CB  . ARG B 1 56 ? -20.28210 -2.44938  -8.38638  1.000 19.34000 ? 55  ARG B CB  1 
ATOM   1182 C CG  . ARG B 1 56 ? -18.89612 -2.46123  -7.75982  1.000 15.63000 ? 55  ARG B CG  1 
ATOM   1183 C CD  . ARG B 1 56 ? -18.31066 -3.86544  -7.78591  1.000 17.20000 ? 55  ARG B CD  1 
ATOM   1184 N NE  . ARG B 1 56 ? -19.00148 -4.74737  -6.84814  1.000 17.92000 ? 55  ARG B NE  1 
ATOM   1185 C CZ  . ARG B 1 56 ? -18.58223 -5.96335  -6.51231  1.000 16.97000 ? 55  ARG B CZ  1 
ATOM   1186 N NH1 . ARG B 1 56 ? -19.27796 -6.68939  -5.64587  1.000 18.47000 ? 55  ARG B NH1 1 
ATOM   1187 N NH2 . ARG B 1 56 ? -17.46467 -6.45818  -7.03451  1.000 17.77000 ? 55  ARG B NH2 1 
ATOM   1188 N N   . VAL B 1 57 ? -22.50043 -1.23999  -9.99779  1.000 27.49000 ? 56  VAL B N   1 
ATOM   1189 C CA  . VAL B 1 57 ? -23.75498 -1.25076  -10.75170 1.000 27.10000 ? 56  VAL B CA  1 
ATOM   1190 C C   . VAL B 1 57 ? -24.51814 -2.55080  -10.54924 1.000 26.91000 ? 56  VAL B C   1 
ATOM   1191 O O   . VAL B 1 57 ? -25.74863 -2.57974  -10.67283 1.000 28.85000 ? 56  VAL B O   1 
ATOM   1192 C CB  . VAL B 1 57 ? -23.50574 -0.95910  -12.24543 1.000 29.34000 ? 56  VAL B CB  1 
ATOM   1193 C CG1 . VAL B 1 57 ? -22.90795 0.42269   -12.42209 1.000 26.74000 ? 56  VAL B CG1 1 
ATOM   1194 C CG2 . VAL B 1 57 ? -22.61111 -2.03472  -12.86867 1.000 27.97000 ? 56  VAL B CG2 1 
ATOM   1195 N N   . THR B 1 58 ? -23.81816 -3.63528  -10.22332 1.000 28.02000 ? 57  THR B N   1 
ATOM   1196 C CA  . THR B 1 58 ? -24.42338 -4.95129  -10.06578 1.000 28.95000 ? 57  THR B CA  1 
ATOM   1197 C C   . THR B 1 58 ? -24.74063 -5.30924  -8.61926  1.000 29.84000 ? 57  THR B C   1 
ATOM   1198 O O   . THR B 1 58 ? -25.21796 -6.41842  -8.36553  1.000 30.72000 ? 57  THR B O   1 
ATOM   1199 C CB  . THR B 1 58 ? -23.51894 -6.02673  -10.67454 1.000 32.19000 ? 57  THR B CB  1 
ATOM   1200 O OG1 . THR B 1 58 ? -22.18910 -5.87661  -10.16126 1.000 34.48000 ? 57  THR B OG1 1 
ATOM   1201 C CG2 . THR B 1 58 ? -23.49660 -5.90192  -12.18962 1.000 31.75000 ? 57  THR B CG2 1 
ATOM   1202 N N   . ASP B 1 59 ? -24.45057 -4.42730  -7.66642  1.000 25.41000 ? 58  ASP B N   1 
ATOM   1203 C CA  . ASP B 1 59 ? -24.70820 -4.69401  -6.25528  1.000 25.78000 ? 58  ASP B CA  1 
ATOM   1204 C C   . ASP B 1 59 ? -26.07533 -4.13670  -5.88368  1.000 27.87000 ? 58  ASP B C   1 
ATOM   1205 O O   . ASP B 1 59 ? -26.29499 -2.92365  -5.96592  1.000 31.60000 ? 58  ASP B O   1 
ATOM   1206 C CB  . ASP B 1 59 ? -23.64760 -4.02742  -5.38343  1.000 21.80000 ? 58  ASP B CB  1 
ATOM   1207 C CG  . ASP B 1 59 ? -22.26463 -4.61608  -5.58411  1.000 25.61000 ? 58  ASP B CG  1 
ATOM   1208 O OD1 . ASP B 1 59 ? -22.13176 -5.86011  -5.63831  1.000 26.34000 ? 58  ASP B OD1 1 
ATOM   1209 O OD2 . ASP B 1 59 ? -21.30518 -3.82035  -5.67405  1.000 20.26000 ? 58  ASP B OD2 1 
ATOM   1210 N N   . ALA B 1 60 ? -26.98344 -5.01203  -5.44574  1.000 27.61000 ? 59  ALA B N   1 
ATOM   1211 C CA  . ALA B 1 60 ? -28.27902 -4.52826  -4.97751  1.000 30.69000 ? 59  ALA B CA  1 
ATOM   1212 C C   . ALA B 1 60 ? -28.15909 -3.82502  -3.63251  1.000 27.54000 ? 59  ALA B C   1 
ATOM   1213 O O   . ALA B 1 60 ? -28.95222 -2.92272  -3.33480  1.000 32.02000 ? 59  ALA B O   1 
ATOM   1214 C CB  . ALA B 1 60 ? -29.27489 -5.68553  -4.88401  1.000 27.01000 ? 59  ALA B CB  1 
ATOM   1215 N N   . ASP B 1 61 ? -27.17652 -4.21487  -2.81975  1.000 25.71000 ? 60  ASP B N   1 
ATOM   1216 C CA  . ASP B 1 61 ? -26.89040 -3.59764  -1.53413  1.000 24.10000 ? 60  ASP B CA  1 
ATOM   1217 C C   . ASP B 1 61 ? -25.39461 -3.34899  -1.43347  1.000 21.65000 ? 60  ASP B C   1 
ATOM   1218 O O   . ASP B 1 61 ? -24.60197 -3.86491  -2.22633  1.000 25.69000 ? 60  ASP B O   1 
ATOM   1219 C CB  . ASP B 1 61 ? -27.33478 -4.47827  -0.36171  1.000 30.59000 ? 60  ASP B CB  1 
ATOM   1220 C CG  . ASP B 1 61 ? -28.83818 -4.51057  -0.19303  1.000 50.81000 ? 60  ASP B CG  1 
ATOM   1221 O OD1 . ASP B 1 61 ? -29.44360 -3.42934  -0.02559  1.000 48.12000 ? 60  ASP B OD1 1 
ATOM   1222 O OD2 . ASP B 1 61 ? -29.41311 -5.61919  -0.21534  1.000 56.85000 ? 60  ASP B OD2 1 
ATOM   1223 N N   . TRP B 1 62 ? -25.01674 -2.55621  -0.43582  1.000 22.95000 ? 61  TRP B N   1 
ATOM   1224 C CA  . TRP B 1 62 ? -23.60801 -2.31237  -0.16903  1.000 17.06000 ? 61  TRP B CA  1 
ATOM   1225 C C   . TRP B 1 62 ? -22.92343 -3.59702  0.28623   1.000 21.36000 ? 61  TRP B C   1 
ATOM   1226 O O   . TRP B 1 62 ? -23.51854 -4.42700  0.98306   1.000 23.21000 ? 61  TRP B O   1 
ATOM   1227 C CB  . TRP B 1 62 ? -23.47171 -1.22696  0.89841   1.000 19.06000 ? 61  TRP B CB  1 
ATOM   1228 C CG  . TRP B 1 62 ? -24.00079 0.11614   0.44896   1.000 17.90000 ? 61  TRP B CG  1 
ATOM   1229 C CD1 . TRP B 1 62 ? -25.30001 0.54465   0.48443   1.000 20.74000 ? 61  TRP B CD1 1 
ATOM   1230 C CD2 . TRP B 1 62 ? -23.24097 1.19273   -0.10924  1.000 18.10000 ? 61  TRP B CD2 1 
ATOM   1231 N NE1 . TRP B 1 62 ? -25.39080 1.82192   -0.01818  1.000 20.61000 ? 61  TRP B NE1 1 
ATOM   1232 C CE2 . TRP B 1 62 ? -24.13806 2.24392   -0.38354  1.000 19.00000 ? 61  TRP B CE2 1 
ATOM   1233 C CE3 . TRP B 1 62 ? -21.88240 1.37293   -0.40110  1.000 16.66000 ? 61  TRP B CE3 1 
ATOM   1234 C CZ2 . TRP B 1 62 ? -23.72314 3.44981   -0.93952  1.000 19.23000 ? 61  TRP B CZ2 1 
ATOM   1235 C CZ3 . TRP B 1 62 ? -21.47781 2.56769   -0.94788  1.000 16.58000 ? 61  TRP B CZ3 1 
ATOM   1236 C CH2 . TRP B 1 62 ? -22.39158 3.59189   -1.21061  1.000 17.53000 ? 61  TRP B CH2 1 
ATOM   1237 N N   . VAL B 1 63 ? -21.66803 -3.77348  -0.12810  1.000 17.67000 ? 62  VAL B N   1 
ATOM   1238 C CA  . VAL B 1 63 ? -20.89232 -4.97256  0.18366   1.000 19.16000 ? 62  VAL B CA  1 
ATOM   1239 C C   . VAL B 1 63 ? -19.57987 -4.54293  0.82724   1.000 17.04000 ? 62  VAL B C   1 
ATOM   1240 O O   . VAL B 1 63 ? -18.88232 -3.67439  0.29552   1.000 14.71000 ? 62  VAL B O   1 
ATOM   1241 C CB  . VAL B 1 63 ? -20.59781 -5.80105  -1.08000  1.000 21.10000 ? 62  VAL B CB  1 
ATOM   1242 C CG1 . VAL B 1 63 ? -19.94500 -7.12646  -0.69206  1.000 19.16000 ? 62  VAL B CG1 1 
ATOM   1243 C CG2 . VAL B 1 63 ? -21.87027 -6.01375  -1.90253  1.000 23.64000 ? 62  VAL B CG2 1 
ATOM   1244 N N   . THR B 1 64 ? -19.23753 -5.15434  1.95704   1.000 15.33000 ? 63  THR B N   1 
ATOM   1245 C CA  . THR B 1 64 ? -18.02839 -4.81155  2.70152   1.000 15.22000 ? 63  THR B CA  1 
ATOM   1246 C C   . THR B 1 64 ? -16.91052 -5.81633  2.44792   1.000 14.47000 ? 63  THR B C   1 
ATOM   1247 O O   . THR B 1 64 ? -17.11879 -7.02936  2.56234   1.000 16.87000 ? 63  THR B O   1 
ATOM   1248 C CB  . THR B 1 64 ? -18.33242 -4.71775  4.19622   1.000 14.98000 ? 63  THR B CB  1 
ATOM   1249 O OG1 . THR B 1 64 ? -19.25442 -3.64579  4.41008   1.000 16.95000 ? 63  THR B OG1 1 
ATOM   1250 C CG2 . THR B 1 64 ? -17.07064 -4.44303  4.98558   1.000 19.20000 ? 63  THR B CG2 1 
ATOM   1251 N N   . PHE B 1 65 ? -15.72563 -5.30669  2.11079   1.000 12.27000 ? 64  PHE B N   1 
ATOM   1252 C CA  . PHE B 1 65 ? -14.51929 -6.10185  1.92232   1.000 12.30000 ? 64  PHE B CA  1 
ATOM   1253 C C   . PHE B 1 65 ? -13.49386 -5.70814  2.96958   1.000 13.95000 ? 64  PHE B C   1 
ATOM   1254 O O   . PHE B 1 65 ? -13.16343 -4.52475  3.10568   1.000 12.08000 ? 64  PHE B O   1 
ATOM   1255 C CB  . PHE B 1 65 ? -13.97592 -5.91133  0.50419   1.000 12.50000 ? 64  PHE B CB  1 
ATOM   1256 C CG  . PHE B 1 65 ? -14.89443 -6.46118  -0.53690  1.000 12.52000 ? 64  PHE B CG  1 
ATOM   1257 C CD1 . PHE B 1 65 ? -15.88979 -5.67056  -1.08781  1.000 13.03000 ? 64  PHE B CD1 1 
ATOM   1258 C CD2 . PHE B 1 65 ? -14.80635 -7.79522  -0.91318  1.000 13.97000 ? 64  PHE B CD2 1 
ATOM   1259 C CE1 . PHE B 1 65 ? -16.76952 -6.18911  -2.02900  1.000 15.07000 ? 64  PHE B CE1 1 
ATOM   1260 C CE2 . PHE B 1 65 ? -15.69608 -8.32824  -1.84983  1.000 14.21000 ? 64  PHE B CE2 1 
ATOM   1261 C CZ  . PHE B 1 65 ? -16.67076 -7.52018  -2.40861  1.000 14.69000 ? 64  PHE B CZ  1 
ATOM   1262 N N   . THR B 1 66 ? -13.00275 -6.69190  3.71144   1.000 13.39000 ? 65  THR B N   1 
ATOM   1263 C CA  . THR B 1 66 ? -12.04952 -6.46793  4.78515   1.000 14.46000 ? 65  THR B CA  1 
ATOM   1264 C C   . THR B 1 66 ? -10.63916 -6.81189  4.31311   1.000 12.84000 ? 65  THR B C   1 
ATOM   1265 O O   . THR B 1 66 ? -10.42402 -7.21218  3.16548   1.000 13.51000 ? 65  THR B O   1 
ATOM   1266 C CB  . THR B 1 66 ? -12.45788 -7.26734  6.02150   1.000 17.66000 ? 65  THR B CB  1 
ATOM   1267 O OG1 . THR B 1 66 ? -12.58460 -8.64829  5.66315   1.000 18.17000 ? 65  THR B OG1 1 
ATOM   1268 C CG2 . THR B 1 66 ? -13.78962 -6.76065  6.54764   1.000 18.67000 ? 65  THR B CG2 1 
ATOM   1269 N N   . ALA B 1 67 ? -9.66906  -6.65340  5.21931   1.000 14.99000 ? 66  ALA B N   1 
ATOM   1270 C CA  . ALA B 1 67 ? -8.26013  -6.78907  4.86579   1.000 15.52000 ? 66  ALA B CA  1 
ATOM   1271 C C   . ALA B 1 67 ? -7.96690  -8.14758  4.24604   1.000 14.65000 ? 66  ALA B C   1 
ATOM   1272 O O   . ALA B 1 67 ? -8.39026  -9.18787  4.75803   1.000 17.80000 ? 66  ALA B O   1 
ATOM   1273 C CB  . ALA B 1 67 ? -7.38649  -6.58391  6.10329   1.000 19.91000 ? 66  ALA B CB  1 
ATOM   1274 N N   . GLY B 1 68 ? -7.23459  -8.13048  3.13435   1.000 14.23000 ? 67  GLY B N   1 
ATOM   1275 C CA  . GLY B 1 68 ? -6.89902  -9.32809  2.41072   1.000 14.19000 ? 67  GLY B CA  1 
ATOM   1276 C C   . GLY B 1 68 ? -7.89625  -9.71202  1.34465   1.000 16.73000 ? 67  GLY B C   1 
ATOM   1277 O O   . GLY B 1 68 ? -7.54306  -10.45850 0.42690   1.000 21.75000 ? 67  GLY B O   1 
ATOM   1278 N N   . GLU B 1 69 ? -9.11266  -9.19092  1.41119   1.000 14.30000 ? 68  GLU B N   1 
ATOM   1279 C CA  . GLU B 1 69 ? -10.13375 -9.51789  0.43286   1.000 13.42000 ? 68  GLU B CA  1 
ATOM   1280 C C   . GLU B 1 69 ? -10.02928 -8.61113  -0.78639  1.000 14.02000 ? 68  GLU B C   1 
ATOM   1281 O O   . GLU B 1 69 ? -9.56901  -7.46691  -0.70066  1.000 13.53000 ? 68  GLU B O   1 
ATOM   1282 C CB  . GLU B 1 69 ? -11.51950 -9.39567  1.05824   1.000 14.53000 ? 68  GLU B CB  1 
ATOM   1283 C CG  . GLU B 1 69 ? -11.65394 -10.26146 2.30743   1.000 17.44000 ? 68  GLU B CG  1 
ATOM   1284 C CD  . GLU B 1 69 ? -13.06135 -10.32260 2.82015   1.000 22.15000 ? 68  GLU B CD  1 
ATOM   1285 O OE1 . GLU B 1 69 ? -13.81042 -9.34268  2.65701   1.000 17.26000 ? 68  GLU B OE1 1 
ATOM   1286 O OE2 . GLU B 1 69 ? -13.42994 -11.36869 3.38722   1.000 21.25000 ? 68  GLU B OE2 1 
ATOM   1287 N N   . ALA B 1 70 ? -10.51232 -9.10947  -1.91345  1.000 13.96000 ? 69  ALA B N   1 
ATOM   1288 C CA  . ALA B 1 70 ? -10.38685 -8.41044  -3.18294  1.000 13.17000 ? 69  ALA B CA  1 
ATOM   1289 C C   . ALA B 1 70 ? -11.71787 -8.42535  -3.91614  1.000 14.88000 ? 69  ALA B C   1 
ATOM   1290 O O   . ALA B 1 70 ? -12.55434 -9.30902  -3.70394  1.000 17.63000 ? 69  ALA B O   1 
ATOM   1291 C CB  . ALA B 1 70 ? -9.29774  -9.02632  -4.06435  1.000 16.58000 ? 69  ALA B CB  1 
ATOM   1292 N N   . PHE B 1 71 ? -11.95080 -7.37154  -4.69448  1.000 13.89000 ? 70  PHE B N   1 
ATOM   1293 C CA  . PHE B 1 71 ? -13.14401 -7.26301  -5.51835  1.000 14.74000 ? 70  PHE B CA  1 
ATOM   1294 C C   . PHE B 1 71 ? -12.76620 -6.69462  -6.87627  1.000 15.98000 ? 70  PHE B C   1 
ATOM   1295 O O   . PHE B 1 71 ? -11.74266 -6.02516  -7.03457  1.000 12.64000 ? 70  PHE B O   1 
ATOM   1296 C CB  . PHE B 1 71 ? -14.24184 -6.42719  -4.83788  1.000 14.14000 ? 70  PHE B CB  1 
ATOM   1297 C CG  . PHE B 1 71 ? -13.83391 -5.01397  -4.54399  1.000 13.32000 ? 70  PHE B CG  1 
ATOM   1298 C CD1 . PHE B 1 71 ? -13.99993 -4.02729  -5.49960  1.000 14.40000 ? 70  PHE B CD1 1 
ATOM   1299 C CD2 . PHE B 1 71 ? -13.30450 -4.66826  -3.30949  1.000 13.52000 ? 70  PHE B CD2 1 
ATOM   1300 C CE1 . PHE B 1 71 ? -13.62624 -2.72764  -5.24483  1.000 13.87000 ? 70  PHE B CE1 1 
ATOM   1301 C CE2 . PHE B 1 71 ? -12.93787 -3.35892  -3.04799  1.000 14.22000 ? 70  PHE B CE2 1 
ATOM   1302 C CZ  . PHE B 1 71 ? -13.10422 -2.39249  -4.01314  1.000 14.42000 ? 70  PHE B CZ  1 
ATOM   1303 N N   . GLU B 1 72 ? -13.61528 -6.94756  -7.85968  1.000 15.15000 ? 71  GLU B N   1 
ATOM   1304 C CA  . GLU B 1 72 ? -13.40326 -6.43343  -9.19923  1.000 14.85000 ? 71  GLU B CA  1 
ATOM   1305 C C   . GLU B 1 72 ? -14.50381 -5.44639  -9.56153  1.000 14.13000 ? 71  GLU B C   1 
ATOM   1306 O O   . GLU B 1 72 ? -15.64822 -5.55989  -9.10105  1.000 16.65000 ? 71  GLU B O   1 
ATOM   1307 C CB  . GLU B 1 72 ? -13.31118 -7.57838  -10.21873 1.000 17.90000 ? 71  GLU B CB  1 
ATOM   1308 C CG  . GLU B 1 72 ? -12.17737 -8.53653  -9.89568  1.000 21.07000 ? 71  GLU B CG  1 
ATOM   1309 C CD  . GLU B 1 72 ? -11.84208 -9.49399  -11.02142 1.000 33.41000 ? 71  GLU B CD  1 
ATOM   1310 O OE1 . GLU B 1 72 ? -12.56435 -9.50149  -12.04021 1.000 29.80000 ? 71  GLU B OE1 1 
ATOM   1311 O OE2 . GLU B 1 72 ? -10.85169 -10.24724 -10.87625 1.000 36.14000 ? 71  GLU B OE2 1 
ATOM   1312 N N   . VAL B 1 73 ? -14.13248 -4.44859  -10.35572 1.000 16.03000 ? 72  VAL B N   1 
ATOM   1313 C CA  . VAL B 1 73 ? -15.05685 -3.44363  -10.85637 1.000 16.29000 ? 72  VAL B CA  1 
ATOM   1314 C C   . VAL B 1 73 ? -15.04526 -3.53267  -12.37441 1.000 19.68000 ? 72  VAL B C   1 
ATOM   1315 O O   . VAL B 1 73 ? -13.97533 -3.62334  -12.98857 1.000 17.47000 ? 72  VAL B O   1 
ATOM   1316 C CB  . VAL B 1 73 ? -14.66833 -2.03057  -10.38070 1.000 14.91000 ? 72  VAL B CB  1 
ATOM   1317 C CG1 . VAL B 1 73 ? -15.69154 -1.01519  -10.84042 1.000 19.37000 ? 72  VAL B CG1 1 
ATOM   1318 C CG2 . VAL B 1 73 ? -14.53368 -1.99090  -8.84863  1.000 15.84000 ? 72  VAL B CG2 1 
ATOM   1319 N N   . ALA B 1 74 ? -16.23032 -3.53264  -12.97472 1.000 16.92000 ? 73  ALA B N   1 
ATOM   1320 C CA  . ALA B 1 74 ? -16.31622 -3.64786  -14.42315 1.000 19.43000 ? 73  ALA B CA  1 
ATOM   1321 C C   . ALA B 1 74 ? -15.62716 -2.47372  -15.10415 1.000 23.14000 ? 73  ALA B C   1 
ATOM   1322 O O   . ALA B 1 74 ? -15.48626 -1.38647  -14.53859 1.000 18.54000 ? 73  ALA B O   1 
ATOM   1323 C CB  . ALA B 1 74 ? -17.77959 -3.69148  -14.85670 1.000 21.75000 ? 73  ALA B CB  1 
ATOM   1324 N N   . GLY B 1 75 ? -15.18321 -2.70899  -16.33452 1.000 22.99000 ? 74  GLY B N   1 
ATOM   1325 C CA  . GLY B 1 75 ? -14.64901 -1.63131  -17.13176 1.000 23.28000 ? 74  GLY B CA  1 
ATOM   1326 C C   . GLY B 1 75 ? -15.71649 -0.62705  -17.52517 1.000 22.47000 ? 74  GLY B C   1 
ATOM   1327 O O   . GLY B 1 75 ? -16.91694 -0.91270  -17.52900 1.000 23.26000 ? 74  GLY B O   1 
ATOM   1328 N N   . ASN B 1 76 ? -15.25774 0.58183   -17.83406 1.000 22.33000 ? 75  ASN B N   1 
ATOM   1329 C CA  . ASN B 1 76 ? -16.10688 1.65336   -18.34361 1.000 24.39000 ? 75  ASN B CA  1 
ATOM   1330 C C   . ASN B 1 76 ? -17.35703 1.82131   -17.47922 1.000 31.04000 ? 75  ASN B C   1 
ATOM   1331 O O   . ASN B 1 76 ? -18.49023 1.84495   -17.96380 1.000 30.60000 ? 75  ASN B O   1 
ATOM   1332 C CB  . ASN B 1 76 ? -16.45825 1.39486   -19.81511 1.000 27.95000 ? 75  ASN B CB  1 
ATOM   1333 C CG  . ASN B 1 76 ? -15.23965 0.97444   -20.64911 1.000 37.15000 ? 75  ASN B CG  1 
ATOM   1334 O OD1 . ASN B 1 76 ? -14.33694 1.77719   -20.90669 1.000 25.22000 ? 75  ASN B OD1 1 
ATOM   1335 N ND2 . ASN B 1 76 ? -15.20555 -0.29387  -21.05538 1.000 36.96000 ? 75  ASN B ND2 1 
ATOM   1336 N N   . SER B 1 77 ? -17.13756 1.91826   -16.16841 1.000 23.21000 ? 76  SER B N   1 
ATOM   1337 C CA  . SER B 1 77 ? -18.22011 1.89907   -15.19362 1.000 22.68000 ? 76  SER B CA  1 
ATOM   1338 C C   . SER B 1 77 ? -17.91334 2.90724   -14.09030 1.000 21.23000 ? 76  SER B C   1 
ATOM   1339 O O   . SER B 1 77 ? -17.01774 3.74786   -14.21419 1.000 24.88000 ? 76  SER B O   1 
ATOM   1340 C CB  . SER B 1 77 ? -18.42485 0.47238   -14.66948 1.000 21.04000 ? 76  SER B CB  1 
ATOM   1341 O OG  . SER B 1 77 ? -19.62867 0.37208   -13.93463 1.000 26.45000 ? 76  SER B OG  1 
ATOM   1342 N N   . SER B 1 78 ? -18.68347 2.82802   -13.00551 1.000 19.90000 ? 77  SER B N   1 
ATOM   1343 C CA  . SER B 1 78 ? -18.44550 3.63664   -11.81767 1.000 24.12000 ? 77  SER B CA  1 
ATOM   1344 C C   . SER B 1 78 ? -18.92110 2.86521   -10.59716 1.000 24.31000 ? 77  SER B C   1 
ATOM   1345 O O   . SER B 1 78 ? -19.71445 1.92385   -10.70105 1.000 21.76000 ? 77  SER B O   1 
ATOM   1346 C CB  . SER B 1 78 ? -19.16306 4.98900   -11.88934 1.000 28.04000 ? 77  SER B CB  1 
ATOM   1347 O OG  . SER B 1 78 ? -20.53751 4.82334   -12.18322 1.000 37.01000 ? 77  SER B OG  1 
ATOM   1348 N N   . PHE B 1 79 ? -18.41581 3.26516   -9.43173  1.000 18.04000 ? 78  PHE B N   1 
ATOM   1349 C CA  . PHE B 1 79 ? -18.82602 2.62690   -8.18681  1.000 15.78000 ? 78  PHE B CA  1 
ATOM   1350 C C   . PHE B 1 79 ? -18.60005 3.58970   -7.03695  1.000 15.02000 ? 78  PHE B C   1 
ATOM   1351 O O   . PHE B 1 79 ? -17.81810 4.53648   -7.14043  1.000 15.49000 ? 78  PHE B O   1 
ATOM   1352 C CB  . PHE B 1 79 ? -18.14156 1.26872   -7.94806  1.000 16.90000 ? 78  PHE B CB  1 
ATOM   1353 C CG  . PHE B 1 79 ? -16.66978 1.34926   -7.60518  1.000 15.58000 ? 78  PHE B CG  1 
ATOM   1354 C CD1 . PHE B 1 79 ? -15.74095 1.82322   -8.52666  1.000 16.25000 ? 78  PHE B CD1 1 
ATOM   1355 C CD2 . PHE B 1 79 ? -16.20812 0.88861   -6.37476  1.000 17.06000 ? 78  PHE B CD2 1 
ATOM   1356 C CE1 . PHE B 1 79 ? -14.39142 1.87727   -8.20788  1.000 18.77000 ? 78  PHE B CE1 1 
ATOM   1357 C CE2 . PHE B 1 79 ? -14.86051 0.92999   -6.06204  1.000 20.08000 ? 78  PHE B CE2 1 
ATOM   1358 C CZ  . PHE B 1 79 ? -13.95408 1.42345   -6.97757  1.000 19.50000 ? 78  PHE B CZ  1 
ATOM   1359 N N   . ASP B 1 80 ? -19.33903 3.35852   -5.95522  1.000 14.37000 ? 79  ASP B N   1 
ATOM   1360 C CA  . ASP B 1 80 ? -19.24436 4.16381   -4.74795  1.000 14.21000 ? 79  ASP B CA  1 
ATOM   1361 C C   . ASP B 1 80 ? -18.56901 3.37028   -3.64017  1.000 15.02000 ? 79  ASP B C   1 
ATOM   1362 O O   . ASP B 1 80 ? -18.65506 2.13771   -3.58965  1.000 13.73000 ? 79  ASP B O   1 
ATOM   1363 C CB  . ASP B 1 80 ? -20.62527 4.59097   -4.25739  1.000 16.46000 ? 79  ASP B CB  1 
ATOM   1364 C CG  . ASP B 1 80 ? -21.35485 5.45833   -5.25555  1.000 23.74000 ? 79  ASP B CG  1 
ATOM   1365 O OD1 . ASP B 1 80 ? -20.69151 6.06589   -6.12357  1.000 23.09000 ? 79  ASP B OD1 1 
ATOM   1366 O OD2 . ASP B 1 80 ? -22.59685 5.52358   -5.17159  1.000 30.56000 ? 79  ASP B OD2 1 
ATOM   1367 N N   . LEU B 1 81 ? -17.89153 4.09562   -2.75051  1.000 13.74000 ? 80  LEU B N   1 
ATOM   1368 C CA  . LEU B 1 81 ? -17.22265 3.49454   -1.60609  1.000 13.07000 ? 80  LEU B CA  1 
ATOM   1369 C C   . LEU B 1 81 ? -17.53713 4.28868   -0.35092  1.000 10.32000 ? 80  LEU B C   1 
ATOM   1370 O O   . LEU B 1 81 ? -17.52275 5.52390   -0.37432  1.000 12.91000 ? 80  LEU B O   1 
ATOM   1371 C CB  . LEU B 1 81 ? -15.69755 3.47511   -1.80056  1.000 12.68000 ? 80  LEU B CB  1 
ATOM   1372 C CG  . LEU B 1 81 ? -15.12462 2.86499   -3.07993  1.000 13.97000 ? 80  LEU B CG  1 
ATOM   1373 C CD1 . LEU B 1 81 ? -14.87429 3.94361   -4.12178  1.000 17.89000 ? 80  LEU B CD1 1 
ATOM   1374 C CD2 . LEU B 1 81 ? -13.84139 2.11160   -2.76391  1.000 14.88000 ? 80  LEU B CD2 1 
ATOM   1375 N N   . GLN B 1 82 ? -17.80161 3.57959   0.74362   1.000 11.55000 ? 81  GLN B N   1 
ATOM   1376 C CA  . GLN B 1 82 ? -17.85964 4.16777   2.07167   1.000 12.98000 ? 81  GLN B CA  1 
ATOM   1377 C C   . GLN B 1 82 ? -16.66403 3.63955   2.83810   1.000 14.77000 ? 81  GLN B C   1 
ATOM   1378 O O   . GLN B 1 82 ? -16.37539 2.43591   2.79817   1.000 14.21000 ? 81  GLN B O   1 
ATOM   1379 C CB  . GLN B 1 82 ? -19.14556 3.78673   2.80631   1.000 12.85000 ? 81  GLN B CB  1 
ATOM   1380 C CG  . GLN B 1 82 ? -20.38320 4.36067   2.17157   1.000 15.86000 ? 81  GLN B CG  1 
ATOM   1381 C CD  . GLN B 1 82 ? -21.62560 3.76659   2.76201   1.000 18.92000 ? 81  GLN B CD  1 
ATOM   1382 O OE1 . GLN B 1 82 ? -21.56619 2.83448   3.56163   1.000 24.65000 ? 81  GLN B OE1 1 
ATOM   1383 N NE2 . GLN B 1 82 ? -22.75876 4.26874   2.34415   1.000 22.26000 ? 81  GLN B NE2 1 
ATOM   1384 N N   . VAL B 1 83 ? -15.95371 4.54814   3.49974   1.000 11.84000 ? 82  VAL B N   1 
ATOM   1385 C CA  . VAL B 1 83 ? -14.73374 4.23079   4.22308   1.000 10.48000 ? 82  VAL B CA  1 
ATOM   1386 C C   . VAL B 1 83 ? -14.95763 4.73919   5.63733   1.000 9.66000  ? 82  VAL B C   1 
ATOM   1387 O O   . VAL B 1 83 ? -15.18746 5.93891   5.82522   1.000 13.01000 ? 82  VAL B O   1 
ATOM   1388 C CB  . VAL B 1 83 ? -13.52469 4.92371   3.57259   1.000 10.66000 ? 82  VAL B CB  1 
ATOM   1389 C CG1 . VAL B 1 83 ? -12.23510 4.51096   4.25086   1.000 11.55000 ? 82  VAL B CG1 1 
ATOM   1390 C CG2 . VAL B 1 83 ? -13.47908 4.61429   2.08121   1.000 11.16000 ? 82  VAL B CG2 1 
ATOM   1391 N N   . GLU B 1 84 ? -14.92167 3.83893   6.61609   1.000 11.28000 ? 83  GLU B N   1 
ATOM   1392 C CA  . GLU B 1 84 ? -15.15756 4.21803   8.00466   1.000 13.71000 ? 83  GLU B CA  1 
ATOM   1393 C C   . GLU B 1 84 ? -13.87502 4.41992   8.79316   1.000 16.16000 ? 83  GLU B C   1 
ATOM   1394 O O   . GLU B 1 84 ? -13.88353 5.14998   9.78884   1.000 17.27000 ? 83  GLU B O   1 
ATOM   1395 C CB  . GLU B 1 84 ? -16.03951 3.17876   8.70734   1.000 14.04000 ? 83  GLU B CB  1 
ATOM   1396 C CG  . GLU B 1 84 ? -17.35336 2.89852   7.98232   1.000 16.89000 ? 83  GLU B CG  1 
ATOM   1397 C CD  . GLU B 1 84 ? -18.24103 4.12420   7.85000   1.000 25.93000 ? 83  GLU B CD  1 
ATOM   1398 O OE1 . GLU B 1 84 ? -18.13861 5.03453   8.69807   1.000 24.23000 ? 83  GLU B OE1 1 
ATOM   1399 O OE2 . GLU B 1 84 ? -19.04810 4.17341   6.89333   1.000 31.54000 ? 83  GLU B OE2 1 
ATOM   1400 N N   A VAL B 1 85 ? -12.78762 3.76707   8.38968   0.580 13.40000 ? 84  VAL B N   1 
ATOM   1401 N N   B VAL B 1 85 ? -12.78210 3.77721   8.38042   0.420 13.41000 ? 84  VAL B N   1 
ATOM   1402 C CA  A VAL B 1 85 ? -11.45399 3.99067   8.93441   0.580 14.06000 ? 84  VAL B CA  1 
ATOM   1403 C CA  B VAL B 1 85 ? -11.45525 3.98404   8.94488   0.420 14.05000 ? 84  VAL B CA  1 
ATOM   1404 C C   A VAL B 1 85 ? -10.52115 4.12149   7.74050   0.580 12.19000 ? 84  VAL B C   1 
ATOM   1405 C C   B VAL B 1 85 ? -10.50020 4.08107   7.76403   0.420 12.18000 ? 84  VAL B C   1 
ATOM   1406 O O   A VAL B 1 85 ? -10.77052 3.53882   6.68165   0.580 12.20000 ? 84  VAL B O   1 
ATOM   1407 O O   B VAL B 1 85 ? -10.70857 3.43085   6.73666   0.420 12.37000 ? 84  VAL B O   1 
ATOM   1408 C CB  A VAL B 1 85 ? -10.99392 2.83569   9.85632   0.580 13.75000 ? 84  VAL B CB  1 
ATOM   1409 C CB  B VAL B 1 85 ? -11.03692 2.81319   9.86500   0.420 13.75000 ? 84  VAL B CB  1 
ATOM   1410 C CG1 A VAL B 1 85 ? -11.96904 2.63622   11.01827  0.580 21.68000 ? 84  VAL B CG1 1 
ATOM   1411 C CG1 B VAL B 1 85 ? -9.83595  3.20340   10.69936  0.420 16.05000 ? 84  VAL B CG1 1 
ATOM   1412 C CG2 A VAL B 1 85 ? -10.81271 1.54277   9.06436   0.580 11.54000 ? 84  VAL B CG2 1 
ATOM   1413 C CG2 B VAL B 1 85 ? -12.19449 2.36466   10.76275  0.420 21.08000 ? 84  VAL B CG2 1 
ATOM   1414 N N   . ALA B 1 86 ? -9.46189  4.91340   7.89842   1.000 11.86000 ? 85  ALA B N   1 
ATOM   1415 C CA  . ALA B 1 86 ? -8.50849  5.09354   6.79989   1.000 10.20000 ? 85  ALA B CA  1 
ATOM   1416 C C   . ALA B 1 86 ? -7.98782  3.73697   6.34762   1.000 9.92000  ? 85  ALA B C   1 
ATOM   1417 O O   . ALA B 1 86 ? -7.58128  2.91164   7.16986   1.000 11.49000 ? 85  ALA B O   1 
ATOM   1418 C CB  . ALA B 1 86 ? -7.34433  5.97733   7.23417   1.000 11.70000 ? 85  ALA B CB  1 
ATOM   1419 N N   . THR B 1 87 ? -8.04296  3.50105   5.03522   1.000 8.79000  ? 86  THR B N   1 
ATOM   1420 C CA  . THR B 1 87 ? -7.88622  2.16672   4.48000   1.000 9.01000  ? 86  THR B CA  1 
ATOM   1421 C C   . THR B 1 87 ? -6.89346  2.21219   3.33226   1.000 8.59000  ? 86  THR B C   1 
ATOM   1422 O O   . THR B 1 87 ? -7.00093  3.06224   2.44081   1.000 9.17000  ? 86  THR B O   1 
ATOM   1423 C CB  . THR B 1 87 ? -9.24843  1.63894   4.01600   1.000 9.86000  ? 86  THR B CB  1 
ATOM   1424 O OG1 . THR B 1 87 ? -10.06148 1.35071   5.16768   1.000 11.02000 ? 86  THR B OG1 1 
ATOM   1425 C CG2 . THR B 1 87 ? -9.09469  0.36694   3.17092   1.000 9.87000  ? 86  THR B CG2 1 
ATOM   1426 N N   . ALA B 1 88 ? -5.92710  1.30140   3.36434   1.000 8.19000  ? 87  ALA B N   1 
ATOM   1427 C CA  . ALA B 1 88 ? -4.95583  1.14258   2.29335   1.000 8.38000  ? 87  ALA B CA  1 
ATOM   1428 C C   . ALA B 1 88 ? -5.40493  0.04205   1.34220   1.000 7.44000  ? 87  ALA B C   1 
ATOM   1429 O O   . ALA B 1 88 ? -6.00621  -0.95426  1.74919   1.000 7.63000  ? 87  ALA B O   1 
ATOM   1430 C CB  . ALA B 1 88 ? -3.56824  0.82933   2.85270   1.000 8.72000  ? 87  ALA B CB  1 
ATOM   1431 N N   . TYR B 1 89 ? -5.10675  0.22431   0.05636   1.000 7.72000  ? 88  TYR B N   1 
ATOM   1432 C CA  . TYR B 1 89 ? -5.57035  -0.69350  -0.97377  1.000 8.41000  ? 88  TYR B CA  1 
ATOM   1433 C C   . TYR B 1 89 ? -4.48514  -0.85796  -2.03038  1.000 7.58000  ? 88  TYR B C   1 
ATOM   1434 O O   . TYR B 1 89 ? -3.60839  -0.01075  -2.19289  1.000 8.47000  ? 88  TYR B O   1 
ATOM   1435 C CB  . TYR B 1 89 ? -6.87309  -0.18148  -1.62242  1.000 11.03000 ? 88  TYR B CB  1 
ATOM   1436 C CG  . TYR B 1 89 ? -6.69156  1.11275   -2.38848  1.000 10.41000 ? 88  TYR B CG  1 
ATOM   1437 C CD1 . TYR B 1 89 ? -6.31847  1.09690   -3.72778  1.000 10.04000 ? 88  TYR B CD1 1 
ATOM   1438 C CD2 . TYR B 1 89 ? -6.86624  2.34833   -1.77099  1.000 10.24000 ? 88  TYR B CD2 1 
ATOM   1439 C CE1 . TYR B 1 89 ? -6.12618  2.27071   -4.44024  1.000 11.52000 ? 88  TYR B CE1 1 
ATOM   1440 C CE2 . TYR B 1 89 ? -6.69395  3.53619   -2.48010  1.000 12.93000 ? 88  TYR B CE2 1 
ATOM   1441 C CZ  . TYR B 1 89 ? -6.32032  3.48089   -3.81595  1.000 13.33000 ? 88  TYR B CZ  1 
ATOM   1442 O OH  . TYR B 1 89 ? -6.13580  4.64622   -4.53596  1.000 14.71000 ? 88  TYR B OH  1 
ATOM   1443 N N   . LEU B 1 90 ? -4.57729  -1.96120  -2.75491  1.000 8.57000  ? 89  LEU B N   1 
ATOM   1444 C CA  . LEU B 1 90 ? -3.81247  -2.20745  -3.96821  1.000 8.08000  ? 89  LEU B CA  1 
ATOM   1445 C C   . LEU B 1 90 ? -4.79609  -2.22563  -5.12843  1.000 9.18000  ? 89  LEU B C   1 
ATOM   1446 O O   . LEU B 1 90 ? -5.88001  -2.80916  -5.02297  1.000 11.89000 ? 89  LEU B O   1 
ATOM   1447 C CB  . LEU B 1 90 ? -3.08836  -3.55711  -3.85792  1.000 9.68000  ? 89  LEU B CB  1 
ATOM   1448 C CG  . LEU B 1 90 ? -2.42845  -4.14155  -5.11202  1.000 9.72000  ? 89  LEU B CG  1 
ATOM   1449 C CD1 . LEU B 1 90 ? -1.19145  -3.35217  -5.46915  1.000 12.82000 ? 89  LEU B CD1 1 
ATOM   1450 C CD2 . LEU B 1 90 ? -2.07293  -5.59581  -4.85212  1.000 11.37000 ? 89  LEU B CD2 1 
ATOM   1451 N N   . CYS B 1 91 ? -4.44957  -1.56685  -6.22765  1.000 8.14000  ? 90  CYS B N   1 
ATOM   1452 C CA  . CYS B 1 91 ? -5.31429  -1.55887  -7.39402  1.000 11.71000 ? 90  CYS B CA  1 
ATOM   1453 C C   . CYS B 1 91 ? -4.50747  -2.05400  -8.58565  1.000 11.50000 ? 90  CYS B C   1 
ATOM   1454 O O   . CYS B 1 91 ? -3.39509  -1.57725  -8.83914  1.000 12.07000 ? 90  CYS B O   1 
ATOM   1455 C CB  . CYS B 1 91 ? -5.88434  -0.16132  -7.62832  1.000 11.06000 ? 90  CYS B CB  1 
ATOM   1456 S SG  . CYS B 1 91 ? -6.87578  0.04491   -9.08185  1.000 18.00000 ? 90  CYS B SG  1 
ATOM   1457 N N   . GLU B 1 92 ? -5.06271  -3.02741  -9.29580  1.000 11.32000 ? 91  GLU B N   1 
ATOM   1458 C CA  . GLU B 1 92 ? -4.41051  -3.65361  -10.43104 1.000 12.68000 ? 91  GLU B CA  1 
ATOM   1459 C C   . GLU B 1 92 ? -5.38490  -3.75346  -11.59194 1.000 13.62000 ? 91  GLU B C   1 
ATOM   1460 O O   . GLU B 1 92 ? -6.60315  -3.81969  -11.40525 1.000 14.86000 ? 91  GLU B O   1 
ATOM   1461 C CB  . GLU B 1 92 ? -3.94411  -5.06906  -10.09959 1.000 14.01000 ? 91  GLU B CB  1 
ATOM   1462 C CG  . GLU B 1 92 ? -2.92796  -5.14899  -8.97130  1.000 15.16000 ? 91  GLU B CG  1 
ATOM   1463 C CD  . GLU B 1 92 ? -2.76443  -6.56194  -8.46407  1.000 18.59000 ? 91  GLU B CD  1 
ATOM   1464 O OE1 . GLU B 1 92 ? -3.71180  -7.08488  -7.83159  1.000 21.05000 ? 91  GLU B OE1 1 
ATOM   1465 O OE2 . GLU B 1 92 ? -1.69621  -7.15989  -8.71087  1.000 17.69000 ? 91  GLU B OE2 1 
ATOM   1466 N N   . PHE B 1 93 ? -4.83363  -3.77936  -12.79991 1.000 13.21000 ? 92  PHE B N   1 
ATOM   1467 C CA  . PHE B 1 93 ? -5.60793  -4.22397  -13.94780 1.000 15.08000 ? 92  PHE B CA  1 
ATOM   1468 C C   . PHE B 1 93 ? -5.91195  -5.71327  -13.81156 1.000 24.07000 ? 92  PHE B C   1 
ATOM   1469 O O   . PHE B 1 93 ? -5.24981  -6.45326  -13.07769 1.000 25.42000 ? 92  PHE B O   1 
ATOM   1470 C CB  . PHE B 1 93 ? -4.80302  -4.05408  -15.22693 1.000 25.04000 ? 92  PHE B CB  1 
ATOM   1471 C CG  . PHE B 1 93 ? -4.69650  -2.64579  -15.68494 1.000 21.41000 ? 92  PHE B CG  1 
ATOM   1472 C CD1 . PHE B 1 93 ? -3.79749  -1.78054  -15.08084 1.000 20.94000 ? 92  PHE B CD1 1 
ATOM   1473 C CD2 . PHE B 1 93 ? -5.46922  -2.18361  -16.73431 1.000 22.24000 ? 92  PHE B CD2 1 
ATOM   1474 C CE1 . PHE B 1 93 ? -3.68096  -0.47417  -15.49665 1.000 21.47000 ? 92  PHE B CE1 1 
ATOM   1475 C CE2 . PHE B 1 93 ? -5.34970  -0.87283  -17.16359 1.000 23.44000 ? 92  PHE B CE2 1 
ATOM   1476 C CZ  . PHE B 1 93 ? -4.45527  -0.01875  -16.54064 1.000 23.84000 ? 92  PHE B CZ  1 
ATOM   1477 N N   . LEU B 1 94 ? -6.93196  -6.15031  -14.53672 1.000 27.32000 ? 93  LEU B N   1 
ATOM   1478 C CA  . LEU B 1 94 ? -7.37180  -7.54233  -14.51443 1.000 28.46000 ? 93  LEU B CA  1 
ATOM   1479 C C   . LEU B 1 94 ? -6.54290  -8.52039  -15.34122 1.000 36.97000 ? 93  LEU B C   1 
ATOM   1480 O O   . LEU B 1 94 ? -5.96401  -9.46151  -14.77860 1.000 37.67000 ? 93  LEU B O   1 
ATOM   1481 C CB  . LEU B 1 94 ? -8.80890  -7.64489  -15.02857 1.000 26.93000 ? 93  LEU B CB  1 
ATOM   1482 C CG  . LEU B 1 94 ? -9.93804  -8.00333  -14.07248 1.000 33.27000 ? 93  LEU B CG  1 
ATOM   1483 C CD1 . LEU B 1 94 ? -9.95831  -7.06058  -12.89478 1.000 27.26000 ? 93  LEU B CD1 1 
ATOM   1484 C CD2 . LEU B 1 94 ? -11.25842 -7.98773  -14.82597 1.000 35.06000 ? 93  LEU B CD2 1 
ATOM   1485 N N   . PRO B 1 95 ? -6.44162  -8.32447  -16.67623 1.000 43.07000 ? 94  PRO B N   1 
ATOM   1486 C CA  . PRO B 1 95 ? -6.15537  -9.44184  -17.59780 1.000 51.03000 ? 94  PRO B CA  1 
ATOM   1487 C C   . PRO B 1 95 ? -4.94142  -10.31054 -17.28471 1.000 51.79000 ? 94  PRO B C   1 
ATOM   1488 O O   . PRO B 1 95 ? -5.19088  -11.46353 -16.92419 1.000 49.85000 ? 94  PRO B O   1 
ATOM   1489 C CB  . PRO B 1 95 ? -6.00428  -8.75886  -18.96750 1.000 30.29000 ? 94  PRO B CB  1 
ATOM   1490 C CG  . PRO B 1 95 ? -5.84699  -7.32377  -18.68577 1.000 18.48000 ? 94  PRO B CG  1 
ATOM   1491 C CD  . PRO B 1 95 ? -6.42500  -7.02245  -17.36880 1.000 32.49000 ? 94  PRO B CD  1 
HETATM 1492 O O   . HOH C 2 .  ? 20.78927  1.05008   17.58290  1.000 53.71000 ? 101 HOH A O   1 
HETATM 1493 O O   . HOH C 2 .  ? 10.62544  2.55721   13.29482  1.000 24.65000 ? 102 HOH A O   1 
HETATM 1494 O O   . HOH C 2 .  ? -5.85336  -2.79607  17.08969  1.000 38.64000 ? 103 HOH A O   1 
HETATM 1495 O O   . HOH C 2 .  ? 14.33768  -8.54564  -4.30884  1.000 26.90000 ? 104 HOH A O   1 
HETATM 1496 O O   . HOH C 2 .  ? -5.33973  8.92409   8.11253   1.000 24.97000 ? 105 HOH A O   1 
HETATM 1497 O O   . HOH C 2 .  ? 11.15097  -15.35857 2.38454   1.000 19.27000 ? 106 HOH A O   1 
HETATM 1498 O O   . HOH C 2 .  ? 2.96920   10.93928  10.01683  1.000 32.25000 ? 107 HOH A O   1 
HETATM 1499 O O   . HOH C 2 .  ? 12.13602  1.47180   8.15366   1.000 24.33000 ? 108 HOH A O   1 
HETATM 1500 O O   . HOH C 2 .  ? 5.01583   -14.79562 -2.44497  1.000 21.96000 ? 109 HOH A O   1 
HETATM 1501 O O   . HOH C 2 .  ? 12.51977  -6.87731  -5.89718  1.000 16.84000 ? 110 HOH A O   1 
HETATM 1502 O O   . HOH C 2 .  ? 4.72385   8.73175   4.90877   1.000 22.93000 ? 111 HOH A O   1 
HETATM 1503 O O   . HOH C 2 .  ? 7.57103   6.21171   5.63480   1.000 21.44000 ? 112 HOH A O   1 
HETATM 1504 O O   . HOH C 2 .  ? 3.63373   -1.00153  20.02141  1.000 18.96000 ? 113 HOH A O   1 
HETATM 1505 O O   . HOH C 2 .  ? 17.45674  -12.37949 11.09087  1.000 21.24000 ? 114 HOH A O   1 
HETATM 1506 O O   . HOH C 2 .  ? 18.29665  2.32718   -8.88276  1.000 20.20000 ? 115 HOH A O   1 
HETATM 1507 O O   . HOH C 2 .  ? 18.30774  -8.53845  -4.96327  1.000 26.07000 ? 116 HOH A O   1 
HETATM 1508 O O   . HOH C 2 .  ? 9.18453   -16.40478 -0.81329  1.000 20.65000 ? 117 HOH A O   1 
HETATM 1509 O O   . HOH C 2 .  ? 6.88811   -9.56658  17.28564  1.000 28.28000 ? 118 HOH A O   1 
HETATM 1510 O O   . HOH C 2 .  ? 3.10074   -5.03584  8.07366   1.000 13.39000 ? 119 HOH A O   1 
HETATM 1511 O O   . HOH C 2 .  ? 6.47934   -1.02740  17.35987  1.000 15.46000 ? 120 HOH A O   1 
HETATM 1512 O O   . HOH C 2 .  ? 16.68101  -8.60215  13.84666  1.000 23.97000 ? 121 HOH A O   1 
HETATM 1513 O O   . HOH C 2 .  ? 14.91886  2.42549   -10.36728 1.000 20.31000 ? 122 HOH A O   1 
HETATM 1514 O O   . HOH C 2 .  ? -3.03914  1.86641   11.62947  1.000 24.30000 ? 123 HOH A O   1 
HETATM 1515 O O   . HOH C 2 .  ? 1.05657   0.47102   12.87471  1.000 15.60000 ? 124 HOH A O   1 
HETATM 1516 O O   . HOH C 2 .  ? 0.29482   -8.69900  -5.01944  1.000 25.82000 ? 125 HOH A O   1 
HETATM 1517 O O   . HOH C 2 .  ? 6.30430   -11.57037 -5.12449  1.000 17.60000 ? 126 HOH A O   1 
HETATM 1518 O O   . HOH C 2 .  ? 25.86355  -18.17378 5.42958   1.000 39.64000 ? 127 HOH A O   1 
HETATM 1519 O O   . HOH C 2 .  ? 24.13656  0.79854   -3.38950  1.000 24.56000 ? 128 HOH A O   1 
HETATM 1520 O O   . HOH C 2 .  ? 18.49266  -4.71575  11.81493  1.000 20.44000 ? 129 HOH A O   1 
HETATM 1521 O O   . HOH C 2 .  ? 16.19369  -6.20209  12.70847  1.000 20.68000 ? 130 HOH A O   1 
HETATM 1522 O O   . HOH C 2 .  ? 9.73332   8.63633   -8.41136  1.000 24.02000 ? 131 HOH A O   1 
HETATM 1523 O O   . HOH C 2 .  ? -1.96380  1.53420   19.79450  1.000 30.36000 ? 132 HOH A O   1 
HETATM 1524 O O   . HOH C 2 .  ? 4.32612   -9.79067  -6.44664  1.000 13.32000 ? 133 HOH A O   1 
HETATM 1525 O O   . HOH C 2 .  ? 1.33668   14.89255  2.32793   1.000 17.10000 ? 134 HOH A O   1 
HETATM 1526 O O   . HOH C 2 .  ? 13.81792  -9.15216  13.51319  1.000 22.52000 ? 135 HOH A O   1 
HETATM 1527 O O   . HOH C 2 .  ? 16.14787  9.93209   1.94061   1.000 26.61000 ? 136 HOH A O   1 
HETATM 1528 O O   . HOH C 2 .  ? 0.45868   -8.66865  1.27634   1.000 21.00000 ? 137 HOH A O   1 
HETATM 1529 O O   . HOH C 2 .  ? 8.93545   13.67966  2.81809   1.000 26.33000 ? 138 HOH A O   1 
HETATM 1530 O O   . HOH C 2 .  ? 7.29013   3.64199   5.16887   1.000 26.70000 ? 139 HOH A O   1 
HETATM 1531 O O   . HOH C 2 .  ? 16.26252  -15.43885 -0.06063  1.000 23.27000 ? 140 HOH A O   1 
HETATM 1532 O O   . HOH C 2 .  ? 18.91214  -14.88535 11.64797  1.000 29.85000 ? 141 HOH A O   1 
HETATM 1533 O O   . HOH C 2 .  ? 18.77056  -14.78397 7.87201   1.000 26.70000 ? 142 HOH A O   1 
HETATM 1534 O O   . HOH C 2 .  ? -1.69387  10.40849  8.89245   1.000 25.61000 ? 143 HOH A O   1 
HETATM 1535 O O   . HOH C 2 .  ? 13.02937  -3.99431  19.42757  1.000 28.14000 ? 144 HOH A O   1 
HETATM 1536 O O   . HOH C 2 .  ? 17.50513  4.17751   -6.20474  1.000 24.35000 ? 145 HOH A O   1 
HETATM 1537 O O   . HOH C 2 .  ? 5.75968   11.05708  8.89834   1.000 37.14000 ? 146 HOH A O   1 
HETATM 1538 O O   . HOH C 2 .  ? 11.79114  -16.15344 -1.09340  1.000 22.68000 ? 147 HOH A O   1 
HETATM 1539 O O   . HOH C 2 .  ? -9.19838  1.32291   13.39714  1.000 37.53000 ? 148 HOH A O   1 
HETATM 1540 O O   . HOH C 2 .  ? -7.95377  9.11944   9.02543   1.000 24.99000 ? 149 HOH A O   1 
HETATM 1541 O O   . HOH C 2 .  ? 9.11469   -9.78121  -7.45750  1.000 26.08000 ? 150 HOH A O   1 
HETATM 1542 O O   . HOH C 2 .  ? 8.76148   -12.11121 -6.49609  1.000 27.67000 ? 151 HOH A O   1 
HETATM 1543 O O   . HOH C 2 .  ? 11.83933  -9.00947  -7.46443  1.000 19.16000 ? 152 HOH A O   1 
HETATM 1544 O O   . HOH C 2 .  ? 12.43695  -8.69056  15.83842  1.000 30.30000 ? 153 HOH A O   1 
HETATM 1545 O O   . HOH C 2 .  ? 12.43037  -1.70638  20.93820  1.000 25.55000 ? 154 HOH A O   1 
HETATM 1546 O O   . HOH C 2 .  ? 13.43821  -10.83206 -6.13416  1.000 27.54000 ? 155 HOH A O   1 
HETATM 1547 O O   . HOH C 2 .  ? 12.69702  -9.59098  -9.84706  1.000 36.92000 ? 156 HOH A O   1 
HETATM 1548 O O   . HOH C 2 .  ? 1.87117   -10.60264 -6.41502  1.000 23.24000 ? 157 HOH A O   1 
HETATM 1549 O O   . HOH D 2 .  ? -8.18538  -4.72104  -16.47531 1.000 20.22000 ? 101 HOH B O   1 
HETATM 1550 O O   . HOH D 2 .  ? -13.56061 16.52408  -2.27193  1.000 24.61000 ? 102 HOH B O   1 
HETATM 1551 O O   . HOH D 2 .  ? -10.48350 -10.00189 6.15368   1.000 29.49000 ? 103 HOH B O   1 
HETATM 1552 O O   . HOH D 2 .  ? -5.33851  16.53594  -7.32999  1.000 25.43000 ? 104 HOH B O   1 
HETATM 1553 O O   . HOH D 2 .  ? 0.41131   14.56427  -1.10186  1.000 15.81000 ? 105 HOH B O   1 
HETATM 1554 O O   . HOH D 2 .  ? -0.53298  -6.41618  -12.70604 1.000 31.75000 ? 106 HOH B O   1 
HETATM 1555 O O   . HOH D 2 .  ? -17.12875 11.05078  -5.07355  1.000 34.59000 ? 107 HOH B O   1 
HETATM 1556 O O   . HOH D 2 .  ? -23.84258 -7.65602  -4.78825  1.000 26.79000 ? 108 HOH B O   1 
HETATM 1557 O O   . HOH D 2 .  ? -13.79979 1.20465   6.48959   1.000 17.41000 ? 109 HOH B O   1 
HETATM 1558 O O   . HOH D 2 .  ? -20.00448 -5.42635  -11.61448 1.000 28.40000 ? 110 HOH B O   1 
HETATM 1559 O O   . HOH D 2 .  ? -5.54853  -5.81560  -6.37485  1.000 13.60000 ? 111 HOH B O   1 
HETATM 1560 O O   . HOH D 2 .  ? 5.19090   -8.75700  -8.90094  1.000 23.73000 ? 112 HOH B O   1 
HETATM 1561 O O   . HOH D 2 .  ? 10.04445  -1.68975  -11.69247 1.000 18.59000 ? 113 HOH B O   1 
HETATM 1562 O O   . HOH D 2 .  ? 2.59334   -3.78643  -11.62590 1.000 19.18000 ? 114 HOH B O   1 
HETATM 1563 O O   . HOH D 2 .  ? -11.85863 11.73140  6.77291   1.000 18.61000 ? 115 HOH B O   1 
HETATM 1564 O O   . HOH D 2 .  ? -14.68500 12.48201  4.48063   1.000 27.25000 ? 116 HOH B O   1 
HETATM 1565 O O   . HOH D 2 .  ? -9.82548  1.75261   -14.85272 1.000 19.24000 ? 117 HOH B O   1 
HETATM 1566 O O   . HOH D 2 .  ? -16.00662 -0.50702  5.38675   1.000 24.38000 ? 118 HOH B O   1 
HETATM 1567 O O   . HOH D 2 .  ? -18.40905 -3.13661  -11.36838 1.000 21.68000 ? 119 HOH B O   1 
HETATM 1568 O O   . HOH D 2 .  ? -4.90573  6.41543   -8.66384  1.000 20.13000 ? 120 HOH B O   1 
HETATM 1569 O O   . HOH D 2 .  ? -0.95364  7.33082   -8.66780  1.000 20.12000 ? 121 HOH B O   1 
HETATM 1570 O O   . HOH D 2 .  ? -10.13356 -5.60617  7.85949   1.000 21.96000 ? 122 HOH B O   1 
HETATM 1571 O O   . HOH D 2 .  ? -3.60036  -5.68173  7.17841   1.000 25.91000 ? 123 HOH B O   1 
HETATM 1572 O O   . HOH D 2 .  ? -14.86974 -10.34051 -4.87595  1.000 27.84000 ? 124 HOH B O   1 
HETATM 1573 O O   . HOH D 2 .  ? -2.04475  -4.03580  -12.68260 1.000 16.69000 ? 125 HOH B O   1 
HETATM 1574 O O   . HOH D 2 .  ? -15.70894 -5.12082  -17.69891 1.000 25.39000 ? 126 HOH B O   1 
HETATM 1575 O O   . HOH D 2 .  ? 7.69962   2.35335   -11.25049 1.000 22.36000 ? 127 HOH B O   1 
HETATM 1576 O O   . HOH D 2 .  ? -5.56177  4.08727   -7.24668  1.000 22.61000 ? 128 HOH B O   1 
HETATM 1577 O O   . HOH D 2 .  ? -19.76154 -0.83439  -11.33640 1.000 24.78000 ? 129 HOH B O   1 
HETATM 1578 O O   . HOH D 2 .  ? -4.58582  14.24222  3.37360   1.000 17.92000 ? 130 HOH B O   1 
HETATM 1579 O O   . HOH D 2 .  ? -15.82394 -8.79088  -7.05289  1.000 18.93000 ? 131 HOH B O   1 
HETATM 1580 O O   . HOH D 2 .  ? -5.94836  18.57386  1.60417   1.000 22.48000 ? 132 HOH B O   1 
HETATM 1581 O O   . HOH D 2 .  ? -7.27309  -4.25079  8.67730   1.000 17.08000 ? 133 HOH B O   1 
HETATM 1582 O O   . HOH D 2 .  ? 4.71739   12.11780  -8.18599  1.000 21.36000 ? 134 HOH B O   1 
HETATM 1583 O O   . HOH D 2 .  ? -13.08267 8.81006   -11.11755 1.000 30.97000 ? 135 HOH B O   1 
HETATM 1584 O O   . HOH D 2 .  ? -4.65279  -10.59104 -0.08489  1.000 27.81000 ? 136 HOH B O   1 
HETATM 1585 O O   . HOH D 2 .  ? -21.06706 -7.19293  3.08409   1.000 24.31000 ? 137 HOH B O   1 
HETATM 1586 O O   . HOH D 2 .  ? 0.16650   15.06968  -11.01728 1.000 36.69000 ? 138 HOH B O   1 
HETATM 1587 O O   . HOH D 2 .  ? -4.49455  13.85237  -9.35846  1.000 31.99000 ? 139 HOH B O   1 
HETATM 1588 O O   . HOH D 2 .  ? -2.17542  -9.07403  -6.15730  1.000 29.60000 ? 140 HOH B O   1 
HETATM 1589 O O   . HOH D 2 .  ? -9.85170  17.46107  -5.35140  1.000 23.01000 ? 141 HOH B O   1 
HETATM 1590 O O   . HOH D 2 .  ? -3.87432  -7.69525  1.07293   1.000 26.25000 ? 142 HOH B O   1 
HETATM 1591 O O   . HOH D 2 .  ? -14.17532 14.92586  3.81444   1.000 34.21000 ? 143 HOH B O   1 
HETATM 1592 O O   . HOH D 2 .  ? 10.15399  1.32810   -11.30696 1.000 28.41000 ? 144 HOH B O   1 
HETATM 1593 O O   . HOH D 2 .  ? -14.33934 -3.96353  -19.84598 1.000 24.89000 ? 145 HOH B O   1 
HETATM 1594 O O   . HOH D 2 .  ? -11.83366 -1.83156  9.50208   1.000 26.81000 ? 146 HOH B O   1 
HETATM 1595 O O   . HOH D 2 .  ? 7.43472   -9.41791  -9.57336  1.000 30.86000 ? 147 HOH B O   1 
HETATM 1596 O O   . HOH D 2 .  ? -12.67305 -4.54682  9.21761   1.000 26.07000 ? 148 HOH B O   1 
HETATM 1597 O O   . HOH D 2 .  ? -13.98271 -0.23642  8.83021   1.000 20.19000 ? 149 HOH B O   1 
HETATM 1598 O O   . HOH D 2 .  ? -16.06823 -1.83215  7.95863   1.000 29.73000 ? 150 HOH B O   1 
HETATM 1599 O O   . HOH D 2 .  ? -5.36285  -5.87084  8.97065   1.000 26.93000 ? 151 HOH B O   1 
HETATM 1600 O O   . HOH D 2 .  ? -14.81900 0.53103   11.37853  1.000 32.89000 ? 152 HOH B O   1 
HETATM 1601 O O   . HOH D 2 .  ? -15.32075 -4.28957  8.70476   1.000 30.17000 ? 153 HOH B O   1 
# 
loop_
_pdbx_poly_seq_scheme.asym_id 
_pdbx_poly_seq_scheme.entity_id 
_pdbx_poly_seq_scheme.seq_id 
_pdbx_poly_seq_scheme.mon_id 
_pdbx_poly_seq_scheme.ndb_seq_num 
_pdbx_poly_seq_scheme.pdb_seq_num 
_pdbx_poly_seq_scheme.auth_seq_num 
_pdbx_poly_seq_scheme.pdb_mon_id 
_pdbx_poly_seq_scheme.auth_mon_id 
_pdbx_poly_seq_scheme.pdb_strand_id 
_pdbx_poly_seq_scheme.pdb_ins_code 
_pdbx_poly_seq_scheme.hetero 
A 1 1  SER 1  0  0  SER SER A . n 
A 1 2  MET 2  1  1  MET MET A . n 
A 1 3  ILE 3  2  2  ILE ILE A . n 
A 1 4  LYS 4  3  3  LYS LYS A . n 
A 1 5  GLU 5  4  4  GLU GLU A . n 
A 1 6  ASN 6  5  5  ASN ASN A . n 
A 1 7  VAL 7  6  6  VAL VAL A . n 
A 1 8  TYR 8  7  7  TYR TYR A . n 
A 1 9  PHE 9  8  8  PHE PHE A . n 
A 1 10 ASP 10 9  9  ASP ASP A . n 
A 1 11 GLY 11 10 10 GLY GLY A . n 
A 1 12 ASN 12 11 11 ASN ASN A . n 
A 1 13 VAL 13 12 12 VAL VAL A . n 
A 1 14 LYS 14 13 13 LYS LYS A . n 
A 1 15 SER 15 14 14 SER SER A . n 
A 1 16 LEU 16 15 15 LEU LEU A . n 
A 1 17 GLY 17 16 16 GLY GLY A . n 
A 1 18 PHE 18 17 17 PHE PHE A . n 
A 1 19 SER 19 18 18 SER SER A . n 
A 1 20 GLN 20 19 19 GLN GLN A . n 
A 1 21 GLN 21 20 20 GLN GLN A . n 
A 1 22 ASP 22 21 21 ASP ASP A . n 
A 1 23 GLY 23 22 22 GLY GLY A . n 
A 1 24 GLU 24 23 23 GLU GLU A . n 
A 1 25 SER 25 24 24 SER SER A . n 
A 1 26 THR 26 25 25 THR THR A . n 
A 1 27 VAL 27 26 26 VAL VAL A . n 
A 1 28 GLY 28 27 27 GLY GLY A . n 
A 1 29 VAL 29 28 28 VAL VAL A . n 
A 1 30 MET 30 29 29 MET MET A . n 
A 1 31 ALA 31 30 30 ALA ALA A . n 
A 1 32 PRO 32 31 31 PRO PRO A . n 
A 1 33 GLY 33 32 32 GLY GLY A . n 
A 1 34 GLN 34 33 33 GLN GLN A . n 
A 1 35 TYR 35 34 34 TYR TYR A . n 
A 1 36 THR 36 35 35 THR THR A . n 
A 1 37 PHE 37 36 36 PHE PHE A . n 
A 1 38 GLY 38 37 37 GLY GLY A . n 
A 1 39 THR 39 38 38 THR THR A . n 
A 1 40 GLY 40 39 39 GLY GLY A . n 
A 1 41 ALA 41 40 40 ALA ALA A . n 
A 1 42 PRO 42 41 41 PRO PRO A . n 
A 1 43 GLU 43 42 42 GLU GLU A . n 
A 1 44 ARG 44 43 43 ARG ARG A . n 
A 1 45 MET 45 44 44 MET MET A . n 
A 1 46 THR 46 45 45 THR THR A . n 
A 1 47 VAL 47 46 46 VAL VAL A . n 
A 1 48 VAL 48 47 47 VAL VAL A . n 
A 1 49 LYS 49 48 48 LYS LYS A . n 
A 1 50 GLY 50 49 49 GLY GLY A . n 
A 1 51 ALA 51 50 50 ALA ALA A . n 
A 1 52 LEU 52 51 51 LEU LEU A . n 
A 1 53 THR 53 52 52 THR THR A . n 
A 1 54 ILE 54 53 53 ILE ILE A . n 
A 1 55 LYS 55 54 54 LYS LYS A . n 
A 1 56 ARG 56 55 55 ARG ARG A . n 
A 1 57 VAL 57 56 56 VAL VAL A . n 
A 1 58 THR 58 57 57 THR THR A . n 
A 1 59 ASP 59 58 58 ASP ASP A . n 
A 1 60 ALA 60 59 59 ALA ALA A . n 
A 1 61 ASP 61 60 60 ASP ASP A . n 
A 1 62 TRP 62 61 61 TRP TRP A . n 
A 1 63 VAL 63 62 62 VAL VAL A . n 
A 1 64 THR 64 63 63 THR THR A . n 
A 1 65 PHE 65 64 64 PHE PHE A . n 
A 1 66 THR 66 65 65 THR THR A . n 
A 1 67 ALA 67 66 66 ALA ALA A . n 
A 1 68 GLY 68 67 67 GLY GLY A . n 
A 1 69 GLU 69 68 68 GLU GLU A . n 
A 1 70 ALA 70 69 69 ALA ALA A . n 
A 1 71 PHE 71 70 70 PHE PHE A . n 
A 1 72 GLU 72 71 71 GLU GLU A . n 
A 1 73 VAL 73 72 72 VAL VAL A . n 
A 1 74 ALA 74 73 73 ALA ALA A . n 
A 1 75 GLY 75 74 74 GLY GLY A . n 
A 1 76 ASN 76 75 75 ASN ASN A . n 
A 1 77 SER 77 76 76 SER SER A . n 
A 1 78 SER 78 77 77 SER SER A . n 
A 1 79 PHE 79 78 78 PHE PHE A . n 
A 1 80 ASP 80 79 79 ASP ASP A . n 
A 1 81 LEU 81 80 80 LEU LEU A . n 
A 1 82 GLN 82 81 81 GLN GLN A . n 
A 1 83 VAL 83 82 82 VAL VAL A . n 
A 1 84 GLU 84 83 83 GLU GLU A . n 
A 1 85 VAL 85 84 84 VAL VAL A . n 
A 1 86 ALA 86 85 85 ALA ALA A . n 
A 1 87 THR 87 86 86 THR THR A . n 
A 1 88 ALA 88 87 87 ALA ALA A . n 
A 1 89 TYR 89 88 88 TYR TYR A . n 
A 1 90 LEU 90 89 89 LEU LEU A . n 
A 1 91 CYS 91 90 90 CYS CYS A . n 
A 1 92 GLU 92 91 91 GLU GLU A . n 
A 1 93 PHE 93 92 92 PHE PHE A . n 
A 1 94 LEU 94 93 93 LEU LEU A . n 
A 1 95 PRO 95 94 94 PRO PRO A . n 
A 1 96 ALA 96 95 95 ALA ALA A . n 
B 1 1  SER 1  0  ?  ?   ?   B . n 
B 1 2  MET 2  1  1  MET MET B . n 
B 1 3  ILE 3  2  2  ILE ILE B . n 
B 1 4  LYS 4  3  3  LYS LYS B . n 
B 1 5  GLU 5  4  4  GLU GLU B . n 
B 1 6  ASN 6  5  5  ASN ASN B . n 
B 1 7  VAL 7  6  6  VAL VAL B . n 
B 1 8  TYR 8  7  7  TYR TYR B . n 
B 1 9  PHE 9  8  8  PHE PHE B . n 
B 1 10 ASP 10 9  9  ASP ASP B . n 
B 1 11 GLY 11 10 10 GLY GLY B . n 
B 1 12 ASN 12 11 11 ASN ASN B . n 
B 1 13 VAL 13 12 12 VAL VAL B . n 
B 1 14 LYS 14 13 13 LYS LYS B . n 
B 1 15 SER 15 14 14 SER SER B . n 
B 1 16 LEU 16 15 15 LEU LEU B . n 
B 1 17 GLY 17 16 16 GLY GLY B . n 
B 1 18 PHE 18 17 17 PHE PHE B . n 
B 1 19 SER 19 18 18 SER SER B . n 
B 1 20 GLN 20 19 19 GLN GLN B . n 
B 1 21 GLN 21 20 20 GLN GLN B . n 
B 1 22 ASP 22 21 21 ASP ASP B . n 
B 1 23 GLY 23 22 22 GLY GLY B . n 
B 1 24 GLU 24 23 23 GLU GLU B . n 
B 1 25 SER 25 24 24 SER SER B . n 
B 1 26 THR 26 25 25 THR THR B . n 
B 1 27 VAL 27 26 26 VAL VAL B . n 
B 1 28 GLY 28 27 27 GLY GLY B . n 
B 1 29 VAL 29 28 28 VAL VAL B . n 
B 1 30 MET 30 29 29 MET MET B . n 
B 1 31 ALA 31 30 30 ALA ALA B . n 
B 1 32 PRO 32 31 31 PRO PRO B . n 
B 1 33 GLY 33 32 32 GLY GLY B . n 
B 1 34 GLN 34 33 33 GLN GLN B . n 
B 1 35 TYR 35 34 34 TYR TYR B . n 
B 1 36 THR 36 35 35 THR THR B . n 
B 1 37 PHE 37 36 36 PHE PHE B . n 
B 1 38 GLY 38 37 37 GLY GLY B . n 
B 1 39 THR 39 38 38 THR THR B . n 
B 1 40 GLY 40 39 39 GLY GLY B . n 
B 1 41 ALA 41 40 40 ALA ALA B . n 
B 1 42 PRO 42 41 41 PRO PRO B . n 
B 1 43 GLU 43 42 42 GLU GLU B . n 
B 1 44 ARG 44 43 43 ARG ARG B . n 
B 1 45 MET 45 44 44 MET MET B . n 
B 1 46 THR 46 45 45 THR THR B . n 
B 1 47 VAL 47 46 46 VAL VAL B . n 
B 1 48 VAL 48 47 47 VAL VAL B . n 
B 1 49 LYS 49 48 48 LYS LYS B . n 
B 1 50 GLY 50 49 49 GLY GLY B . n 
B 1 51 ALA 51 50 50 ALA ALA B . n 
B 1 52 LEU 52 51 51 LEU LEU B . n 
B 1 53 THR 53 52 52 THR THR B . n 
B 1 54 ILE 54 53 53 ILE ILE B . n 
B 1 55 LYS 55 54 54 LYS LYS B . n 
B 1 56 ARG 56 55 55 ARG ARG B . n 
B 1 57 VAL 57 56 56 VAL VAL B . n 
B 1 58 THR 58 57 57 THR THR B . n 
B 1 59 ASP 59 58 58 ASP ASP B . n 
B 1 60 ALA 60 59 59 ALA ALA B . n 
B 1 61 ASP 61 60 60 ASP ASP B . n 
B 1 62 TRP 62 61 61 TRP TRP B . n 
B 1 63 VAL 63 62 62 VAL VAL B . n 
B 1 64 THR 64 63 63 THR THR B . n 
B 1 65 PHE 65 64 64 PHE PHE B . n 
B 1 66 THR 66 65 65 THR THR B . n 
B 1 67 ALA 67 66 66 ALA ALA B . n 
B 1 68 GLY 68 67 67 GLY GLY B . n 
B 1 69 GLU 69 68 68 GLU GLU B . n 
B 1 70 ALA 70 69 69 ALA ALA B . n 
B 1 71 PHE 71 70 70 PHE PHE B . n 
B 1 72 GLU 72 71 71 GLU GLU B . n 
B 1 73 VAL 73 72 72 VAL VAL B . n 
B 1 74 ALA 74 73 73 ALA ALA B . n 
B 1 75 GLY 75 74 74 GLY GLY B . n 
B 1 76 ASN 76 75 75 ASN ASN B . n 
B 1 77 SER 77 76 76 SER SER B . n 
B 1 78 SER 78 77 77 SER SER B . n 
B 1 79 PHE 79 78 78 PHE PHE B . n 
B 1 80 ASP 80 79 79 ASP ASP B . n 
B 1 81 LEU 81 80 80 LEU LEU B . n 
B 1 82 GLN 82 81 81 GLN GLN B . n 
B 1 83 VAL 83 82 82 VAL VAL B . n 
B 1 84 GLU 84 83 83 GLU GLU B . n 
B 1 85 VAL 85 84 84 VAL VAL B . n 
B 1 86 ALA 86 85 85 ALA ALA B . n 
B 1 87 THR 87 86 86 THR THR B . n 
B 1 88 ALA 88 87 87 ALA ALA B . n 
B 1 89 TYR 89 88 88 TYR TYR B . n 
B 1 90 LEU 90 89 89 LEU LEU B . n 
B 1 91 CYS 91 90 90 CYS CYS B . n 
B 1 92 GLU 92 91 91 GLU GLU B . n 
B 1 93 PHE 93 92 92 PHE PHE B . n 
B 1 94 LEU 94 93 93 LEU LEU B . n 
B 1 95 PRO 95 94 94 PRO PRO B . n 
B 1 96 ALA 96 95 ?  ?   ?   B . n 
# 
loop_
_pdbx_nonpoly_scheme.asym_id 
_pdbx_nonpoly_scheme.entity_id 
_pdbx_nonpoly_scheme.mon_id 
_pdbx_nonpoly_scheme.ndb_seq_num 
_pdbx_nonpoly_scheme.pdb_seq_num 
_pdbx_nonpoly_scheme.auth_seq_num 
_pdbx_nonpoly_scheme.pdb_mon_id 
_pdbx_nonpoly_scheme.auth_mon_id 
_pdbx_nonpoly_scheme.pdb_strand_id 
_pdbx_nonpoly_scheme.pdb_ins_code 
C 2 HOH 1  101 84  HOH HOH A . 
C 2 HOH 2  102 70  HOH HOH A . 
C 2 HOH 3  103 106 HOH HOH A . 
C 2 HOH 4  104 80  HOH HOH A . 
C 2 HOH 5  105 32  HOH HOH A . 
C 2 HOH 6  106 19  HOH HOH A . 
C 2 HOH 7  107 112 HOH HOH A . 
C 2 HOH 8  108 54  HOH HOH A . 
C 2 HOH 9  109 15  HOH HOH A . 
C 2 HOH 10 110 8   HOH HOH A . 
C 2 HOH 11 111 68  HOH HOH A . 
C 2 HOH 12 112 34  HOH HOH A . 
C 2 HOH 13 113 24  HOH HOH A . 
C 2 HOH 14 114 20  HOH HOH A . 
C 2 HOH 15 115 37  HOH HOH A . 
C 2 HOH 16 116 36  HOH HOH A . 
C 2 HOH 17 117 42  HOH HOH A . 
C 2 HOH 18 118 109 HOH HOH A . 
C 2 HOH 19 119 6   HOH HOH A . 
C 2 HOH 20 120 9   HOH HOH A . 
C 2 HOH 21 121 71  HOH HOH A . 
C 2 HOH 22 122 16  HOH HOH A . 
C 2 HOH 23 123 43  HOH HOH A . 
C 2 HOH 24 124 18  HOH HOH A . 
C 2 HOH 25 125 66  HOH HOH A . 
C 2 HOH 26 126 14  HOH HOH A . 
C 2 HOH 27 127 92  HOH HOH A . 
C 2 HOH 28 128 63  HOH HOH A . 
C 2 HOH 29 129 40  HOH HOH A . 
C 2 HOH 30 130 30  HOH HOH A . 
C 2 HOH 31 131 51  HOH HOH A . 
C 2 HOH 32 132 108 HOH HOH A . 
C 2 HOH 33 133 1   HOH HOH A . 
C 2 HOH 34 134 10  HOH HOH A . 
C 2 HOH 35 135 50  HOH HOH A . 
C 2 HOH 36 136 78  HOH HOH A . 
C 2 HOH 37 137 55  HOH HOH A . 
C 2 HOH 38 138 56  HOH HOH A . 
C 2 HOH 39 139 98  HOH HOH A . 
C 2 HOH 40 140 52  HOH HOH A . 
C 2 HOH 41 141 93  HOH HOH A . 
C 2 HOH 42 142 100 HOH HOH A . 
C 2 HOH 43 143 77  HOH HOH A . 
C 2 HOH 44 144 94  HOH HOH A . 
C 2 HOH 45 145 111 HOH HOH A . 
C 2 HOH 46 146 104 HOH HOH A . 
C 2 HOH 47 147 59  HOH HOH A . 
C 2 HOH 48 148 82  HOH HOH A . 
C 2 HOH 49 149 115 HOH HOH A . 
C 2 HOH 50 150 76  HOH HOH A . 
C 2 HOH 51 151 62  HOH HOH A . 
C 2 HOH 52 152 12  HOH HOH A . 
C 2 HOH 53 153 110 HOH HOH A . 
C 2 HOH 54 154 49  HOH HOH A . 
C 2 HOH 55 155 69  HOH HOH A . 
C 2 HOH 56 156 96  HOH HOH A . 
C 2 HOH 57 157 65  HOH HOH A . 
D 2 HOH 1  101 47  HOH HOH B . 
D 2 HOH 2  102 38  HOH HOH B . 
D 2 HOH 3  103 35  HOH HOH B . 
D 2 HOH 4  104 87  HOH HOH B . 
D 2 HOH 5  105 7   HOH HOH B . 
D 2 HOH 6  106 95  HOH HOH B . 
D 2 HOH 7  107 83  HOH HOH B . 
D 2 HOH 8  108 21  HOH HOH B . 
D 2 HOH 9  109 26  HOH HOH B . 
D 2 HOH 10 110 79  HOH HOH B . 
D 2 HOH 11 111 4   HOH HOH B . 
D 2 HOH 12 112 57  HOH HOH B . 
D 2 HOH 13 113 17  HOH HOH B . 
D 2 HOH 14 114 39  HOH HOH B . 
D 2 HOH 15 115 3   HOH HOH B . 
D 2 HOH 16 116 44  HOH HOH B . 
D 2 HOH 17 117 27  HOH HOH B . 
D 2 HOH 18 118 48  HOH HOH B . 
D 2 HOH 19 119 29  HOH HOH B . 
D 2 HOH 20 120 23  HOH HOH B . 
D 2 HOH 21 121 25  HOH HOH B . 
D 2 HOH 22 122 33  HOH HOH B . 
D 2 HOH 23 123 58  HOH HOH B . 
D 2 HOH 24 124 45  HOH HOH B . 
D 2 HOH 25 125 13  HOH HOH B . 
D 2 HOH 26 126 64  HOH HOH B . 
D 2 HOH 27 127 41  HOH HOH B . 
D 2 HOH 28 128 28  HOH HOH B . 
D 2 HOH 29 129 53  HOH HOH B . 
D 2 HOH 30 130 5   HOH HOH B . 
D 2 HOH 31 131 31  HOH HOH B . 
D 2 HOH 32 132 89  HOH HOH B . 
D 2 HOH 33 133 2   HOH HOH B . 
D 2 HOH 34 134 11  HOH HOH B . 
D 2 HOH 35 135 72  HOH HOH B . 
D 2 HOH 36 136 61  HOH HOH B . 
D 2 HOH 37 137 22  HOH HOH B . 
D 2 HOH 38 138 105 HOH HOH B . 
D 2 HOH 39 139 103 HOH HOH B . 
D 2 HOH 40 140 81  HOH HOH B . 
D 2 HOH 41 141 73  HOH HOH B . 
D 2 HOH 42 142 60  HOH HOH B . 
D 2 HOH 43 143 97  HOH HOH B . 
D 2 HOH 44 144 46  HOH HOH B . 
D 2 HOH 45 145 116 HOH HOH B . 
D 2 HOH 46 146 91  HOH HOH B . 
D 2 HOH 47 147 102 HOH HOH B . 
D 2 HOH 48 148 74  HOH HOH B . 
D 2 HOH 49 149 114 HOH HOH B . 
D 2 HOH 50 150 99  HOH HOH B . 
D 2 HOH 51 151 75  HOH HOH B . 
D 2 HOH 52 152 118 HOH HOH B . 
D 2 HOH 53 153 117 HOH HOH B . 
# 
_pdbx_struct_assembly.id                   1 
_pdbx_struct_assembly.details              author_and_software_defined_assembly 
_pdbx_struct_assembly.method_details       PISA 
_pdbx_struct_assembly.oligomeric_details   dimeric 
_pdbx_struct_assembly.oligomeric_count     2 
# 
_pdbx_struct_assembly_gen.assembly_id       1 
_pdbx_struct_assembly_gen.oper_expression   1 
_pdbx_struct_assembly_gen.asym_id_list      A,B,C,D 
# 
loop_
_pdbx_struct_assembly_prop.biol_id 
_pdbx_struct_assembly_prop.type 
_pdbx_struct_assembly_prop.value 
_pdbx_struct_assembly_prop.details 
1 'ABSA (A^2)' 2210 ? 
1 MORE         -16  ? 
1 'SSA (A^2)'  9300 ? 
# 
_pdbx_struct_oper_list.id                   1 
_pdbx_struct_oper_list.type                 'identity operation' 
_pdbx_struct_oper_list.name                 1_555 
_pdbx_struct_oper_list.symmetry_operation   x,y,z 
_pdbx_struct_oper_list.matrix[1][1]         1.0000000000 
_pdbx_struct_oper_list.matrix[1][2]         0.0000000000 
_pdbx_struct_oper_list.matrix[1][3]         0.0000000000 
_pdbx_struct_oper_list.vector[1]            0.0000000000 
_pdbx_struct_oper_list.matrix[2][1]         0.0000000000 
_pdbx_struct_oper_list.matrix[2][2]         1.0000000000 
_pdbx_struct_oper_list.matrix[2][3]         0.0000000000 
_pdbx_struct_oper_list.vector[2]            0.0000000000 
_pdbx_struct_oper_list.matrix[3][1]         0.0000000000 
_pdbx_struct_oper_list.matrix[3][2]         0.0000000000 
_pdbx_struct_oper_list.matrix[3][3]         1.0000000000 
_pdbx_struct_oper_list.vector[3]            0.0000000000 
# 
loop_
_pdbx_audit_revision_history.ordinal 
_pdbx_audit_revision_history.data_content_type 
_pdbx_audit_revision_history.major_revision 
_pdbx_audit_revision_history.minor_revision 
_pdbx_audit_revision_history.revision_date 
1 'Structure model' 1 0 2022-02-09 
2 'Structure model' 1 1 2022-02-23 
3 'Structure model' 1 2 2022-05-04 
4 'Structure model' 1 3 2023-11-29 
# 
_pdbx_audit_revision_details.ordinal             1 
_pdbx_audit_revision_details.revision_ordinal    1 
_pdbx_audit_revision_details.data_content_type   'Structure model' 
_pdbx_audit_revision_details.provider            repository 
_pdbx_audit_revision_details.type                'Initial release' 
_pdbx_audit_revision_details.description         ? 
_pdbx_audit_revision_details.details             ? 
# 
loop_
_pdbx_audit_revision_group.ordinal 
_pdbx_audit_revision_group.revision_ordinal 
_pdbx_audit_revision_group.data_content_type 
_pdbx_audit_revision_group.group 
1 2 'Structure model' 'Database references'    
2 3 'Structure model' 'Database references'    
3 4 'Structure model' 'Data collection'        
4 4 'Structure model' 'Refinement description' 
# 
loop_
_pdbx_audit_revision_category.ordinal 
_pdbx_audit_revision_category.revision_ordinal 
_pdbx_audit_revision_category.data_content_type 
_pdbx_audit_revision_category.category 
1 2 'Structure model' citation                      
2 3 'Structure model' citation                      
3 3 'Structure model' citation_author               
4 4 'Structure model' chem_comp_atom                
5 4 'Structure model' chem_comp_bond                
6 4 'Structure model' pdbx_initial_refinement_model 
# 
loop_
_pdbx_audit_revision_item.ordinal 
_pdbx_audit_revision_item.revision_ordinal 
_pdbx_audit_revision_item.data_content_type 
_pdbx_audit_revision_item.item 
1 2 'Structure model' '_citation.title'                   
2 3 'Structure model' '_citation.journal_volume'          
3 3 'Structure model' '_citation.page_first'              
4 3 'Structure model' '_citation.page_last'               
5 3 'Structure model' '_citation_author.identifier_ORCID' 
# 
loop_
_space_group_symop.id 
_space_group_symop.operation_xyz 
1 x,y,z               
2 -y+1/2,x+1/2,z+1/4  
3 y+1/2,-x+1/2,z+3/4  
4 x+1/2,-y+1/2,-z+3/4 
5 -x+1/2,y+1/2,-z+1/4 
6 -x,-y,z+1/2         
7 y,x,-z              
8 -y,-x,-z+1/2        
# 
loop_
_software.citation_id 
_software.classification 
_software.compiler_name 
_software.compiler_version 
_software.contact_author 
_software.contact_author_email 
_software.date 
_software.description 
_software.dependencies 
_software.hardware 
_software.language 
_software.location 
_software.mods 
_software.name 
_software.os 
_software.os_version 
_software.type 
_software.version 
_software.pdbx_ordinal 
? refinement       ? ? ? ? ? ? ? ? ? ? ? REFMAC   ? ? ? v1.0 1 
? 'data reduction' ? ? ? ? ? ? ? ? ? ? ? HKL-3000 ? ? ? .    2 
? 'data scaling'   ? ? ? ? ? ? ? ? ? ? ? HKL-3000 ? ? ? .    3 
? phasing          ? ? ? ? ? ? ? ? ? ? ? PHASER   ? ? ? .    4 
# 
_pdbx_validate_close_contact.id               1 
_pdbx_validate_close_contact.PDB_model_num    1 
_pdbx_validate_close_contact.auth_atom_id_1   O 
_pdbx_validate_close_contact.auth_asym_id_1   A 
_pdbx_validate_close_contact.auth_comp_id_1   ASN 
_pdbx_validate_close_contact.auth_seq_id_1    75 
_pdbx_validate_close_contact.PDB_ins_code_1   ? 
_pdbx_validate_close_contact.label_alt_id_1   ? 
_pdbx_validate_close_contact.auth_atom_id_2   O 
_pdbx_validate_close_contact.auth_asym_id_2   A 
_pdbx_validate_close_contact.auth_comp_id_2   HOH 
_pdbx_validate_close_contact.auth_seq_id_2    101 
_pdbx_validate_close_contact.PDB_ins_code_2   ? 
_pdbx_validate_close_contact.label_alt_id_2   ? 
_pdbx_validate_close_contact.dist             2.11 
# 
_pdbx_distant_solvent_atoms.id                                1 
_pdbx_distant_solvent_atoms.PDB_model_num                     1 
_pdbx_distant_solvent_atoms.auth_atom_id                      O 
_pdbx_distant_solvent_atoms.label_alt_id                      ? 
_pdbx_distant_solvent_atoms.auth_asym_id                      B 
_pdbx_distant_solvent_atoms.auth_comp_id                      HOH 
_pdbx_distant_solvent_atoms.auth_seq_id                       153 
_pdbx_distant_solvent_atoms.PDB_ins_code                      ? 
_pdbx_distant_solvent_atoms.neighbor_macromolecule_distance   5.86 
_pdbx_distant_solvent_atoms.neighbor_ligand_distance          . 
# 
loop_
_pdbx_unobs_or_zero_occ_residues.id 
_pdbx_unobs_or_zero_occ_residues.PDB_model_num 
_pdbx_unobs_or_zero_occ_residues.polymer_flag 
_pdbx_unobs_or_zero_occ_residues.occupancy_flag 
_pdbx_unobs_or_zero_occ_residues.auth_asym_id 
_pdbx_unobs_or_zero_occ_residues.auth_comp_id 
_pdbx_unobs_or_zero_occ_residues.auth_seq_id 
_pdbx_unobs_or_zero_occ_residues.PDB_ins_code 
_pdbx_unobs_or_zero_occ_residues.label_asym_id 
_pdbx_unobs_or_zero_occ_residues.label_comp_id 
_pdbx_unobs_or_zero_occ_residues.label_seq_id 
1 1 Y 1 B SER 0  ? B SER 1  
2 1 Y 1 B ALA 95 ? B ALA 96 
# 
loop_
_chem_comp_atom.comp_id 
_chem_comp_atom.atom_id 
_chem_comp_atom.type_symbol 
_chem_comp_atom.pdbx_aromatic_flag 
_chem_comp_atom.pdbx_stereo_config 
_chem_comp_atom.pdbx_ordinal 
ALA N    N N N 1   
ALA CA   C N S 2   
ALA C    C N N 3   
ALA O    O N N 4   
ALA CB   C N N 5   
ALA OXT  O N N 6   
ALA H    H N N 7   
ALA H2   H N N 8   
ALA HA   H N N 9   
ALA HB1  H N N 10  
ALA HB2  H N N 11  
ALA HB3  H N N 12  
ALA HXT  H N N 13  
ARG N    N N N 14  
ARG CA   C N S 15  
ARG C    C N N 16  
ARG O    O N N 17  
ARG CB   C N N 18  
ARG CG   C N N 19  
ARG CD   C N N 20  
ARG NE   N N N 21  
ARG CZ   C N N 22  
ARG NH1  N N N 23  
ARG NH2  N N N 24  
ARG OXT  O N N 25  
ARG H    H N N 26  
ARG H2   H N N 27  
ARG HA   H N N 28  
ARG HB2  H N N 29  
ARG HB3  H N N 30  
ARG HG2  H N N 31  
ARG HG3  H N N 32  
ARG HD2  H N N 33  
ARG HD3  H N N 34  
ARG HE   H N N 35  
ARG HH11 H N N 36  
ARG HH12 H N N 37  
ARG HH21 H N N 38  
ARG HH22 H N N 39  
ARG HXT  H N N 40  
ASN N    N N N 41  
ASN CA   C N S 42  
ASN C    C N N 43  
ASN O    O N N 44  
ASN CB   C N N 45  
ASN CG   C N N 46  
ASN OD1  O N N 47  
ASN ND2  N N N 48  
ASN OXT  O N N 49  
ASN H    H N N 50  
ASN H2   H N N 51  
ASN HA   H N N 52  
ASN HB2  H N N 53  
ASN HB3  H N N 54  
ASN HD21 H N N 55  
ASN HD22 H N N 56  
ASN HXT  H N N 57  
ASP N    N N N 58  
ASP CA   C N S 59  
ASP C    C N N 60  
ASP O    O N N 61  
ASP CB   C N N 62  
ASP CG   C N N 63  
ASP OD1  O N N 64  
ASP OD2  O N N 65  
ASP OXT  O N N 66  
ASP H    H N N 67  
ASP H2   H N N 68  
ASP HA   H N N 69  
ASP HB2  H N N 70  
ASP HB3  H N N 71  
ASP HD2  H N N 72  
ASP HXT  H N N 73  
CYS N    N N N 74  
CYS CA   C N R 75  
CYS C    C N N 76  
CYS O    O N N 77  
CYS CB   C N N 78  
CYS SG   S N N 79  
CYS OXT  O N N 80  
CYS H    H N N 81  
CYS H2   H N N 82  
CYS HA   H N N 83  
CYS HB2  H N N 84  
CYS HB3  H N N 85  
CYS HG   H N N 86  
CYS HXT  H N N 87  
GLN N    N N N 88  
GLN CA   C N S 89  
GLN C    C N N 90  
GLN O    O N N 91  
GLN CB   C N N 92  
GLN CG   C N N 93  
GLN CD   C N N 94  
GLN OE1  O N N 95  
GLN NE2  N N N 96  
GLN OXT  O N N 97  
GLN H    H N N 98  
GLN H2   H N N 99  
GLN HA   H N N 100 
GLN HB2  H N N 101 
GLN HB3  H N N 102 
GLN HG2  H N N 103 
GLN HG3  H N N 104 
GLN HE21 H N N 105 
GLN HE22 H N N 106 
GLN HXT  H N N 107 
GLU N    N N N 108 
GLU CA   C N S 109 
GLU C    C N N 110 
GLU O    O N N 111 
GLU CB   C N N 112 
GLU CG   C N N 113 
GLU CD   C N N 114 
GLU OE1  O N N 115 
GLU OE2  O N N 116 
GLU OXT  O N N 117 
GLU H    H N N 118 
GLU H2   H N N 119 
GLU HA   H N N 120 
GLU HB2  H N N 121 
GLU HB3  H N N 122 
GLU HG2  H N N 123 
GLU HG3  H N N 124 
GLU HE2  H N N 125 
GLU HXT  H N N 126 
GLY N    N N N 127 
GLY CA   C N N 128 
GLY C    C N N 129 
GLY O    O N N 130 
GLY OXT  O N N 131 
GLY H    H N N 132 
GLY H2   H N N 133 
GLY HA2  H N N 134 
GLY HA3  H N N 135 
GLY HXT  H N N 136 
HOH O    O N N 137 
HOH H1   H N N 138 
HOH H2   H N N 139 
ILE N    N N N 140 
ILE CA   C N S 141 
ILE C    C N N 142 
ILE O    O N N 143 
ILE CB   C N S 144 
ILE CG1  C N N 145 
ILE CG2  C N N 146 
ILE CD1  C N N 147 
ILE OXT  O N N 148 
ILE H    H N N 149 
ILE H2   H N N 150 
ILE HA   H N N 151 
ILE HB   H N N 152 
ILE HG12 H N N 153 
ILE HG13 H N N 154 
ILE HG21 H N N 155 
ILE HG22 H N N 156 
ILE HG23 H N N 157 
ILE HD11 H N N 158 
ILE HD12 H N N 159 
ILE HD13 H N N 160 
ILE HXT  H N N 161 
LEU N    N N N 162 
LEU CA   C N S 163 
LEU C    C N N 164 
LEU O    O N N 165 
LEU CB   C N N 166 
LEU CG   C N N 167 
LEU CD1  C N N 168 
LEU CD2  C N N 169 
LEU OXT  O N N 170 
LEU H    H N N 171 
LEU H2   H N N 172 
LEU HA   H N N 173 
LEU HB2  H N N 174 
LEU HB3  H N N 175 
LEU HG   H N N 176 
LEU HD11 H N N 177 
LEU HD12 H N N 178 
LEU HD13 H N N 179 
LEU HD21 H N N 180 
LEU HD22 H N N 181 
LEU HD23 H N N 182 
LEU HXT  H N N 183 
LYS N    N N N 184 
LYS CA   C N S 185 
LYS C    C N N 186 
LYS O    O N N 187 
LYS CB   C N N 188 
LYS CG   C N N 189 
LYS CD   C N N 190 
LYS CE   C N N 191 
LYS NZ   N N N 192 
LYS OXT  O N N 193 
LYS H    H N N 194 
LYS H2   H N N 195 
LYS HA   H N N 196 
LYS HB2  H N N 197 
LYS HB3  H N N 198 
LYS HG2  H N N 199 
LYS HG3  H N N 200 
LYS HD2  H N N 201 
LYS HD3  H N N 202 
LYS HE2  H N N 203 
LYS HE3  H N N 204 
LYS HZ1  H N N 205 
LYS HZ2  H N N 206 
LYS HZ3  H N N 207 
LYS HXT  H N N 208 
MET N    N N N 209 
MET CA   C N S 210 
MET C    C N N 211 
MET O    O N N 212 
MET CB   C N N 213 
MET CG   C N N 214 
MET SD   S N N 215 
MET CE   C N N 216 
MET OXT  O N N 217 
MET H    H N N 218 
MET H2   H N N 219 
MET HA   H N N 220 
MET HB2  H N N 221 
MET HB3  H N N 222 
MET HG2  H N N 223 
MET HG3  H N N 224 
MET HE1  H N N 225 
MET HE2  H N N 226 
MET HE3  H N N 227 
MET HXT  H N N 228 
PHE N    N N N 229 
PHE CA   C N S 230 
PHE C    C N N 231 
PHE O    O N N 232 
PHE CB   C N N 233 
PHE CG   C Y N 234 
PHE CD1  C Y N 235 
PHE CD2  C Y N 236 
PHE CE1  C Y N 237 
PHE CE2  C Y N 238 
PHE CZ   C Y N 239 
PHE OXT  O N N 240 
PHE H    H N N 241 
PHE H2   H N N 242 
PHE HA   H N N 243 
PHE HB2  H N N 244 
PHE HB3  H N N 245 
PHE HD1  H N N 246 
PHE HD2  H N N 247 
PHE HE1  H N N 248 
PHE HE2  H N N 249 
PHE HZ   H N N 250 
PHE HXT  H N N 251 
PRO N    N N N 252 
PRO CA   C N S 253 
PRO C    C N N 254 
PRO O    O N N 255 
PRO CB   C N N 256 
PRO CG   C N N 257 
PRO CD   C N N 258 
PRO OXT  O N N 259 
PRO H    H N N 260 
PRO HA   H N N 261 
PRO HB2  H N N 262 
PRO HB3  H N N 263 
PRO HG2  H N N 264 
PRO HG3  H N N 265 
PRO HD2  H N N 266 
PRO HD3  H N N 267 
PRO HXT  H N N 268 
SER N    N N N 269 
SER CA   C N S 270 
SER C    C N N 271 
SER O    O N N 272 
SER CB   C N N 273 
SER OG   O N N 274 
SER OXT  O N N 275 
SER H    H N N 276 
SER H2   H N N 277 
SER HA   H N N 278 
SER HB2  H N N 279 
SER HB3  H N N 280 
SER HG   H N N 281 
SER HXT  H N N 282 
THR N    N N N 283 
THR CA   C N S 284 
THR C    C N N 285 
THR O    O N N 286 
THR CB   C N R 287 
THR OG1  O N N 288 
THR CG2  C N N 289 
THR OXT  O N N 290 
THR H    H N N 291 
THR H2   H N N 292 
THR HA   H N N 293 
THR HB   H N N 294 
THR HG1  H N N 295 
THR HG21 H N N 296 
THR HG22 H N N 297 
THR HG23 H N N 298 
THR HXT  H N N 299 
TRP N    N N N 300 
TRP CA   C N S 301 
TRP C    C N N 302 
TRP O    O N N 303 
TRP CB   C N N 304 
TRP CG   C Y N 305 
TRP CD1  C Y N 306 
TRP CD2  C Y N 307 
TRP NE1  N Y N 308 
TRP CE2  C Y N 309 
TRP CE3  C Y N 310 
TRP CZ2  C Y N 311 
TRP CZ3  C Y N 312 
TRP CH2  C Y N 313 
TRP OXT  O N N 314 
TRP H    H N N 315 
TRP H2   H N N 316 
TRP HA   H N N 317 
TRP HB2  H N N 318 
TRP HB3  H N N 319 
TRP HD1  H N N 320 
TRP HE1  H N N 321 
TRP HE3  H N N 322 
TRP HZ2  H N N 323 
TRP HZ3  H N N 324 
TRP HH2  H N N 325 
TRP HXT  H N N 326 
TYR N    N N N 327 
TYR CA   C N S 328 
TYR C    C N N 329 
TYR O    O N N 330 
TYR CB   C N N 331 
TYR CG   C Y N 332 
TYR CD1  C Y N 333 
TYR CD2  C Y N 334 
TYR CE1  C Y N 335 
TYR CE2  C Y N 336 
TYR CZ   C Y N 337 
TYR OH   O N N 338 
TYR OXT  O N N 339 
TYR H    H N N 340 
TYR H2   H N N 341 
TYR HA   H N N 342 
TYR HB2  H N N 343 
TYR HB3  H N N 344 
TYR HD1  H N N 345 
TYR HD2  H N N 346 
TYR HE1  H N N 347 
TYR HE2  H N N 348 
TYR HH   H N N 349 
TYR HXT  H N N 350 
VAL N    N N N 351 
VAL CA   C N S 352 
VAL C    C N N 353 
VAL O    O N N 354 
VAL CB   C N N 355 
VAL CG1  C N N 356 
VAL CG2  C N N 357 
VAL OXT  O N N 358 
VAL H    H N N 359 
VAL H2   H N N 360 
VAL HA   H N N 361 
VAL HB   H N N 362 
VAL HG11 H N N 363 
VAL HG12 H N N 364 
VAL HG13 H N N 365 
VAL HG21 H N N 366 
VAL HG22 H N N 367 
VAL HG23 H N N 368 
VAL HXT  H N N 369 
# 
loop_
_chem_comp_bond.comp_id 
_chem_comp_bond.atom_id_1 
_chem_comp_bond.atom_id_2 
_chem_comp_bond.value_order 
_chem_comp_bond.pdbx_aromatic_flag 
_chem_comp_bond.pdbx_stereo_config 
_chem_comp_bond.pdbx_ordinal 
ALA N   CA   sing N N 1   
ALA N   H    sing N N 2   
ALA N   H2   sing N N 3   
ALA CA  C    sing N N 4   
ALA CA  CB   sing N N 5   
ALA CA  HA   sing N N 6   
ALA C   O    doub N N 7   
ALA C   OXT  sing N N 8   
ALA CB  HB1  sing N N 9   
ALA CB  HB2  sing N N 10  
ALA CB  HB3  sing N N 11  
ALA OXT HXT  sing N N 12  
ARG N   CA   sing N N 13  
ARG N   H    sing N N 14  
ARG N   H2   sing N N 15  
ARG CA  C    sing N N 16  
ARG CA  CB   sing N N 17  
ARG CA  HA   sing N N 18  
ARG C   O    doub N N 19  
ARG C   OXT  sing N N 20  
ARG CB  CG   sing N N 21  
ARG CB  HB2  sing N N 22  
ARG CB  HB3  sing N N 23  
ARG CG  CD   sing N N 24  
ARG CG  HG2  sing N N 25  
ARG CG  HG3  sing N N 26  
ARG CD  NE   sing N N 27  
ARG CD  HD2  sing N N 28  
ARG CD  HD3  sing N N 29  
ARG NE  CZ   sing N N 30  
ARG NE  HE   sing N N 31  
ARG CZ  NH1  sing N N 32  
ARG CZ  NH2  doub N N 33  
ARG NH1 HH11 sing N N 34  
ARG NH1 HH12 sing N N 35  
ARG NH2 HH21 sing N N 36  
ARG NH2 HH22 sing N N 37  
ARG OXT HXT  sing N N 38  
ASN N   CA   sing N N 39  
ASN N   H    sing N N 40  
ASN N   H2   sing N N 41  
ASN CA  C    sing N N 42  
ASN CA  CB   sing N N 43  
ASN CA  HA   sing N N 44  
ASN C   O    doub N N 45  
ASN C   OXT  sing N N 46  
ASN CB  CG   sing N N 47  
ASN CB  HB2  sing N N 48  
ASN CB  HB3  sing N N 49  
ASN CG  OD1  doub N N 50  
ASN CG  ND2  sing N N 51  
ASN ND2 HD21 sing N N 52  
ASN ND2 HD22 sing N N 53  
ASN OXT HXT  sing N N 54  
ASP N   CA   sing N N 55  
ASP N   H    sing N N 56  
ASP N   H2   sing N N 57  
ASP CA  C    sing N N 58  
ASP CA  CB   sing N N 59  
ASP CA  HA   sing N N 60  
ASP C   O    doub N N 61  
ASP C   OXT  sing N N 62  
ASP CB  CG   sing N N 63  
ASP CB  HB2  sing N N 64  
ASP CB  HB3  sing N N 65  
ASP CG  OD1  doub N N 66  
ASP CG  OD2  sing N N 67  
ASP OD2 HD2  sing N N 68  
ASP OXT HXT  sing N N 69  
CYS N   CA   sing N N 70  
CYS N   H    sing N N 71  
CYS N   H2   sing N N 72  
CYS CA  C    sing N N 73  
CYS CA  CB   sing N N 74  
CYS CA  HA   sing N N 75  
CYS C   O    doub N N 76  
CYS C   OXT  sing N N 77  
CYS CB  SG   sing N N 78  
CYS CB  HB2  sing N N 79  
CYS CB  HB3  sing N N 80  
CYS SG  HG   sing N N 81  
CYS OXT HXT  sing N N 82  
GLN N   CA   sing N N 83  
GLN N   H    sing N N 84  
GLN N   H2   sing N N 85  
GLN CA  C    sing N N 86  
GLN CA  CB   sing N N 87  
GLN CA  HA   sing N N 88  
GLN C   O    doub N N 89  
GLN C   OXT  sing N N 90  
GLN CB  CG   sing N N 91  
GLN CB  HB2  sing N N 92  
GLN CB  HB3  sing N N 93  
GLN CG  CD   sing N N 94  
GLN CG  HG2  sing N N 95  
GLN CG  HG3  sing N N 96  
GLN CD  OE1  doub N N 97  
GLN CD  NE2  sing N N 98  
GLN NE2 HE21 sing N N 99  
GLN NE2 HE22 sing N N 100 
GLN OXT HXT  sing N N 101 
GLU N   CA   sing N N 102 
GLU N   H    sing N N 103 
GLU N   H2   sing N N 104 
GLU CA  C    sing N N 105 
GLU CA  CB   sing N N 106 
GLU CA  HA   sing N N 107 
GLU C   O    doub N N 108 
GLU C   OXT  sing N N 109 
GLU CB  CG   sing N N 110 
GLU CB  HB2  sing N N 111 
GLU CB  HB3  sing N N 112 
GLU CG  CD   sing N N 113 
GLU CG  HG2  sing N N 114 
GLU CG  HG3  sing N N 115 
GLU CD  OE1  doub N N 116 
GLU CD  OE2  sing N N 117 
GLU OE2 HE2  sing N N 118 
GLU OXT HXT  sing N N 119 
GLY N   CA   sing N N 120 
GLY N   H    sing N N 121 
GLY N   H2   sing N N 122 
GLY CA  C    sing N N 123 
GLY CA  HA2  sing N N 124 
GLY CA  HA3  sing N N 125 
GLY C   O    doub N N 126 
GLY C   OXT  sing N N 127 
GLY OXT HXT  sing N N 128 
HOH O   H1   sing N N 129 
HOH O   H2   sing N N 130 
ILE N   CA   sing N N 131 
ILE N   H    sing N N 132 
ILE N   H2   sing N N 133 
ILE CA  C    sing N N 134 
ILE CA  CB   sing N N 135 
ILE CA  HA   sing N N 136 
ILE C   O    doub N N 137 
ILE C   OXT  sing N N 138 
ILE CB  CG1  sing N N 139 
ILE CB  CG2  sing N N 140 
ILE CB  HB   sing N N 141 
ILE CG1 CD1  sing N N 142 
ILE CG1 HG12 sing N N 143 
ILE CG1 HG13 sing N N 144 
ILE CG2 HG21 sing N N 145 
ILE CG2 HG22 sing N N 146 
ILE CG2 HG23 sing N N 147 
ILE CD1 HD11 sing N N 148 
ILE CD1 HD12 sing N N 149 
ILE CD1 HD13 sing N N 150 
ILE OXT HXT  sing N N 151 
LEU N   CA   sing N N 152 
LEU N   H    sing N N 153 
LEU N   H2   sing N N 154 
LEU CA  C    sing N N 155 
LEU CA  CB   sing N N 156 
LEU CA  HA   sing N N 157 
LEU C   O    doub N N 158 
LEU C   OXT  sing N N 159 
LEU CB  CG   sing N N 160 
LEU CB  HB2  sing N N 161 
LEU CB  HB3  sing N N 162 
LEU CG  CD1  sing N N 163 
LEU CG  CD2  sing N N 164 
LEU CG  HG   sing N N 165 
LEU CD1 HD11 sing N N 166 
LEU CD1 HD12 sing N N 167 
LEU CD1 HD13 sing N N 168 
LEU CD2 HD21 sing N N 169 
LEU CD2 HD22 sing N N 170 
LEU CD2 HD23 sing N N 171 
LEU OXT HXT  sing N N 172 
LYS N   CA   sing N N 173 
LYS N   H    sing N N 174 
LYS N   H2   sing N N 175 
LYS CA  C    sing N N 176 
LYS CA  CB   sing N N 177 
LYS CA  HA   sing N N 178 
LYS C   O    doub N N 179 
LYS C   OXT  sing N N 180 
LYS CB  CG   sing N N 181 
LYS CB  HB2  sing N N 182 
LYS CB  HB3  sing N N 183 
LYS CG  CD   sing N N 184 
LYS CG  HG2  sing N N 185 
LYS CG  HG3  sing N N 186 
LYS CD  CE   sing N N 187 
LYS CD  HD2  sing N N 188 
LYS CD  HD3  sing N N 189 
LYS CE  NZ   sing N N 190 
LYS CE  HE2  sing N N 191 
LYS CE  HE3  sing N N 192 
LYS NZ  HZ1  sing N N 193 
LYS NZ  HZ2  sing N N 194 
LYS NZ  HZ3  sing N N 195 
LYS OXT HXT  sing N N 196 
MET N   CA   sing N N 197 
MET N   H    sing N N 198 
MET N   H2   sing N N 199 
MET CA  C    sing N N 200 
MET CA  CB   sing N N 201 
MET CA  HA   sing N N 202 
MET C   O    doub N N 203 
MET C   OXT  sing N N 204 
MET CB  CG   sing N N 205 
MET CB  HB2  sing N N 206 
MET CB  HB3  sing N N 207 
MET CG  SD   sing N N 208 
MET CG  HG2  sing N N 209 
MET CG  HG3  sing N N 210 
MET SD  CE   sing N N 211 
MET CE  HE1  sing N N 212 
MET CE  HE2  sing N N 213 
MET CE  HE3  sing N N 214 
MET OXT HXT  sing N N 215 
PHE N   CA   sing N N 216 
PHE N   H    sing N N 217 
PHE N   H2   sing N N 218 
PHE CA  C    sing N N 219 
PHE CA  CB   sing N N 220 
PHE CA  HA   sing N N 221 
PHE C   O    doub N N 222 
PHE C   OXT  sing N N 223 
PHE CB  CG   sing N N 224 
PHE CB  HB2  sing N N 225 
PHE CB  HB3  sing N N 226 
PHE CG  CD1  doub Y N 227 
PHE CG  CD2  sing Y N 228 
PHE CD1 CE1  sing Y N 229 
PHE CD1 HD1  sing N N 230 
PHE CD2 CE2  doub Y N 231 
PHE CD2 HD2  sing N N 232 
PHE CE1 CZ   doub Y N 233 
PHE CE1 HE1  sing N N 234 
PHE CE2 CZ   sing Y N 235 
PHE CE2 HE2  sing N N 236 
PHE CZ  HZ   sing N N 237 
PHE OXT HXT  sing N N 238 
PRO N   CA   sing N N 239 
PRO N   CD   sing N N 240 
PRO N   H    sing N N 241 
PRO CA  C    sing N N 242 
PRO CA  CB   sing N N 243 
PRO CA  HA   sing N N 244 
PRO C   O    doub N N 245 
PRO C   OXT  sing N N 246 
PRO CB  CG   sing N N 247 
PRO CB  HB2  sing N N 248 
PRO CB  HB3  sing N N 249 
PRO CG  CD   sing N N 250 
PRO CG  HG2  sing N N 251 
PRO CG  HG3  sing N N 252 
PRO CD  HD2  sing N N 253 
PRO CD  HD3  sing N N 254 
PRO OXT HXT  sing N N 255 
SER N   CA   sing N N 256 
SER N   H    sing N N 257 
SER N   H2   sing N N 258 
SER CA  C    sing N N 259 
SER CA  CB   sing N N 260 
SER CA  HA   sing N N 261 
SER C   O    doub N N 262 
SER C   OXT  sing N N 263 
SER CB  OG   sing N N 264 
SER CB  HB2  sing N N 265 
SER CB  HB3  sing N N 266 
SER OG  HG   sing N N 267 
SER OXT HXT  sing N N 268 
THR N   CA   sing N N 269 
THR N   H    sing N N 270 
THR N   H2   sing N N 271 
THR CA  C    sing N N 272 
THR CA  CB   sing N N 273 
THR CA  HA   sing N N 274 
THR C   O    doub N N 275 
THR C   OXT  sing N N 276 
THR CB  OG1  sing N N 277 
THR CB  CG2  sing N N 278 
THR CB  HB   sing N N 279 
THR OG1 HG1  sing N N 280 
THR CG2 HG21 sing N N 281 
THR CG2 HG22 sing N N 282 
THR CG2 HG23 sing N N 283 
THR OXT HXT  sing N N 284 
TRP N   CA   sing N N 285 
TRP N   H    sing N N 286 
TRP N   H2   sing N N 287 
TRP CA  C    sing N N 288 
TRP CA  CB   sing N N 289 
TRP CA  HA   sing N N 290 
TRP C   O    doub N N 291 
TRP C   OXT  sing N N 292 
TRP CB  CG   sing N N 293 
TRP CB  HB2  sing N N 294 
TRP CB  HB3  sing N N 295 
TRP CG  CD1  doub Y N 296 
TRP CG  CD2  sing Y N 297 
TRP CD1 NE1  sing Y N 298 
TRP CD1 HD1  sing N N 299 
TRP CD2 CE2  doub Y N 300 
TRP CD2 CE3  sing Y N 301 
TRP NE1 CE2  sing Y N 302 
TRP NE1 HE1  sing N N 303 
TRP CE2 CZ2  sing Y N 304 
TRP CE3 CZ3  doub Y N 305 
TRP CE3 HE3  sing N N 306 
TRP CZ2 CH2  doub Y N 307 
TRP CZ2 HZ2  sing N N 308 
TRP CZ3 CH2  sing Y N 309 
TRP CZ3 HZ3  sing N N 310 
TRP CH2 HH2  sing N N 311 
TRP OXT HXT  sing N N 312 
TYR N   CA   sing N N 313 
TYR N   H    sing N N 314 
TYR N   H2   sing N N 315 
TYR CA  C    sing N N 316 
TYR CA  CB   sing N N 317 
TYR CA  HA   sing N N 318 
TYR C   O    doub N N 319 
TYR C   OXT  sing N N 320 
TYR CB  CG   sing N N 321 
TYR CB  HB2  sing N N 322 
TYR CB  HB3  sing N N 323 
TYR CG  CD1  doub Y N 324 
TYR CG  CD2  sing Y N 325 
TYR CD1 CE1  sing Y N 326 
TYR CD1 HD1  sing N N 327 
TYR CD2 CE2  doub Y N 328 
TYR CD2 HD2  sing N N 329 
TYR CE1 CZ   doub Y N 330 
TYR CE1 HE1  sing N N 331 
TYR CE2 CZ   sing Y N 332 
TYR CE2 HE2  sing N N 333 
TYR CZ  OH   sing N N 334 
TYR OH  HH   sing N N 335 
TYR OXT HXT  sing N N 336 
VAL N   CA   sing N N 337 
VAL N   H    sing N N 338 
VAL N   H2   sing N N 339 
VAL CA  C    sing N N 340 
VAL CA  CB   sing N N 341 
VAL CA  HA   sing N N 342 
VAL C   O    doub N N 343 
VAL C   OXT  sing N N 344 
VAL CB  CG1  sing N N 345 
VAL CB  CG2  sing N N 346 
VAL CB  HB   sing N N 347 
VAL CG1 HG11 sing N N 348 
VAL CG1 HG12 sing N N 349 
VAL CG1 HG13 sing N N 350 
VAL CG2 HG21 sing N N 351 
VAL CG2 HG22 sing N N 352 
VAL CG2 HG23 sing N N 353 
VAL OXT HXT  sing N N 354 
# 
_pdbx_entity_nonpoly.entity_id   2 
_pdbx_entity_nonpoly.name        water 
_pdbx_entity_nonpoly.comp_id     HOH 
# 
_pdbx_initial_refinement_model.id               1 
_pdbx_initial_refinement_model.entity_id_list   ? 
_pdbx_initial_refinement_model.type             'experimental model' 
_pdbx_initial_refinement_model.source_name      PDB 
_pdbx_initial_refinement_model.accession_code   7EYJ 
_pdbx_initial_refinement_model.details          ? 
# 
_pdbx_struct_assembly_auth_evidence.id                     1 
_pdbx_struct_assembly_auth_evidence.assembly_id            1 
_pdbx_struct_assembly_auth_evidence.experimental_support   'gel filtration' 
_pdbx_struct_assembly_auth_evidence.details                ? 
# 
_space_group.crystal_system   tetragonal 
_space_group.name_H-M_alt     'P 41 21 2' 
_space_group.IT_number        92 
_space_group.name_Hall        'P 4abw 2nw' 
_space_group.id               1 
# 
